data_1NJH
# 
_entry.id   1NJH 
# 
_audit_conform.dict_name       mmcif_pdbx.dic 
_audit_conform.dict_version    5.399 
_audit_conform.dict_location   http://mmcif.pdb.org/dictionaries/ascii/mmcif_pdbx.dic 
# 
loop_
_database_2.database_id 
_database_2.database_code 
_database_2.pdbx_database_accession 
_database_2.pdbx_DOI 
PDB   1NJH         pdb_00001njh 10.2210/pdb1njh/pdb 
RCSB  RCSB017920   ?            ?                   
WWPDB D_1000017920 ?            ?                   
# 
loop_
_pdbx_audit_revision_history.ordinal 
_pdbx_audit_revision_history.data_content_type 
_pdbx_audit_revision_history.major_revision 
_pdbx_audit_revision_history.minor_revision 
_pdbx_audit_revision_history.revision_date 
1 'Structure model' 1 0 2003-07-01 
2 'Structure model' 1 1 2008-04-29 
3 'Structure model' 1 2 2011-07-13 
4 'Structure model' 1 3 2024-11-20 
# 
_pdbx_audit_revision_details.ordinal             1 
_pdbx_audit_revision_details.revision_ordinal    1 
_pdbx_audit_revision_details.data_content_type   'Structure model' 
_pdbx_audit_revision_details.provider            repository 
_pdbx_audit_revision_details.type                'Initial release' 
_pdbx_audit_revision_details.description         ? 
_pdbx_audit_revision_details.details             ? 
# 
loop_
_pdbx_audit_revision_group.ordinal 
_pdbx_audit_revision_group.revision_ordinal 
_pdbx_audit_revision_group.data_content_type 
_pdbx_audit_revision_group.group 
1 2 'Structure model' 'Version format compliance' 
2 3 'Structure model' 'Derived calculations'      
3 3 'Structure model' 'Version format compliance' 
4 4 'Structure model' 'Data collection'           
5 4 'Structure model' 'Database references'       
6 4 'Structure model' 'Derived calculations'      
7 4 'Structure model' 'Structure summary'         
# 
loop_
_pdbx_audit_revision_category.ordinal 
_pdbx_audit_revision_category.revision_ordinal 
_pdbx_audit_revision_category.data_content_type 
_pdbx_audit_revision_category.category 
1 4 'Structure model' chem_comp_atom            
2 4 'Structure model' chem_comp_bond            
3 4 'Structure model' database_2                
4 4 'Structure model' pdbx_entry_details        
5 4 'Structure model' pdbx_modification_feature 
6 4 'Structure model' struct_conn               
7 4 'Structure model' struct_ref_seq_dif        
8 4 'Structure model' struct_site               
# 
loop_
_pdbx_audit_revision_item.ordinal 
_pdbx_audit_revision_item.revision_ordinal 
_pdbx_audit_revision_item.data_content_type 
_pdbx_audit_revision_item.item 
1 4 'Structure model' '_database_2.pdbx_DOI'                
2 4 'Structure model' '_database_2.pdbx_database_accession' 
3 4 'Structure model' '_struct_conn.pdbx_leaving_atom_flag' 
4 4 'Structure model' '_struct_ref_seq_dif.details'         
5 4 'Structure model' '_struct_site.pdbx_auth_asym_id'      
6 4 'Structure model' '_struct_site.pdbx_auth_comp_id'      
7 4 'Structure model' '_struct_site.pdbx_auth_seq_id'       
# 
_pdbx_database_status.status_code                     REL 
_pdbx_database_status.entry_id                        1NJH 
_pdbx_database_status.recvd_initial_deposition_date   2002-12-31 
_pdbx_database_status.deposit_site                    RCSB 
_pdbx_database_status.process_site                    RCSB 
_pdbx_database_status.SG_entry                        Y 
_pdbx_database_status.status_code_sf                  REL 
_pdbx_database_status.pdb_format_compatible           Y 
_pdbx_database_status.status_code_mr                  ? 
_pdbx_database_status.status_code_cs                  ? 
_pdbx_database_status.status_code_nmr_data            ? 
_pdbx_database_status.methods_development_category    ? 
# 
_pdbx_database_related.db_name        TargetDB 
_pdbx_database_related.db_id          APC1392 
_pdbx_database_related.details        . 
_pdbx_database_related.content_type   unspecified 
# 
loop_
_audit_author.name 
_audit_author.pdbx_ordinal 
'Kim, Y.'                                       1 
'Korolev, O.'                                   2 
'Joachimiak, A.'                                3 
'Midwest Center for Structural Genomics (MCSG)' 4 
# 
_citation.id                        primary 
_citation.title                     'Crystal Structure of Bacillus subtilis YojF protein' 
_citation.journal_abbrev            'To be Published' 
_citation.journal_volume            ? 
_citation.page_first                ? 
_citation.page_last                 ? 
_citation.year                      ? 
_citation.journal_id_ASTM           ? 
_citation.country                   ? 
_citation.journal_id_ISSN           ? 
_citation.journal_id_CSD            0353 
_citation.book_publisher            ? 
_citation.pdbx_database_id_PubMed   ? 
_citation.pdbx_database_id_DOI      ? 
# 
loop_
_citation_author.citation_id 
_citation_author.name 
_citation_author.ordinal 
_citation_author.identifier_ORCID 
primary 'Kim, Y.'        1 ? 
primary 'Korolev, O.'    2 ? 
primary 'Joachimiak, A.' 3 ? 
# 
loop_
_entity.id 
_entity.type 
_entity.src_method 
_entity.pdbx_description 
_entity.formula_weight 
_entity.pdbx_number_of_molecules 
_entity.pdbx_ec 
_entity.pdbx_mutation 
_entity.pdbx_fragment 
_entity.details 
1 polymer     man 'protein yojF'      13472.826 1  ? ? ? ? 
2 non-polymer syn 'ISOPROPYL ALCOHOL' 60.095    1  ? ? ? ? 
3 non-polymer syn GLYCEROL            92.094    1  ? ? ? ? 
4 water       nat water               18.015    89 ? ? ? ? 
# 
_entity_poly.entity_id                      1 
_entity_poly.type                           'polypeptide(L)' 
_entity_poly.nstd_linkage                   no 
_entity_poly.nstd_monomer                   yes 
_entity_poly.pdbx_seq_one_letter_code       
;SNA(MSE)KAIIKEDVQASLERYADRPVYIHLETTTGSYSAHLNEKN(MSE)TVVAYIRNAKVTYHQAKIKGNGPYRVGL
KTEEGWIYAEGLTEYTVDEENRLL(MSE)AGHLPGGKLAISLQISEKPFTV
;
_entity_poly.pdbx_seq_one_letter_code_can   
;SNAMKAIIKEDVQASLERYADRPVYIHLETTTGSYSAHLNEKNMTVVAYIRNAKVTYHQAKIKGNGPYRVGLKTEEGWIY
AEGLTEYTVDEENRLLMAGHLPGGKLAISLQISEKPFTV
;
_entity_poly.pdbx_strand_id                 A 
_entity_poly.pdbx_target_identifier         APC1392 
# 
loop_
_pdbx_entity_nonpoly.entity_id 
_pdbx_entity_nonpoly.name 
_pdbx_entity_nonpoly.comp_id 
2 'ISOPROPYL ALCOHOL' IPA 
3 GLYCEROL            GOL 
4 water               HOH 
# 
loop_
_entity_poly_seq.entity_id 
_entity_poly_seq.num 
_entity_poly_seq.mon_id 
_entity_poly_seq.hetero 
1 1   SER n 
1 2   ASN n 
1 3   ALA n 
1 4   MSE n 
1 5   LYS n 
1 6   ALA n 
1 7   ILE n 
1 8   ILE n 
1 9   LYS n 
1 10  GLU n 
1 11  ASP n 
1 12  VAL n 
1 13  GLN n 
1 14  ALA n 
1 15  SER n 
1 16  LEU n 
1 17  GLU n 
1 18  ARG n 
1 19  TYR n 
1 20  ALA n 
1 21  ASP n 
1 22  ARG n 
1 23  PRO n 
1 24  VAL n 
1 25  TYR n 
1 26  ILE n 
1 27  HIS n 
1 28  LEU n 
1 29  GLU n 
1 30  THR n 
1 31  THR n 
1 32  THR n 
1 33  GLY n 
1 34  SER n 
1 35  TYR n 
1 36  SER n 
1 37  ALA n 
1 38  HIS n 
1 39  LEU n 
1 40  ASN n 
1 41  GLU n 
1 42  LYS n 
1 43  ASN n 
1 44  MSE n 
1 45  THR n 
1 46  VAL n 
1 47  VAL n 
1 48  ALA n 
1 49  TYR n 
1 50  ILE n 
1 51  ARG n 
1 52  ASN n 
1 53  ALA n 
1 54  LYS n 
1 55  VAL n 
1 56  THR n 
1 57  TYR n 
1 58  HIS n 
1 59  GLN n 
1 60  ALA n 
1 61  LYS n 
1 62  ILE n 
1 63  LYS n 
1 64  GLY n 
1 65  ASN n 
1 66  GLY n 
1 67  PRO n 
1 68  TYR n 
1 69  ARG n 
1 70  VAL n 
1 71  GLY n 
1 72  LEU n 
1 73  LYS n 
1 74  THR n 
1 75  GLU n 
1 76  GLU n 
1 77  GLY n 
1 78  TRP n 
1 79  ILE n 
1 80  TYR n 
1 81  ALA n 
1 82  GLU n 
1 83  GLY n 
1 84  LEU n 
1 85  THR n 
1 86  GLU n 
1 87  TYR n 
1 88  THR n 
1 89  VAL n 
1 90  ASP n 
1 91  GLU n 
1 92  GLU n 
1 93  ASN n 
1 94  ARG n 
1 95  LEU n 
1 96  LEU n 
1 97  MSE n 
1 98  ALA n 
1 99  GLY n 
1 100 HIS n 
1 101 LEU n 
1 102 PRO n 
1 103 GLY n 
1 104 GLY n 
1 105 LYS n 
1 106 LEU n 
1 107 ALA n 
1 108 ILE n 
1 109 SER n 
1 110 LEU n 
1 111 GLN n 
1 112 ILE n 
1 113 SER n 
1 114 GLU n 
1 115 LYS n 
1 116 PRO n 
1 117 PHE n 
1 118 THR n 
1 119 VAL n 
# 
_entity_src_gen.entity_id                          1 
_entity_src_gen.pdbx_src_id                        1 
_entity_src_gen.pdbx_alt_source_flag               sample 
_entity_src_gen.pdbx_seq_type                      ? 
_entity_src_gen.pdbx_beg_seq_num                   ? 
_entity_src_gen.pdbx_end_seq_num                   ? 
_entity_src_gen.gene_src_common_name               ? 
_entity_src_gen.gene_src_genus                     Bacillus 
_entity_src_gen.pdbx_gene_src_gene                 YojF 
_entity_src_gen.gene_src_species                   ? 
_entity_src_gen.gene_src_strain                    ? 
_entity_src_gen.gene_src_tissue                    ? 
_entity_src_gen.gene_src_tissue_fraction           ? 
_entity_src_gen.gene_src_details                   ? 
_entity_src_gen.pdbx_gene_src_fragment             ? 
_entity_src_gen.pdbx_gene_src_scientific_name      'Bacillus subtilis' 
_entity_src_gen.pdbx_gene_src_ncbi_taxonomy_id     1423 
_entity_src_gen.pdbx_gene_src_variant              ? 
_entity_src_gen.pdbx_gene_src_cell_line            ? 
_entity_src_gen.pdbx_gene_src_atcc                 ? 
_entity_src_gen.pdbx_gene_src_organ                ? 
_entity_src_gen.pdbx_gene_src_organelle            ? 
_entity_src_gen.pdbx_gene_src_cell                 ? 
_entity_src_gen.pdbx_gene_src_cellular_location    ? 
_entity_src_gen.host_org_common_name               ? 
_entity_src_gen.pdbx_host_org_scientific_name      'Escherichia coli' 
_entity_src_gen.pdbx_host_org_ncbi_taxonomy_id     562 
_entity_src_gen.host_org_genus                     Escherichia 
_entity_src_gen.pdbx_host_org_gene                 ? 
_entity_src_gen.pdbx_host_org_organ                ? 
_entity_src_gen.host_org_species                   ? 
_entity_src_gen.pdbx_host_org_tissue               ? 
_entity_src_gen.pdbx_host_org_tissue_fraction      ? 
_entity_src_gen.pdbx_host_org_strain               ? 
_entity_src_gen.pdbx_host_org_variant              ? 
_entity_src_gen.pdbx_host_org_cell_line            ? 
_entity_src_gen.pdbx_host_org_atcc                 ? 
_entity_src_gen.pdbx_host_org_culture_collection   ? 
_entity_src_gen.pdbx_host_org_cell                 ? 
_entity_src_gen.pdbx_host_org_organelle            ? 
_entity_src_gen.pdbx_host_org_cellular_location    ? 
_entity_src_gen.pdbx_host_org_vector_type          ? 
_entity_src_gen.pdbx_host_org_vector               ? 
_entity_src_gen.host_org_details                   ? 
_entity_src_gen.expression_system_id               ? 
_entity_src_gen.plasmid_name                       ? 
_entity_src_gen.plasmid_details                    ? 
_entity_src_gen.pdbx_description                   ? 
# 
loop_
_chem_comp.id 
_chem_comp.type 
_chem_comp.mon_nstd_flag 
_chem_comp.name 
_chem_comp.pdbx_synonyms 
_chem_comp.formula 
_chem_comp.formula_weight 
ALA 'L-peptide linking' y ALANINE             ?                               'C3 H7 N O2'     89.093  
ARG 'L-peptide linking' y ARGININE            ?                               'C6 H15 N4 O2 1' 175.209 
ASN 'L-peptide linking' y ASPARAGINE          ?                               'C4 H8 N2 O3'    132.118 
ASP 'L-peptide linking' y 'ASPARTIC ACID'     ?                               'C4 H7 N O4'     133.103 
GLN 'L-peptide linking' y GLUTAMINE           ?                               'C5 H10 N2 O3'   146.144 
GLU 'L-peptide linking' y 'GLUTAMIC ACID'     ?                               'C5 H9 N O4'     147.129 
GLY 'peptide linking'   y GLYCINE             ?                               'C2 H5 N O2'     75.067  
GOL non-polymer         . GLYCEROL            'GLYCERIN; PROPANE-1,2,3-TRIOL' 'C3 H8 O3'       92.094  
HIS 'L-peptide linking' y HISTIDINE           ?                               'C6 H10 N3 O2 1' 156.162 
HOH non-polymer         . WATER               ?                               'H2 O'           18.015  
ILE 'L-peptide linking' y ISOLEUCINE          ?                               'C6 H13 N O2'    131.173 
IPA non-polymer         . 'ISOPROPYL ALCOHOL' 2-PROPANOL                      'C3 H8 O'        60.095  
LEU 'L-peptide linking' y LEUCINE             ?                               'C6 H13 N O2'    131.173 
LYS 'L-peptide linking' y LYSINE              ?                               'C6 H15 N2 O2 1' 147.195 
MET 'L-peptide linking' y METHIONINE          ?                               'C5 H11 N O2 S'  149.211 
MSE 'L-peptide linking' n SELENOMETHIONINE    ?                               'C5 H11 N O2 Se' 196.106 
PHE 'L-peptide linking' y PHENYLALANINE       ?                               'C9 H11 N O2'    165.189 
PRO 'L-peptide linking' y PROLINE             ?                               'C5 H9 N O2'     115.130 
SER 'L-peptide linking' y SERINE              ?                               'C3 H7 N O3'     105.093 
THR 'L-peptide linking' y THREONINE           ?                               'C4 H9 N O3'     119.119 
TRP 'L-peptide linking' y TRYPTOPHAN          ?                               'C11 H12 N2 O2'  204.225 
TYR 'L-peptide linking' y TYROSINE            ?                               'C9 H11 N O3'    181.189 
VAL 'L-peptide linking' y VALINE              ?                               'C5 H11 N O2'    117.146 
# 
loop_
_pdbx_poly_seq_scheme.asym_id 
_pdbx_poly_seq_scheme.entity_id 
_pdbx_poly_seq_scheme.seq_id 
_pdbx_poly_seq_scheme.mon_id 
_pdbx_poly_seq_scheme.ndb_seq_num 
_pdbx_poly_seq_scheme.pdb_seq_num 
_pdbx_poly_seq_scheme.auth_seq_num 
_pdbx_poly_seq_scheme.pdb_mon_id 
_pdbx_poly_seq_scheme.auth_mon_id 
_pdbx_poly_seq_scheme.pdb_strand_id 
_pdbx_poly_seq_scheme.pdb_ins_code 
_pdbx_poly_seq_scheme.hetero 
A 1 1   SER 1   -2  ?   ?   ?   A . n 
A 1 2   ASN 2   -1  -1  ASN ASN A . n 
A 1 3   ALA 3   0   0   ALA ALA A . n 
A 1 4   MSE 4   1   1   MSE MSE A . n 
A 1 5   LYS 5   2   2   LYS LYS A . n 
A 1 6   ALA 6   3   3   ALA ALA A . n 
A 1 7   ILE 7   4   4   ILE ILE A . n 
A 1 8   ILE 8   5   5   ILE ILE A . n 
A 1 9   LYS 9   6   6   LYS LYS A . n 
A 1 10  GLU 10  7   7   GLU GLU A . n 
A 1 11  ASP 11  8   8   ASP ASP A . n 
A 1 12  VAL 12  9   9   VAL VAL A . n 
A 1 13  GLN 13  10  10  GLN GLN A . n 
A 1 14  ALA 14  11  11  ALA ALA A . n 
A 1 15  SER 15  12  12  SER SER A . n 
A 1 16  LEU 16  13  13  LEU LEU A . n 
A 1 17  GLU 17  14  14  GLU GLU A . n 
A 1 18  ARG 18  15  15  ARG ARG A . n 
A 1 19  TYR 19  16  16  TYR TYR A . n 
A 1 20  ALA 20  17  17  ALA ALA A . n 
A 1 21  ASP 21  18  18  ASP ASP A . n 
A 1 22  ARG 22  19  19  ARG ARG A . n 
A 1 23  PRO 23  20  20  PRO PRO A . n 
A 1 24  VAL 24  21  21  VAL VAL A . n 
A 1 25  TYR 25  22  22  TYR TYR A . n 
A 1 26  ILE 26  23  23  ILE ILE A . n 
A 1 27  HIS 27  24  24  HIS HIS A . n 
A 1 28  LEU 28  25  25  LEU LEU A . n 
A 1 29  GLU 29  26  26  GLU GLU A . n 
A 1 30  THR 30  27  27  THR THR A . n 
A 1 31  THR 31  28  28  THR THR A . n 
A 1 32  THR 32  29  29  THR THR A . n 
A 1 33  GLY 33  30  30  GLY GLY A . n 
A 1 34  SER 34  31  ?   ?   ?   A . n 
A 1 35  TYR 35  32  ?   ?   ?   A . n 
A 1 36  SER 36  33  ?   ?   ?   A . n 
A 1 37  ALA 37  34  ?   ?   ?   A . n 
A 1 38  HIS 38  35  ?   ?   ?   A . n 
A 1 39  LEU 39  36  ?   ?   ?   A . n 
A 1 40  ASN 40  37  ?   ?   ?   A . n 
A 1 41  GLU 41  38  ?   ?   ?   A . n 
A 1 42  LYS 42  39  ?   ?   ?   A . n 
A 1 43  ASN 43  40  ?   ?   ?   A . n 
A 1 44  MSE 44  41  41  MSE MSE A . n 
A 1 45  THR 45  42  42  THR THR A . n 
A 1 46  VAL 46  43  43  VAL VAL A . n 
A 1 47  VAL 47  44  44  VAL VAL A . n 
A 1 48  ALA 48  45  45  ALA ALA A . n 
A 1 49  TYR 49  46  46  TYR TYR A . n 
A 1 50  ILE 50  47  47  ILE ILE A . n 
A 1 51  ARG 51  48  48  ARG ARG A . n 
A 1 52  ASN 52  49  49  ASN ASN A . n 
A 1 53  ALA 53  50  50  ALA ALA A . n 
A 1 54  LYS 54  51  51  LYS LYS A . n 
A 1 55  VAL 55  52  52  VAL VAL A . n 
A 1 56  THR 56  53  53  THR THR A . n 
A 1 57  TYR 57  54  54  TYR TYR A . n 
A 1 58  HIS 58  55  55  HIS HIS A . n 
A 1 59  GLN 59  56  56  GLN GLN A . n 
A 1 60  ALA 60  57  57  ALA ALA A . n 
A 1 61  LYS 61  58  58  LYS LYS A . n 
A 1 62  ILE 62  59  59  ILE ILE A . n 
A 1 63  LYS 63  60  60  LYS LYS A . n 
A 1 64  GLY 64  61  61  GLY GLY A . n 
A 1 65  ASN 65  62  62  ASN ASN A . n 
A 1 66  GLY 66  63  63  GLY GLY A . n 
A 1 67  PRO 67  64  64  PRO PRO A . n 
A 1 68  TYR 68  65  65  TYR TYR A . n 
A 1 69  ARG 69  66  66  ARG ARG A . n 
A 1 70  VAL 70  67  67  VAL VAL A . n 
A 1 71  GLY 71  68  68  GLY GLY A . n 
A 1 72  LEU 72  69  69  LEU LEU A . n 
A 1 73  LYS 73  70  70  LYS LYS A . n 
A 1 74  THR 74  71  71  THR THR A . n 
A 1 75  GLU 75  72  72  GLU GLU A . n 
A 1 76  GLU 76  73  73  GLU GLU A . n 
A 1 77  GLY 77  74  74  GLY GLY A . n 
A 1 78  TRP 78  75  75  TRP TRP A . n 
A 1 79  ILE 79  76  76  ILE ILE A . n 
A 1 80  TYR 80  77  77  TYR TYR A . n 
A 1 81  ALA 81  78  78  ALA ALA A . n 
A 1 82  GLU 82  79  79  GLU GLU A . n 
A 1 83  GLY 83  80  80  GLY GLY A . n 
A 1 84  LEU 84  81  81  LEU LEU A . n 
A 1 85  THR 85  82  82  THR THR A . n 
A 1 86  GLU 86  83  83  GLU GLU A . n 
A 1 87  TYR 87  84  84  TYR TYR A . n 
A 1 88  THR 88  85  85  THR THR A . n 
A 1 89  VAL 89  86  86  VAL VAL A . n 
A 1 90  ASP 90  87  87  ASP ASP A . n 
A 1 91  GLU 91  88  88  GLU GLU A . n 
A 1 92  GLU 92  89  89  GLU GLU A . n 
A 1 93  ASN 93  90  90  ASN ASN A . n 
A 1 94  ARG 94  91  91  ARG ARG A . n 
A 1 95  LEU 95  92  92  LEU LEU A . n 
A 1 96  LEU 96  93  93  LEU LEU A . n 
A 1 97  MSE 97  94  94  MSE MSE A . n 
A 1 98  ALA 98  95  95  ALA ALA A . n 
A 1 99  GLY 99  96  96  GLY GLY A . n 
A 1 100 HIS 100 97  97  HIS HIS A . n 
A 1 101 LEU 101 98  98  LEU LEU A . n 
A 1 102 PRO 102 99  99  PRO PRO A . n 
A 1 103 GLY 103 100 100 GLY GLY A . n 
A 1 104 GLY 104 101 101 GLY GLY A . n 
A 1 105 LYS 105 102 102 LYS LYS A . n 
A 1 106 LEU 106 103 103 LEU LEU A . n 
A 1 107 ALA 107 104 104 ALA ALA A . n 
A 1 108 ILE 108 105 105 ILE ILE A . n 
A 1 109 SER 109 106 106 SER SER A . n 
A 1 110 LEU 110 107 107 LEU LEU A . n 
A 1 111 GLN 111 108 108 GLN GLN A . n 
A 1 112 ILE 112 109 109 ILE ILE A . n 
A 1 113 SER 113 110 110 SER SER A . n 
A 1 114 GLU 114 111 111 GLU GLU A . n 
A 1 115 LYS 115 112 112 LYS LYS A . n 
A 1 116 PRO 116 113 113 PRO PRO A . n 
A 1 117 PHE 117 114 114 PHE PHE A . n 
A 1 118 THR 118 115 115 THR THR A . n 
A 1 119 VAL 119 116 116 VAL VAL A . n 
# 
loop_
_pdbx_nonpoly_scheme.asym_id 
_pdbx_nonpoly_scheme.entity_id 
_pdbx_nonpoly_scheme.mon_id 
_pdbx_nonpoly_scheme.ndb_seq_num 
_pdbx_nonpoly_scheme.pdb_seq_num 
_pdbx_nonpoly_scheme.auth_seq_num 
_pdbx_nonpoly_scheme.pdb_mon_id 
_pdbx_nonpoly_scheme.auth_mon_id 
_pdbx_nonpoly_scheme.pdb_strand_id 
_pdbx_nonpoly_scheme.pdb_ins_code 
B 2 IPA 1  117 1  IPA ISP A . 
C 3 GOL 1  118 2  GOL GOL A . 
D 4 HOH 1  119 1  HOH HOH A . 
D 4 HOH 2  120 2  HOH HOH A . 
D 4 HOH 3  121 3  HOH HOH A . 
D 4 HOH 4  122 4  HOH HOH A . 
D 4 HOH 5  123 5  HOH HOH A . 
D 4 HOH 6  124 6  HOH HOH A . 
D 4 HOH 7  125 7  HOH HOH A . 
D 4 HOH 8  126 8  HOH HOH A . 
D 4 HOH 9  127 9  HOH HOH A . 
D 4 HOH 10 128 10 HOH HOH A . 
D 4 HOH 11 129 11 HOH HOH A . 
D 4 HOH 12 130 12 HOH HOH A . 
D 4 HOH 13 131 13 HOH HOH A . 
D 4 HOH 14 132 14 HOH HOH A . 
D 4 HOH 15 133 15 HOH HOH A . 
D 4 HOH 16 134 16 HOH HOH A . 
D 4 HOH 17 135 17 HOH HOH A . 
D 4 HOH 18 136 18 HOH HOH A . 
D 4 HOH 19 137 19 HOH HOH A . 
D 4 HOH 20 138 20 HOH HOH A . 
D 4 HOH 21 139 21 HOH HOH A . 
D 4 HOH 22 140 22 HOH HOH A . 
D 4 HOH 23 141 23 HOH HOH A . 
D 4 HOH 24 142 24 HOH HOH A . 
D 4 HOH 25 143 25 HOH HOH A . 
D 4 HOH 26 144 26 HOH HOH A . 
D 4 HOH 27 145 27 HOH HOH A . 
D 4 HOH 28 146 28 HOH HOH A . 
D 4 HOH 29 147 29 HOH HOH A . 
D 4 HOH 30 148 30 HOH HOH A . 
D 4 HOH 31 149 31 HOH HOH A . 
D 4 HOH 32 150 32 HOH HOH A . 
D 4 HOH 33 151 33 HOH HOH A . 
D 4 HOH 34 152 34 HOH HOH A . 
D 4 HOH 35 153 35 HOH HOH A . 
D 4 HOH 36 154 36 HOH HOH A . 
D 4 HOH 37 155 37 HOH HOH A . 
D 4 HOH 38 156 38 HOH HOH A . 
D 4 HOH 39 157 39 HOH HOH A . 
D 4 HOH 40 158 40 HOH HOH A . 
D 4 HOH 41 159 41 HOH HOH A . 
D 4 HOH 42 160 42 HOH HOH A . 
D 4 HOH 43 161 43 HOH HOH A . 
D 4 HOH 44 162 44 HOH HOH A . 
D 4 HOH 45 163 45 HOH HOH A . 
D 4 HOH 46 164 46 HOH HOH A . 
D 4 HOH 47 165 47 HOH HOH A . 
D 4 HOH 48 166 48 HOH HOH A . 
D 4 HOH 49 167 49 HOH HOH A . 
D 4 HOH 50 168 50 HOH HOH A . 
D 4 HOH 51 169 51 HOH HOH A . 
D 4 HOH 52 170 52 HOH HOH A . 
D 4 HOH 53 171 53 HOH HOH A . 
D 4 HOH 54 172 54 HOH HOH A . 
D 4 HOH 55 173 55 HOH HOH A . 
D 4 HOH 56 174 56 HOH HOH A . 
D 4 HOH 57 175 57 HOH HOH A . 
D 4 HOH 58 176 58 HOH HOH A . 
D 4 HOH 59 177 59 HOH HOH A . 
D 4 HOH 60 178 60 HOH HOH A . 
D 4 HOH 61 179 61 HOH HOH A . 
D 4 HOH 62 180 62 HOH HOH A . 
D 4 HOH 63 181 63 HOH HOH A . 
D 4 HOH 64 182 64 HOH HOH A . 
D 4 HOH 65 183 65 HOH HOH A . 
D 4 HOH 66 184 66 HOH HOH A . 
D 4 HOH 67 185 67 HOH HOH A . 
D 4 HOH 68 186 68 HOH HOH A . 
D 4 HOH 69 187 69 HOH HOH A . 
D 4 HOH 70 188 70 HOH HOH A . 
D 4 HOH 71 189 71 HOH HOH A . 
D 4 HOH 72 190 72 HOH HOH A . 
D 4 HOH 73 191 73 HOH HOH A . 
D 4 HOH 74 192 74 HOH HOH A . 
D 4 HOH 75 193 75 HOH HOH A . 
D 4 HOH 76 194 76 HOH HOH A . 
D 4 HOH 77 195 77 HOH HOH A . 
D 4 HOH 78 196 78 HOH HOH A . 
D 4 HOH 79 197 79 HOH HOH A . 
D 4 HOH 80 198 80 HOH HOH A . 
D 4 HOH 81 199 81 HOH HOH A . 
D 4 HOH 82 200 82 HOH HOH A . 
D 4 HOH 83 201 83 HOH HOH A . 
D 4 HOH 84 202 84 HOH HOH A . 
D 4 HOH 85 203 85 HOH HOH A . 
D 4 HOH 86 204 86 HOH HOH A . 
D 4 HOH 87 205 87 HOH HOH A . 
D 4 HOH 88 206 88 HOH HOH A . 
D 4 HOH 89 207 89 HOH HOH A . 
# 
loop_
_software.name 
_software.classification 
_software.version 
_software.citation_id 
_software.pdbx_ordinal 
CNS      refinement       1.0 ? 1 
d*TREK   'data reduction' .   ? 2 
HKL-2000 'data reduction' .   ? 3 
HKL-2000 'data scaling'   .   ? 4 
SOLVE    phasing          .   ? 5 
RESOLVE  phasing          .   ? 6 
# 
_cell.entry_id           1NJH 
_cell.length_a           78.703 
_cell.length_b           78.703 
_cell.length_c           31.074 
_cell.angle_alpha        90.00 
_cell.angle_beta         90.00 
_cell.angle_gamma        120.00 
_cell.Z_PDB              6 
_cell.pdbx_unique_axis   ? 
# 
_symmetry.entry_id                         1NJH 
_symmetry.space_group_name_H-M             'P 3 2 1' 
_symmetry.pdbx_full_space_group_name_H-M   ? 
_symmetry.cell_setting                     ? 
_symmetry.Int_Tables_number                150 
# 
_exptl.entry_id          1NJH 
_exptl.method            'X-RAY DIFFRACTION' 
_exptl.crystals_number   2 
# 
_exptl_crystal.id                    1 
_exptl_crystal.density_meas          ? 
_exptl_crystal.density_Matthews      2.06 
_exptl_crystal.density_percent_sol   40.33 
_exptl_crystal.description           ? 
# 
_exptl_crystal_grow.crystal_id      1 
_exptl_crystal_grow.method          'VAPOR DIFFUSION, HANGING DROP' 
_exptl_crystal_grow.temp            298 
_exptl_crystal_grow.temp_details    ? 
_exptl_crystal_grow.pH              5.6 
_exptl_crystal_grow.pdbx_details    'Isopropanol, Sodium citrate, pH 5.6, VAPOR DIFFUSION, HANGING DROP, temperature 298K' 
_exptl_crystal_grow.pdbx_pH_range   . 
# 
loop_
_diffrn.id 
_diffrn.ambient_temp 
_diffrn.ambient_temp_details 
_diffrn.crystal_id 
1   100 ? 1 
2   100 ? 1 
1,2 ?   ? 1 
# 
loop_
_diffrn_detector.diffrn_id 
_diffrn_detector.detector 
_diffrn_detector.type 
_diffrn_detector.pdbx_collection_date 
_diffrn_detector.details 
1 CCD SBC-2 2002-08-18 mirror 
2 CCD SBC-2 2002-09-01 mirror 
# 
loop_
_diffrn_radiation.diffrn_id 
_diffrn_radiation.wavelength_id 
_diffrn_radiation.pdbx_monochromatic_or_laue_m_l 
_diffrn_radiation.monochromator 
_diffrn_radiation.pdbx_diffrn_protocol 
_diffrn_radiation.pdbx_scattering_type 
1 1 M 'double crystal monochromator' 'SINGLE WAVELENGTH' x-ray 
2 1 M 'double crystal monochromator' MAD                 x-ray 
# 
loop_
_diffrn_radiation_wavelength.id 
_diffrn_radiation_wavelength.wavelength 
_diffrn_radiation_wavelength.wt 
1 0.97921 1.0 
2 0.97915 1.0 
3 0.97926 1.0 
4 0.94644 1.0 
# 
loop_
_diffrn_source.diffrn_id 
_diffrn_source.source 
_diffrn_source.type 
_diffrn_source.pdbx_synchrotron_site 
_diffrn_source.pdbx_synchrotron_beamline 
_diffrn_source.pdbx_wavelength 
_diffrn_source.pdbx_wavelength_list 
1 SYNCHROTRON 'APS BEAMLINE 19-ID' APS 19-ID ? 0.97921                     
2 SYNCHROTRON 'APS BEAMLINE 19-ID' APS 19-ID ? '0.97915, 0.97926, 0.94644' 
# 
_reflns.entry_id                     1NJH 
_reflns.observed_criterion_sigma_I   0.0 
_reflns.observed_criterion_sigma_F   0.0 
_reflns.d_resolution_low             28.27 
_reflns.d_resolution_high            1.7 
_reflns.number_obs                   12326 
_reflns.number_all                   12326 
_reflns.percent_possible_obs         99.2 
_reflns.pdbx_Rmerge_I_obs            0.042 
_reflns.pdbx_Rsym_value              ? 
_reflns.pdbx_netI_over_sigmaI        9.4 
_reflns.B_iso_Wilson_estimate        22.6 
_reflns.pdbx_redundancy              6.5 
_reflns.R_free_details               ? 
_reflns.limit_h_max                  ? 
_reflns.limit_h_min                  ? 
_reflns.limit_k_max                  ? 
_reflns.limit_k_min                  ? 
_reflns.limit_l_max                  ? 
_reflns.limit_l_min                  ? 
_reflns.observed_criterion_F_max     ? 
_reflns.observed_criterion_F_min     ? 
_reflns.pdbx_ordinal                 1 
_reflns.pdbx_diffrn_id               1,2 
# 
_reflns_shell.d_res_high             1.7 
_reflns_shell.d_res_low              1.76 
_reflns_shell.percent_possible_all   100 
_reflns_shell.Rmerge_I_obs           0.513 
_reflns_shell.pdbx_Rsym_value        ? 
_reflns_shell.meanI_over_sigI_obs    2.4 
_reflns_shell.pdbx_redundancy        5.5 
_reflns_shell.percent_possible_obs   ? 
_reflns_shell.number_unique_all      1220 
_reflns_shell.pdbx_ordinal           1 
_reflns_shell.pdbx_diffrn_id         1,2 
# 
_refine.entry_id                                 1NJH 
_refine.ls_number_reflns_obs                     22615 
_refine.ls_number_reflns_all                     22615 
_refine.pdbx_ls_sigma_I                          ? 
_refine.pdbx_ls_sigma_F                          0.0 
_refine.pdbx_data_cutoff_high_absF               ? 
_refine.pdbx_data_cutoff_low_absF                ? 
_refine.ls_d_res_low                             28.28 
_refine.ls_d_res_high                            1.70 
_refine.ls_percent_reflns_obs                    95.4 
_refine.ls_R_factor_obs                          0.223 
_refine.ls_R_factor_all                          0.223 
_refine.ls_R_factor_R_work                       0.22 
_refine.ls_R_factor_R_free                       0.253 
_refine.ls_R_factor_R_free_error                 0.007 
_refine.ls_R_factor_R_free_error_details         ? 
_refine.ls_percent_reflns_R_free                 10.3 
_refine.ls_number_reflns_R_free                  1215 
_refine.ls_number_parameters                     ? 
_refine.ls_number_restraints                     ? 
_refine.occupancy_min                            ? 
_refine.occupancy_max                            ? 
_refine.correlation_coeff_Fo_to_Fc               ? 
_refine.correlation_coeff_Fo_to_Fc_free          ? 
_refine.B_iso_mean                               31.7 
_refine.aniso_B[1][1]                            -0.22 
_refine.aniso_B[2][2]                            -0.22 
_refine.aniso_B[3][3]                            0.44 
_refine.aniso_B[1][2]                            -0.73 
_refine.aniso_B[1][3]                            0.00 
_refine.aniso_B[2][3]                            0.00 
_refine.solvent_model_details                    'FLAT MODEL' 
_refine.solvent_model_param_ksol                 0.402038 
_refine.solvent_model_param_bsol                 62.6261 
_refine.pdbx_solvent_vdw_probe_radii             ? 
_refine.pdbx_solvent_ion_probe_radii             ? 
_refine.pdbx_solvent_shrinkage_radii             ? 
_refine.pdbx_ls_cross_valid_method               THROUGHOUT 
_refine.details                                  
;The number of reflections for refinement is greater than the number of reflections for data collection, because in CNS (hlml taget) refinement, the Friedel's pair was treated as two seperated reflections.
;
_refine.pdbx_starting_model                      ? 
_refine.pdbx_method_to_determine_struct          MAD 
_refine.pdbx_isotropic_thermal_model             RESTRAINED 
_refine.pdbx_stereochemistry_target_values       'Engh & Huber' 
_refine.pdbx_stereochem_target_val_spec_case     ? 
_refine.pdbx_R_Free_selection_details            RANDOM 
_refine.pdbx_overall_ESU_R_Free                  ? 
_refine.overall_SU_B                             ? 
_refine.ls_redundancy_reflns_obs                 ? 
_refine.B_iso_min                                ? 
_refine.B_iso_max                                ? 
_refine.overall_SU_R_Cruickshank_DPI             ? 
_refine.overall_SU_R_free                        ? 
_refine.overall_SU_ML                            ? 
_refine.pdbx_overall_ESU_R                       ? 
_refine.pdbx_data_cutoff_high_rms_absF           ? 
_refine.pdbx_refine_id                           'X-RAY DIFFRACTION' 
_refine.pdbx_diffrn_id                           1 
_refine.pdbx_TLS_residual_ADP_flag               ? 
_refine.pdbx_overall_phase_error                 ? 
_refine.pdbx_overall_SU_R_free_Cruickshank_DPI   ? 
_refine.pdbx_overall_SU_R_Blow_DPI               ? 
_refine.pdbx_overall_SU_R_free_Blow_DPI          ? 
# 
_refine_analyze.entry_id                        1NJH 
_refine_analyze.Luzzati_coordinate_error_obs    0.21 
_refine_analyze.Luzzati_sigma_a_obs             0.16 
_refine_analyze.Luzzati_d_res_low_obs           5.00 
_refine_analyze.Luzzati_coordinate_error_free   0.26 
_refine_analyze.Luzzati_sigma_a_free            0.19 
_refine_analyze.Luzzati_d_res_low_free          ? 
_refine_analyze.number_disordered_residues      ? 
_refine_analyze.occupancy_sum_hydrogen          ? 
_refine_analyze.occupancy_sum_non_hydrogen      ? 
_refine_analyze.pdbx_Luzzati_d_res_high_obs     ? 
_refine_analyze.pdbx_refine_id                  'X-RAY DIFFRACTION' 
# 
_refine_hist.pdbx_refine_id                   'X-RAY DIFFRACTION' 
_refine_hist.cycle_id                         LAST 
_refine_hist.pdbx_number_atoms_protein        851 
_refine_hist.pdbx_number_atoms_nucleic_acid   0 
_refine_hist.pdbx_number_atoms_ligand         10 
_refine_hist.number_atoms_solvent             89 
_refine_hist.number_atoms_total               950 
_refine_hist.d_res_high                       1.70 
_refine_hist.d_res_low                        28.28 
# 
loop_
_refine_ls_restr.type 
_refine_ls_restr.dev_ideal 
_refine_ls_restr.dev_ideal_target 
_refine_ls_restr.weight 
_refine_ls_restr.number 
_refine_ls_restr.pdbx_refine_id 
_refine_ls_restr.pdbx_restraint_function 
c_bond_d                0.007 ?    ? ? 'X-RAY DIFFRACTION' ? 
c_bond_d_na             ?     ?    ? ? 'X-RAY DIFFRACTION' ? 
c_bond_d_prot           ?     ?    ? ? 'X-RAY DIFFRACTION' ? 
c_angle_d               ?     ?    ? ? 'X-RAY DIFFRACTION' ? 
c_angle_d_na            ?     ?    ? ? 'X-RAY DIFFRACTION' ? 
c_angle_d_prot          ?     ?    ? ? 'X-RAY DIFFRACTION' ? 
c_angle_deg             1.4   ?    ? ? 'X-RAY DIFFRACTION' ? 
c_angle_deg_na          ?     ?    ? ? 'X-RAY DIFFRACTION' ? 
c_angle_deg_prot        ?     ?    ? ? 'X-RAY DIFFRACTION' ? 
c_dihedral_angle_d      25.6  ?    ? ? 'X-RAY DIFFRACTION' ? 
c_dihedral_angle_d_na   ?     ?    ? ? 'X-RAY DIFFRACTION' ? 
c_dihedral_angle_d_prot ?     ?    ? ? 'X-RAY DIFFRACTION' ? 
c_improper_angle_d      0.88  ?    ? ? 'X-RAY DIFFRACTION' ? 
c_improper_angle_d_na   ?     ?    ? ? 'X-RAY DIFFRACTION' ? 
c_improper_angle_d_prot ?     ?    ? ? 'X-RAY DIFFRACTION' ? 
c_mcbond_it             2.40  1.50 ? ? 'X-RAY DIFFRACTION' ? 
c_mcangle_it            3.76  2.00 ? ? 'X-RAY DIFFRACTION' ? 
c_scbond_it             3.31  2.00 ? ? 'X-RAY DIFFRACTION' ? 
c_scangle_it            5.13  2.50 ? ? 'X-RAY DIFFRACTION' ? 
# 
_refine_ls_shell.pdbx_total_number_of_bins_used   6 
_refine_ls_shell.d_res_high                       1.70 
_refine_ls_shell.d_res_low                        1.77 
_refine_ls_shell.number_reflns_R_work             1655 
_refine_ls_shell.R_factor_R_work                  0.281 
_refine_ls_shell.percent_reflns_obs               88.8 
_refine_ls_shell.R_factor_R_free                  0.359 
_refine_ls_shell.R_factor_R_free_error            0.018 
_refine_ls_shell.percent_reflns_R_free            9.5 
_refine_ls_shell.number_reflns_R_free             221 
_refine_ls_shell.number_reflns_obs                2264 
_refine_ls_shell.redundancy_reflns_obs            ? 
_refine_ls_shell.number_reflns_all                ? 
_refine_ls_shell.pdbx_refine_id                   'X-RAY DIFFRACTION' 
_refine_ls_shell.R_factor_all                     ? 
# 
loop_
_pdbx_xplor_file.serial_no 
_pdbx_xplor_file.param_file 
_pdbx_xplor_file.topol_file 
_pdbx_xplor_file.pdbx_refine_id 
1 PROTEIN_REP.PARAM PROTEIN.TOP 'X-RAY DIFFRACTION' 
2 WATER_REP.PARAM   WATER.TOP   'X-RAY DIFFRACTION' 
3 ISP.PARAM         ISP.TOP     'X-RAY DIFFRACTION' 
4 GOL.PARAM         GOL.TOP     'X-RAY DIFFRACTION' 
# 
_struct.entry_id                  1NJH 
_struct.title                     'Crystal Structure of Bacillus subtilis YojF protein' 
_struct.pdbx_model_details        ? 
_struct.pdbx_CASP_flag            ? 
_struct.pdbx_model_type_details   ? 
# 
_struct_keywords.entry_id        1NJH 
_struct_keywords.pdbx_keywords   'STRUCTURAL GENOMICS, UNKNOWN FUNCTION' 
_struct_keywords.text            
'YojF, Structural Genomics, PSI, Protein Structure Initiative, Midwest Center for Structural Genomics, MCSG, UNKNOWN FUNCTION' 
# 
loop_
_struct_asym.id 
_struct_asym.pdbx_blank_PDB_chainid_flag 
_struct_asym.pdbx_modified 
_struct_asym.entity_id 
_struct_asym.details 
A N N 1 ? 
B N N 2 ? 
C N N 3 ? 
D N N 4 ? 
# 
_struct_ref.id                         1 
_struct_ref.db_name                    UNP 
_struct_ref.db_code                    O31858_BACSU 
_struct_ref.pdbx_db_accession          O31858 
_struct_ref.entity_id                  1 
_struct_ref.pdbx_seq_one_letter_code   
;MKAIIKEDVQASLERYADRPVYIHLETTTGSYSAHLNEKNMTVVAYIRNAKVTYHQAKIKGNGPYRVGLKTEEGWIYAEG
LTEYTVDEENRLLMAGHLPGGKLAISLQISEKPFTV
;
_struct_ref.pdbx_align_begin           1 
_struct_ref.pdbx_db_isoform            ? 
# 
_struct_ref_seq.align_id                      1 
_struct_ref_seq.ref_id                        1 
_struct_ref_seq.pdbx_PDB_id_code              1NJH 
_struct_ref_seq.pdbx_strand_id                A 
_struct_ref_seq.seq_align_beg                 4 
_struct_ref_seq.pdbx_seq_align_beg_ins_code   ? 
_struct_ref_seq.seq_align_end                 119 
_struct_ref_seq.pdbx_seq_align_end_ins_code   ? 
_struct_ref_seq.pdbx_db_accession             O31858 
_struct_ref_seq.db_align_beg                  1 
_struct_ref_seq.pdbx_db_align_beg_ins_code    ? 
_struct_ref_seq.db_align_end                  116 
_struct_ref_seq.pdbx_db_align_end_ins_code    ? 
_struct_ref_seq.pdbx_auth_seq_align_beg       1 
_struct_ref_seq.pdbx_auth_seq_align_end       116 
# 
loop_
_struct_ref_seq_dif.align_id 
_struct_ref_seq_dif.pdbx_pdb_id_code 
_struct_ref_seq_dif.mon_id 
_struct_ref_seq_dif.pdbx_pdb_strand_id 
_struct_ref_seq_dif.seq_num 
_struct_ref_seq_dif.pdbx_pdb_ins_code 
_struct_ref_seq_dif.pdbx_seq_db_name 
_struct_ref_seq_dif.pdbx_seq_db_accession_code 
_struct_ref_seq_dif.db_mon_id 
_struct_ref_seq_dif.pdbx_seq_db_seq_num 
_struct_ref_seq_dif.details 
_struct_ref_seq_dif.pdbx_auth_seq_num 
_struct_ref_seq_dif.pdbx_ordinal 
1 1NJH SER A 1  ? UNP O31858 ?   ?  'cloning artifact' -2 1 
1 1NJH ASN A 2  ? UNP O31858 ?   ?  'cloning artifact' -1 2 
1 1NJH ALA A 3  ? UNP O31858 ?   ?  'cloning artifact' 0  3 
1 1NJH MSE A 4  ? UNP O31858 MET 1  'modified residue' 1  4 
1 1NJH MSE A 44 ? UNP O31858 MET 41 'modified residue' 41 5 
1 1NJH MSE A 97 ? UNP O31858 MET 94 'modified residue' 94 6 
# 
loop_
_pdbx_struct_assembly.id 
_pdbx_struct_assembly.details 
_pdbx_struct_assembly.method_details 
_pdbx_struct_assembly.oligomeric_details 
_pdbx_struct_assembly.oligomeric_count 
1 author_and_software_defined_assembly PQS  dimeric   2 
2 software_defined_assembly            PISA monomeric 1 
# 
loop_
_pdbx_struct_assembly_gen.assembly_id 
_pdbx_struct_assembly_gen.oper_expression 
_pdbx_struct_assembly_gen.asym_id_list 
1 1,2 A,B,C,D 
2 3   A,B,C,D 
# 
loop_
_pdbx_struct_oper_list.id 
_pdbx_struct_oper_list.type 
_pdbx_struct_oper_list.name 
_pdbx_struct_oper_list.symmetry_operation 
_pdbx_struct_oper_list.matrix[1][1] 
_pdbx_struct_oper_list.matrix[1][2] 
_pdbx_struct_oper_list.matrix[1][3] 
_pdbx_struct_oper_list.vector[1] 
_pdbx_struct_oper_list.matrix[2][1] 
_pdbx_struct_oper_list.matrix[2][2] 
_pdbx_struct_oper_list.matrix[2][3] 
_pdbx_struct_oper_list.vector[2] 
_pdbx_struct_oper_list.matrix[3][1] 
_pdbx_struct_oper_list.matrix[3][2] 
_pdbx_struct_oper_list.matrix[3][3] 
_pdbx_struct_oper_list.vector[3] 
1 'identity operation'         1_555 x,y,z        1.0000000000  0.0000000000  0.0000000000 0.0000000000   0.0000000000  1.0000000000  0.0000000000  0.0000000000  0.0000000000 0.0000000000  1.0000000000  0.0000000000  
2 'crystal symmetry operation' 6_556 -x,-x+y,-z+1 -0.1386338013 -0.4791436445 0.8667191224 10.5877392527  -0.4791436445 -0.7334715103 -0.4821212623 18.4725591399 0.8667191224 -0.4821212623 -0.1278946884 -0.3102636112 
3 'crystal symmetry operation' 1_554 x,y,z-1      1.0000000000  0.0000000000  0.0000000000 -17.5433223454 0.0000000000  1.0000000000  0.0000000000  10.6597926957 0.0000000000 0.0000000000  1.0000000000  23.3279689808 
# 
_struct_biol.id   1 
# 
_struct_conf.conf_type_id            HELX_P 
_struct_conf.id                      HELX_P1 
_struct_conf.pdbx_PDB_helix_id       1 
_struct_conf.beg_label_comp_id       ILE 
_struct_conf.beg_label_asym_id       A 
_struct_conf.beg_label_seq_id        8 
_struct_conf.pdbx_beg_PDB_ins_code   ? 
_struct_conf.end_label_comp_id       TYR 
_struct_conf.end_label_asym_id       A 
_struct_conf.end_label_seq_id        19 
_struct_conf.pdbx_end_PDB_ins_code   ? 
_struct_conf.beg_auth_comp_id        ILE 
_struct_conf.beg_auth_asym_id        A 
_struct_conf.beg_auth_seq_id         5 
_struct_conf.end_auth_comp_id        TYR 
_struct_conf.end_auth_asym_id        A 
_struct_conf.end_auth_seq_id         16 
_struct_conf.pdbx_PDB_helix_class    1 
_struct_conf.details                 ? 
_struct_conf.pdbx_PDB_helix_length   12 
# 
_struct_conf_type.id          HELX_P 
_struct_conf_type.criteria    ? 
_struct_conf_type.reference   ? 
# 
loop_
_struct_conn.id 
_struct_conn.conn_type_id 
_struct_conn.pdbx_leaving_atom_flag 
_struct_conn.pdbx_PDB_id 
_struct_conn.ptnr1_label_asym_id 
_struct_conn.ptnr1_label_comp_id 
_struct_conn.ptnr1_label_seq_id 
_struct_conn.ptnr1_label_atom_id 
_struct_conn.pdbx_ptnr1_label_alt_id 
_struct_conn.pdbx_ptnr1_PDB_ins_code 
_struct_conn.pdbx_ptnr1_standard_comp_id 
_struct_conn.ptnr1_symmetry 
_struct_conn.ptnr2_label_asym_id 
_struct_conn.ptnr2_label_comp_id 
_struct_conn.ptnr2_label_seq_id 
_struct_conn.ptnr2_label_atom_id 
_struct_conn.pdbx_ptnr2_label_alt_id 
_struct_conn.pdbx_ptnr2_PDB_ins_code 
_struct_conn.ptnr1_auth_asym_id 
_struct_conn.ptnr1_auth_comp_id 
_struct_conn.ptnr1_auth_seq_id 
_struct_conn.ptnr2_auth_asym_id 
_struct_conn.ptnr2_auth_comp_id 
_struct_conn.ptnr2_auth_seq_id 
_struct_conn.ptnr2_symmetry 
_struct_conn.pdbx_ptnr3_label_atom_id 
_struct_conn.pdbx_ptnr3_label_seq_id 
_struct_conn.pdbx_ptnr3_label_comp_id 
_struct_conn.pdbx_ptnr3_label_asym_id 
_struct_conn.pdbx_ptnr3_label_alt_id 
_struct_conn.pdbx_ptnr3_PDB_ins_code 
_struct_conn.details 
_struct_conn.pdbx_dist_value 
_struct_conn.pdbx_value_order 
_struct_conn.pdbx_role 
covale1 covale both ? A ALA 3  C ? ? ? 1_555 A MSE 4  N ? ? A ALA 0  A MSE 1  1_555 ? ? ? ? ? ? ? 1.330 ? ? 
covale2 covale both ? A MSE 4  C ? ? ? 1_555 A LYS 5  N ? ? A MSE 1  A LYS 2  1_555 ? ? ? ? ? ? ? 1.326 ? ? 
covale3 covale both ? A MSE 44 C ? ? ? 1_555 A THR 45 N ? ? A MSE 41 A THR 42 1_555 ? ? ? ? ? ? ? 1.329 ? ? 
covale4 covale both ? A LEU 96 C ? ? ? 1_555 A MSE 97 N ? ? A LEU 93 A MSE 94 1_555 ? ? ? ? ? ? ? 1.328 ? ? 
covale5 covale both ? A MSE 97 C ? ? ? 1_555 A ALA 98 N ? ? A MSE 94 A ALA 95 1_555 ? ? ? ? ? ? ? 1.327 ? ? 
# 
_struct_conn_type.id          covale 
_struct_conn_type.criteria    ? 
_struct_conn_type.reference   ? 
# 
loop_
_pdbx_modification_feature.ordinal 
_pdbx_modification_feature.label_comp_id 
_pdbx_modification_feature.label_asym_id 
_pdbx_modification_feature.label_seq_id 
_pdbx_modification_feature.label_alt_id 
_pdbx_modification_feature.modified_residue_label_comp_id 
_pdbx_modification_feature.modified_residue_label_asym_id 
_pdbx_modification_feature.modified_residue_label_seq_id 
_pdbx_modification_feature.modified_residue_label_alt_id 
_pdbx_modification_feature.auth_comp_id 
_pdbx_modification_feature.auth_asym_id 
_pdbx_modification_feature.auth_seq_id 
_pdbx_modification_feature.PDB_ins_code 
_pdbx_modification_feature.symmetry 
_pdbx_modification_feature.modified_residue_auth_comp_id 
_pdbx_modification_feature.modified_residue_auth_asym_id 
_pdbx_modification_feature.modified_residue_auth_seq_id 
_pdbx_modification_feature.modified_residue_PDB_ins_code 
_pdbx_modification_feature.modified_residue_symmetry 
_pdbx_modification_feature.comp_id_linking_atom 
_pdbx_modification_feature.modified_residue_id_linking_atom 
_pdbx_modification_feature.modified_residue_id 
_pdbx_modification_feature.ref_pcm_id 
_pdbx_modification_feature.ref_comp_id 
_pdbx_modification_feature.type 
_pdbx_modification_feature.category 
1 MSE A 4  ? . . . . MSE A 1  ? 1_555 . . . . . . . MET 1 MSE Selenomethionine 'Named protein modification' 
2 MSE A 44 ? . . . . MSE A 41 ? 1_555 . . . . . . . MET 1 MSE Selenomethionine 'Named protein modification' 
3 MSE A 97 ? . . . . MSE A 94 ? 1_555 . . . . . . . MET 1 MSE Selenomethionine 'Named protein modification' 
# 
_struct_mon_prot_cis.pdbx_id                1 
_struct_mon_prot_cis.label_comp_id          GLY 
_struct_mon_prot_cis.label_seq_id           66 
_struct_mon_prot_cis.label_asym_id          A 
_struct_mon_prot_cis.label_alt_id           . 
_struct_mon_prot_cis.pdbx_PDB_ins_code      ? 
_struct_mon_prot_cis.auth_comp_id           GLY 
_struct_mon_prot_cis.auth_seq_id            63 
_struct_mon_prot_cis.auth_asym_id           A 
_struct_mon_prot_cis.pdbx_label_comp_id_2   PRO 
_struct_mon_prot_cis.pdbx_label_seq_id_2    67 
_struct_mon_prot_cis.pdbx_label_asym_id_2   A 
_struct_mon_prot_cis.pdbx_PDB_ins_code_2    ? 
_struct_mon_prot_cis.pdbx_auth_comp_id_2    PRO 
_struct_mon_prot_cis.pdbx_auth_seq_id_2     64 
_struct_mon_prot_cis.pdbx_auth_asym_id_2    A 
_struct_mon_prot_cis.pdbx_PDB_model_num     1 
_struct_mon_prot_cis.pdbx_omega_angle       -0.35 
# 
loop_
_struct_sheet.id 
_struct_sheet.type 
_struct_sheet.number_strands 
_struct_sheet.details 
A ? 6 ? 
B ? 3 ? 
# 
loop_
_struct_sheet_order.sheet_id 
_struct_sheet_order.range_id_1 
_struct_sheet_order.range_id_2 
_struct_sheet_order.offset 
_struct_sheet_order.sense 
A 1 2 ? anti-parallel 
A 2 3 ? anti-parallel 
A 3 4 ? anti-parallel 
A 4 5 ? anti-parallel 
A 5 6 ? anti-parallel 
B 1 2 ? anti-parallel 
B 2 3 ? anti-parallel 
# 
loop_
_struct_sheet_range.sheet_id 
_struct_sheet_range.id 
_struct_sheet_range.beg_label_comp_id 
_struct_sheet_range.beg_label_asym_id 
_struct_sheet_range.beg_label_seq_id 
_struct_sheet_range.pdbx_beg_PDB_ins_code 
_struct_sheet_range.end_label_comp_id 
_struct_sheet_range.end_label_asym_id 
_struct_sheet_range.end_label_seq_id 
_struct_sheet_range.pdbx_end_PDB_ins_code 
_struct_sheet_range.beg_auth_comp_id 
_struct_sheet_range.beg_auth_asym_id 
_struct_sheet_range.beg_auth_seq_id 
_struct_sheet_range.end_auth_comp_id 
_struct_sheet_range.end_auth_asym_id 
_struct_sheet_range.end_auth_seq_id 
A 1 LYS A 5   ? ALA A 6   ? LYS A 2   ALA A 3   
A 2 GLU A 86  ? VAL A 89  ? GLU A 83  VAL A 86  
A 3 LEU A 95  ? LEU A 101 ? LEU A 92  LEU A 98  
A 4 LEU A 106 ? SER A 113 ? LEU A 103 SER A 110 
A 5 VAL A 24  ? THR A 32  ? VAL A 21  THR A 29  
A 6 THR A 45  ? VAL A 55  ? THR A 42  VAL A 52  
B 1 TYR A 57  ? LYS A 63  ? TYR A 54  LYS A 60  
B 2 TYR A 68  ? THR A 74  ? TYR A 65  THR A 71  
B 3 TRP A 78  ? LEU A 84  ? TRP A 75  LEU A 81  
# 
loop_
_pdbx_struct_sheet_hbond.sheet_id 
_pdbx_struct_sheet_hbond.range_id_1 
_pdbx_struct_sheet_hbond.range_id_2 
_pdbx_struct_sheet_hbond.range_1_label_atom_id 
_pdbx_struct_sheet_hbond.range_1_label_comp_id 
_pdbx_struct_sheet_hbond.range_1_label_asym_id 
_pdbx_struct_sheet_hbond.range_1_label_seq_id 
_pdbx_struct_sheet_hbond.range_1_PDB_ins_code 
_pdbx_struct_sheet_hbond.range_1_auth_atom_id 
_pdbx_struct_sheet_hbond.range_1_auth_comp_id 
_pdbx_struct_sheet_hbond.range_1_auth_asym_id 
_pdbx_struct_sheet_hbond.range_1_auth_seq_id 
_pdbx_struct_sheet_hbond.range_2_label_atom_id 
_pdbx_struct_sheet_hbond.range_2_label_comp_id 
_pdbx_struct_sheet_hbond.range_2_label_asym_id 
_pdbx_struct_sheet_hbond.range_2_label_seq_id 
_pdbx_struct_sheet_hbond.range_2_PDB_ins_code 
_pdbx_struct_sheet_hbond.range_2_auth_atom_id 
_pdbx_struct_sheet_hbond.range_2_auth_comp_id 
_pdbx_struct_sheet_hbond.range_2_auth_asym_id 
_pdbx_struct_sheet_hbond.range_2_auth_seq_id 
A 1 2 N LYS A 5   ? N LYS A 2   O TYR A 87  ? O TYR A 84  
A 2 3 N GLU A 86  ? N GLU A 83  O ALA A 98  ? O ALA A 95  
A 3 4 N LEU A 101 ? N LEU A 98  O LEU A 106 ? O LEU A 103 
A 4 5 O SER A 113 ? O SER A 110 N TYR A 25  ? N TYR A 22  
A 5 6 N THR A 30  ? N THR A 27  O VAL A 47  ? O VAL A 44  
B 1 2 N LYS A 63  ? N LYS A 60  O ARG A 69  ? O ARG A 66  
B 2 3 N TYR A 68  ? N TYR A 65  O LEU A 84  ? O LEU A 81  
# 
loop_
_struct_site.id 
_struct_site.pdbx_evidence_code 
_struct_site.pdbx_auth_asym_id 
_struct_site.pdbx_auth_comp_id 
_struct_site.pdbx_auth_seq_id 
_struct_site.pdbx_auth_ins_code 
_struct_site.pdbx_num_residues 
_struct_site.details 
AC1 Software A IPA 117 ? 3 'BINDING SITE FOR RESIDUE IPA A 117' 
AC2 Software A GOL 118 ? 4 'BINDING SITE FOR RESIDUE GOL A 118' 
# 
loop_
_struct_site_gen.id 
_struct_site_gen.site_id 
_struct_site_gen.pdbx_num_res 
_struct_site_gen.label_comp_id 
_struct_site_gen.label_asym_id 
_struct_site_gen.label_seq_id 
_struct_site_gen.pdbx_auth_ins_code 
_struct_site_gen.auth_comp_id 
_struct_site_gen.auth_asym_id 
_struct_site_gen.auth_seq_id 
_struct_site_gen.label_atom_id 
_struct_site_gen.label_alt_id 
_struct_site_gen.symmetry 
_struct_site_gen.details 
1 AC1 3 LYS A 9  ? LYS A 6   . ? 1_555 ? 
2 AC1 3 GLY A 64 ? GLY A 61  . ? 1_555 ? 
3 AC1 3 GOL C .  ? GOL A 118 . ? 1_555 ? 
4 AC2 4 GLY A 64 ? GLY A 61  . ? 1_555 ? 
5 AC2 4 ASN A 65 ? ASN A 62  . ? 1_555 ? 
6 AC2 4 ARG A 69 ? ARG A 66  . ? 1_555 ? 
7 AC2 4 IPA B .  ? IPA A 117 . ? 1_555 ? 
# 
_pdbx_entry_details.entry_id                   1NJH 
_pdbx_entry_details.compound_details           ? 
_pdbx_entry_details.source_details             ? 
_pdbx_entry_details.nonpolymer_details         ? 
_pdbx_entry_details.sequence_details           ? 
_pdbx_entry_details.has_ligand_of_interest     ? 
_pdbx_entry_details.has_protein_modification   Y 
# 
loop_
_pdbx_validate_symm_contact.id 
_pdbx_validate_symm_contact.PDB_model_num 
_pdbx_validate_symm_contact.auth_atom_id_1 
_pdbx_validate_symm_contact.auth_asym_id_1 
_pdbx_validate_symm_contact.auth_comp_id_1 
_pdbx_validate_symm_contact.auth_seq_id_1 
_pdbx_validate_symm_contact.PDB_ins_code_1 
_pdbx_validate_symm_contact.label_alt_id_1 
_pdbx_validate_symm_contact.site_symmetry_1 
_pdbx_validate_symm_contact.auth_atom_id_2 
_pdbx_validate_symm_contact.auth_asym_id_2 
_pdbx_validate_symm_contact.auth_comp_id_2 
_pdbx_validate_symm_contact.auth_seq_id_2 
_pdbx_validate_symm_contact.PDB_ins_code_2 
_pdbx_validate_symm_contact.label_alt_id_2 
_pdbx_validate_symm_contact.site_symmetry_2 
_pdbx_validate_symm_contact.dist 
1 1 O A HOH 206 ? ? 1_555 O A HOH 206 ? ? 4_556 1.08 
2 1 O A HOH 189 ? ? 1_555 O A HOH 189 ? ? 2_665 1.60 
# 
_pdbx_validate_torsion.id              1 
_pdbx_validate_torsion.PDB_model_num   1 
_pdbx_validate_torsion.auth_comp_id    THR 
_pdbx_validate_torsion.auth_asym_id    A 
_pdbx_validate_torsion.auth_seq_id     115 
_pdbx_validate_torsion.PDB_ins_code    ? 
_pdbx_validate_torsion.label_alt_id    ? 
_pdbx_validate_torsion.phi             -124.26 
_pdbx_validate_torsion.psi             -98.78 
# 
_pdbx_SG_project.id                    1 
_pdbx_SG_project.project_name          'PSI, Protein Structure Initiative' 
_pdbx_SG_project.full_name_of_center   'Midwest Center for Structural Genomics' 
_pdbx_SG_project.initial_of_center     MCSG 
# 
loop_
_pdbx_struct_mod_residue.id 
_pdbx_struct_mod_residue.label_asym_id 
_pdbx_struct_mod_residue.label_comp_id 
_pdbx_struct_mod_residue.label_seq_id 
_pdbx_struct_mod_residue.auth_asym_id 
_pdbx_struct_mod_residue.auth_comp_id 
_pdbx_struct_mod_residue.auth_seq_id 
_pdbx_struct_mod_residue.PDB_ins_code 
_pdbx_struct_mod_residue.parent_comp_id 
_pdbx_struct_mod_residue.details 
1 A MSE 4  A MSE 1  ? MET SELENOMETHIONINE 
2 A MSE 44 A MSE 41 ? MET SELENOMETHIONINE 
3 A MSE 97 A MSE 94 ? MET SELENOMETHIONINE 
# 
loop_
_pdbx_struct_special_symmetry.id 
_pdbx_struct_special_symmetry.PDB_model_num 
_pdbx_struct_special_symmetry.auth_asym_id 
_pdbx_struct_special_symmetry.auth_comp_id 
_pdbx_struct_special_symmetry.auth_seq_id 
_pdbx_struct_special_symmetry.PDB_ins_code 
_pdbx_struct_special_symmetry.label_asym_id 
_pdbx_struct_special_symmetry.label_comp_id 
_pdbx_struct_special_symmetry.label_seq_id 
1 1 A HOH 202 ? D HOH . 
2 1 A HOH 207 ? D HOH . 
# 
loop_
_pdbx_unobs_or_zero_occ_residues.id 
_pdbx_unobs_or_zero_occ_residues.PDB_model_num 
_pdbx_unobs_or_zero_occ_residues.polymer_flag 
_pdbx_unobs_or_zero_occ_residues.occupancy_flag 
_pdbx_unobs_or_zero_occ_residues.auth_asym_id 
_pdbx_unobs_or_zero_occ_residues.auth_comp_id 
_pdbx_unobs_or_zero_occ_residues.auth_seq_id 
_pdbx_unobs_or_zero_occ_residues.PDB_ins_code 
_pdbx_unobs_or_zero_occ_residues.label_asym_id 
_pdbx_unobs_or_zero_occ_residues.label_comp_id 
_pdbx_unobs_or_zero_occ_residues.label_seq_id 
1  1 Y 1 A SER -2 ? A SER 1  
2  1 Y 1 A SER 31 ? A SER 34 
3  1 Y 1 A TYR 32 ? A TYR 35 
4  1 Y 1 A SER 33 ? A SER 36 
5  1 Y 1 A ALA 34 ? A ALA 37 
6  1 Y 1 A HIS 35 ? A HIS 38 
7  1 Y 1 A LEU 36 ? A LEU 39 
8  1 Y 1 A ASN 37 ? A ASN 40 
9  1 Y 1 A GLU 38 ? A GLU 41 
10 1 Y 1 A LYS 39 ? A LYS 42 
11 1 Y 1 A ASN 40 ? A ASN 43 
# 
loop_
_chem_comp_atom.comp_id 
_chem_comp_atom.atom_id 
_chem_comp_atom.type_symbol 
_chem_comp_atom.pdbx_aromatic_flag 
_chem_comp_atom.pdbx_stereo_config 
_chem_comp_atom.pdbx_ordinal 
ALA N    N  N N 1   
ALA CA   C  N S 2   
ALA C    C  N N 3   
ALA O    O  N N 4   
ALA CB   C  N N 5   
ALA OXT  O  N N 6   
ALA H    H  N N 7   
ALA H2   H  N N 8   
ALA HA   H  N N 9   
ALA HB1  H  N N 10  
ALA HB2  H  N N 11  
ALA HB3  H  N N 12  
ALA HXT  H  N N 13  
ARG N    N  N N 14  
ARG CA   C  N S 15  
ARG C    C  N N 16  
ARG O    O  N N 17  
ARG CB   C  N N 18  
ARG CG   C  N N 19  
ARG CD   C  N N 20  
ARG NE   N  N N 21  
ARG CZ   C  N N 22  
ARG NH1  N  N N 23  
ARG NH2  N  N N 24  
ARG OXT  O  N N 25  
ARG H    H  N N 26  
ARG H2   H  N N 27  
ARG HA   H  N N 28  
ARG HB2  H  N N 29  
ARG HB3  H  N N 30  
ARG HG2  H  N N 31  
ARG HG3  H  N N 32  
ARG HD2  H  N N 33  
ARG HD3  H  N N 34  
ARG HE   H  N N 35  
ARG HH11 H  N N 36  
ARG HH12 H  N N 37  
ARG HH21 H  N N 38  
ARG HH22 H  N N 39  
ARG HXT  H  N N 40  
ASN N    N  N N 41  
ASN CA   C  N S 42  
ASN C    C  N N 43  
ASN O    O  N N 44  
ASN CB   C  N N 45  
ASN CG   C  N N 46  
ASN OD1  O  N N 47  
ASN ND2  N  N N 48  
ASN OXT  O  N N 49  
ASN H    H  N N 50  
ASN H2   H  N N 51  
ASN HA   H  N N 52  
ASN HB2  H  N N 53  
ASN HB3  H  N N 54  
ASN HD21 H  N N 55  
ASN HD22 H  N N 56  
ASN HXT  H  N N 57  
ASP N    N  N N 58  
ASP CA   C  N S 59  
ASP C    C  N N 60  
ASP O    O  N N 61  
ASP CB   C  N N 62  
ASP CG   C  N N 63  
ASP OD1  O  N N 64  
ASP OD2  O  N N 65  
ASP OXT  O  N N 66  
ASP H    H  N N 67  
ASP H2   H  N N 68  
ASP HA   H  N N 69  
ASP HB2  H  N N 70  
ASP HB3  H  N N 71  
ASP HD2  H  N N 72  
ASP HXT  H  N N 73  
GLN N    N  N N 74  
GLN CA   C  N S 75  
GLN C    C  N N 76  
GLN O    O  N N 77  
GLN CB   C  N N 78  
GLN CG   C  N N 79  
GLN CD   C  N N 80  
GLN OE1  O  N N 81  
GLN NE2  N  N N 82  
GLN OXT  O  N N 83  
GLN H    H  N N 84  
GLN H2   H  N N 85  
GLN HA   H  N N 86  
GLN HB2  H  N N 87  
GLN HB3  H  N N 88  
GLN HG2  H  N N 89  
GLN HG3  H  N N 90  
GLN HE21 H  N N 91  
GLN HE22 H  N N 92  
GLN HXT  H  N N 93  
GLU N    N  N N 94  
GLU CA   C  N S 95  
GLU C    C  N N 96  
GLU O    O  N N 97  
GLU CB   C  N N 98  
GLU CG   C  N N 99  
GLU CD   C  N N 100 
GLU OE1  O  N N 101 
GLU OE2  O  N N 102 
GLU OXT  O  N N 103 
GLU H    H  N N 104 
GLU H2   H  N N 105 
GLU HA   H  N N 106 
GLU HB2  H  N N 107 
GLU HB3  H  N N 108 
GLU HG2  H  N N 109 
GLU HG3  H  N N 110 
GLU HE2  H  N N 111 
GLU HXT  H  N N 112 
GLY N    N  N N 113 
GLY CA   C  N N 114 
GLY C    C  N N 115 
GLY O    O  N N 116 
GLY OXT  O  N N 117 
GLY H    H  N N 118 
GLY H2   H  N N 119 
GLY HA2  H  N N 120 
GLY HA3  H  N N 121 
GLY HXT  H  N N 122 
GOL C1   C  N N 123 
GOL O1   O  N N 124 
GOL C2   C  N N 125 
GOL O2   O  N N 126 
GOL C3   C  N N 127 
GOL O3   O  N N 128 
GOL H11  H  N N 129 
GOL H12  H  N N 130 
GOL HO1  H  N N 131 
GOL H2   H  N N 132 
GOL HO2  H  N N 133 
GOL H31  H  N N 134 
GOL H32  H  N N 135 
GOL HO3  H  N N 136 
HIS N    N  N N 137 
HIS CA   C  N S 138 
HIS C    C  N N 139 
HIS O    O  N N 140 
HIS CB   C  N N 141 
HIS CG   C  Y N 142 
HIS ND1  N  Y N 143 
HIS CD2  C  Y N 144 
HIS CE1  C  Y N 145 
HIS NE2  N  Y N 146 
HIS OXT  O  N N 147 
HIS H    H  N N 148 
HIS H2   H  N N 149 
HIS HA   H  N N 150 
HIS HB2  H  N N 151 
HIS HB3  H  N N 152 
HIS HD1  H  N N 153 
HIS HD2  H  N N 154 
HIS HE1  H  N N 155 
HIS HE2  H  N N 156 
HIS HXT  H  N N 157 
HOH O    O  N N 158 
HOH H1   H  N N 159 
HOH H2   H  N N 160 
ILE N    N  N N 161 
ILE CA   C  N S 162 
ILE C    C  N N 163 
ILE O    O  N N 164 
ILE CB   C  N S 165 
ILE CG1  C  N N 166 
ILE CG2  C  N N 167 
ILE CD1  C  N N 168 
ILE OXT  O  N N 169 
ILE H    H  N N 170 
ILE H2   H  N N 171 
ILE HA   H  N N 172 
ILE HB   H  N N 173 
ILE HG12 H  N N 174 
ILE HG13 H  N N 175 
ILE HG21 H  N N 176 
ILE HG22 H  N N 177 
ILE HG23 H  N N 178 
ILE HD11 H  N N 179 
ILE HD12 H  N N 180 
ILE HD13 H  N N 181 
ILE HXT  H  N N 182 
IPA C1   C  N N 183 
IPA C2   C  N N 184 
IPA C3   C  N N 185 
IPA O2   O  N N 186 
IPA H11  H  N N 187 
IPA H12  H  N N 188 
IPA H13  H  N N 189 
IPA H2   H  N N 190 
IPA H31  H  N N 191 
IPA H32  H  N N 192 
IPA H33  H  N N 193 
IPA HO2  H  N N 194 
LEU N    N  N N 195 
LEU CA   C  N S 196 
LEU C    C  N N 197 
LEU O    O  N N 198 
LEU CB   C  N N 199 
LEU CG   C  N N 200 
LEU CD1  C  N N 201 
LEU CD2  C  N N 202 
LEU OXT  O  N N 203 
LEU H    H  N N 204 
LEU H2   H  N N 205 
LEU HA   H  N N 206 
LEU HB2  H  N N 207 
LEU HB3  H  N N 208 
LEU HG   H  N N 209 
LEU HD11 H  N N 210 
LEU HD12 H  N N 211 
LEU HD13 H  N N 212 
LEU HD21 H  N N 213 
LEU HD22 H  N N 214 
LEU HD23 H  N N 215 
LEU HXT  H  N N 216 
LYS N    N  N N 217 
LYS CA   C  N S 218 
LYS C    C  N N 219 
LYS O    O  N N 220 
LYS CB   C  N N 221 
LYS CG   C  N N 222 
LYS CD   C  N N 223 
LYS CE   C  N N 224 
LYS NZ   N  N N 225 
LYS OXT  O  N N 226 
LYS H    H  N N 227 
LYS H2   H  N N 228 
LYS HA   H  N N 229 
LYS HB2  H  N N 230 
LYS HB3  H  N N 231 
LYS HG2  H  N N 232 
LYS HG3  H  N N 233 
LYS HD2  H  N N 234 
LYS HD3  H  N N 235 
LYS HE2  H  N N 236 
LYS HE3  H  N N 237 
LYS HZ1  H  N N 238 
LYS HZ2  H  N N 239 
LYS HZ3  H  N N 240 
LYS HXT  H  N N 241 
MET N    N  N N 242 
MET CA   C  N S 243 
MET C    C  N N 244 
MET O    O  N N 245 
MET CB   C  N N 246 
MET CG   C  N N 247 
MET SD   S  N N 248 
MET CE   C  N N 249 
MET OXT  O  N N 250 
MET H    H  N N 251 
MET H2   H  N N 252 
MET HA   H  N N 253 
MET HB2  H  N N 254 
MET HB3  H  N N 255 
MET HG2  H  N N 256 
MET HG3  H  N N 257 
MET HE1  H  N N 258 
MET HE2  H  N N 259 
MET HE3  H  N N 260 
MET HXT  H  N N 261 
MSE N    N  N N 262 
MSE CA   C  N S 263 
MSE C    C  N N 264 
MSE O    O  N N 265 
MSE OXT  O  N N 266 
MSE CB   C  N N 267 
MSE CG   C  N N 268 
MSE SE   SE N N 269 
MSE CE   C  N N 270 
MSE H    H  N N 271 
MSE H2   H  N N 272 
MSE HA   H  N N 273 
MSE HXT  H  N N 274 
MSE HB2  H  N N 275 
MSE HB3  H  N N 276 
MSE HG2  H  N N 277 
MSE HG3  H  N N 278 
MSE HE1  H  N N 279 
MSE HE2  H  N N 280 
MSE HE3  H  N N 281 
PHE N    N  N N 282 
PHE CA   C  N S 283 
PHE C    C  N N 284 
PHE O    O  N N 285 
PHE CB   C  N N 286 
PHE CG   C  Y N 287 
PHE CD1  C  Y N 288 
PHE CD2  C  Y N 289 
PHE CE1  C  Y N 290 
PHE CE2  C  Y N 291 
PHE CZ   C  Y N 292 
PHE OXT  O  N N 293 
PHE H    H  N N 294 
PHE H2   H  N N 295 
PHE HA   H  N N 296 
PHE HB2  H  N N 297 
PHE HB3  H  N N 298 
PHE HD1  H  N N 299 
PHE HD2  H  N N 300 
PHE HE1  H  N N 301 
PHE HE2  H  N N 302 
PHE HZ   H  N N 303 
PHE HXT  H  N N 304 
PRO N    N  N N 305 
PRO CA   C  N S 306 
PRO C    C  N N 307 
PRO O    O  N N 308 
PRO CB   C  N N 309 
PRO CG   C  N N 310 
PRO CD   C  N N 311 
PRO OXT  O  N N 312 
PRO H    H  N N 313 
PRO HA   H  N N 314 
PRO HB2  H  N N 315 
PRO HB3  H  N N 316 
PRO HG2  H  N N 317 
PRO HG3  H  N N 318 
PRO HD2  H  N N 319 
PRO HD3  H  N N 320 
PRO HXT  H  N N 321 
SER N    N  N N 322 
SER CA   C  N S 323 
SER C    C  N N 324 
SER O    O  N N 325 
SER CB   C  N N 326 
SER OG   O  N N 327 
SER OXT  O  N N 328 
SER H    H  N N 329 
SER H2   H  N N 330 
SER HA   H  N N 331 
SER HB2  H  N N 332 
SER HB3  H  N N 333 
SER HG   H  N N 334 
SER HXT  H  N N 335 
THR N    N  N N 336 
THR CA   C  N S 337 
THR C    C  N N 338 
THR O    O  N N 339 
THR CB   C  N R 340 
THR OG1  O  N N 341 
THR CG2  C  N N 342 
THR OXT  O  N N 343 
THR H    H  N N 344 
THR H2   H  N N 345 
THR HA   H  N N 346 
THR HB   H  N N 347 
THR HG1  H  N N 348 
THR HG21 H  N N 349 
THR HG22 H  N N 350 
THR HG23 H  N N 351 
THR HXT  H  N N 352 
TRP N    N  N N 353 
TRP CA   C  N S 354 
TRP C    C  N N 355 
TRP O    O  N N 356 
TRP CB   C  N N 357 
TRP CG   C  Y N 358 
TRP CD1  C  Y N 359 
TRP CD2  C  Y N 360 
TRP NE1  N  Y N 361 
TRP CE2  C  Y N 362 
TRP CE3  C  Y N 363 
TRP CZ2  C  Y N 364 
TRP CZ3  C  Y N 365 
TRP CH2  C  Y N 366 
TRP OXT  O  N N 367 
TRP H    H  N N 368 
TRP H2   H  N N 369 
TRP HA   H  N N 370 
TRP HB2  H  N N 371 
TRP HB3  H  N N 372 
TRP HD1  H  N N 373 
TRP HE1  H  N N 374 
TRP HE3  H  N N 375 
TRP HZ2  H  N N 376 
TRP HZ3  H  N N 377 
TRP HH2  H  N N 378 
TRP HXT  H  N N 379 
TYR N    N  N N 380 
TYR CA   C  N S 381 
TYR C    C  N N 382 
TYR O    O  N N 383 
TYR CB   C  N N 384 
TYR CG   C  Y N 385 
TYR CD1  C  Y N 386 
TYR CD2  C  Y N 387 
TYR CE1  C  Y N 388 
TYR CE2  C  Y N 389 
TYR CZ   C  Y N 390 
TYR OH   O  N N 391 
TYR OXT  O  N N 392 
TYR H    H  N N 393 
TYR H2   H  N N 394 
TYR HA   H  N N 395 
TYR HB2  H  N N 396 
TYR HB3  H  N N 397 
TYR HD1  H  N N 398 
TYR HD2  H  N N 399 
TYR HE1  H  N N 400 
TYR HE2  H  N N 401 
TYR HH   H  N N 402 
TYR HXT  H  N N 403 
VAL N    N  N N 404 
VAL CA   C  N S 405 
VAL C    C  N N 406 
VAL O    O  N N 407 
VAL CB   C  N N 408 
VAL CG1  C  N N 409 
VAL CG2  C  N N 410 
VAL OXT  O  N N 411 
VAL H    H  N N 412 
VAL H2   H  N N 413 
VAL HA   H  N N 414 
VAL HB   H  N N 415 
VAL HG11 H  N N 416 
VAL HG12 H  N N 417 
VAL HG13 H  N N 418 
VAL HG21 H  N N 419 
VAL HG22 H  N N 420 
VAL HG23 H  N N 421 
VAL HXT  H  N N 422 
# 
loop_
_chem_comp_bond.comp_id 
_chem_comp_bond.atom_id_1 
_chem_comp_bond.atom_id_2 
_chem_comp_bond.value_order 
_chem_comp_bond.pdbx_aromatic_flag 
_chem_comp_bond.pdbx_stereo_config 
_chem_comp_bond.pdbx_ordinal 
ALA N   CA   sing N N 1   
ALA N   H    sing N N 2   
ALA N   H2   sing N N 3   
ALA CA  C    sing N N 4   
ALA CA  CB   sing N N 5   
ALA CA  HA   sing N N 6   
ALA C   O    doub N N 7   
ALA C   OXT  sing N N 8   
ALA CB  HB1  sing N N 9   
ALA CB  HB2  sing N N 10  
ALA CB  HB3  sing N N 11  
ALA OXT HXT  sing N N 12  
ARG N   CA   sing N N 13  
ARG N   H    sing N N 14  
ARG N   H2   sing N N 15  
ARG CA  C    sing N N 16  
ARG CA  CB   sing N N 17  
ARG CA  HA   sing N N 18  
ARG C   O    doub N N 19  
ARG C   OXT  sing N N 20  
ARG CB  CG   sing N N 21  
ARG CB  HB2  sing N N 22  
ARG CB  HB3  sing N N 23  
ARG CG  CD   sing N N 24  
ARG CG  HG2  sing N N 25  
ARG CG  HG3  sing N N 26  
ARG CD  NE   sing N N 27  
ARG CD  HD2  sing N N 28  
ARG CD  HD3  sing N N 29  
ARG NE  CZ   sing N N 30  
ARG NE  HE   sing N N 31  
ARG CZ  NH1  sing N N 32  
ARG CZ  NH2  doub N N 33  
ARG NH1 HH11 sing N N 34  
ARG NH1 HH12 sing N N 35  
ARG NH2 HH21 sing N N 36  
ARG NH2 HH22 sing N N 37  
ARG OXT HXT  sing N N 38  
ASN N   CA   sing N N 39  
ASN N   H    sing N N 40  
ASN N   H2   sing N N 41  
ASN CA  C    sing N N 42  
ASN CA  CB   sing N N 43  
ASN CA  HA   sing N N 44  
ASN C   O    doub N N 45  
ASN C   OXT  sing N N 46  
ASN CB  CG   sing N N 47  
ASN CB  HB2  sing N N 48  
ASN CB  HB3  sing N N 49  
ASN CG  OD1  doub N N 50  
ASN CG  ND2  sing N N 51  
ASN ND2 HD21 sing N N 52  
ASN ND2 HD22 sing N N 53  
ASN OXT HXT  sing N N 54  
ASP N   CA   sing N N 55  
ASP N   H    sing N N 56  
ASP N   H2   sing N N 57  
ASP CA  C    sing N N 58  
ASP CA  CB   sing N N 59  
ASP CA  HA   sing N N 60  
ASP C   O    doub N N 61  
ASP C   OXT  sing N N 62  
ASP CB  CG   sing N N 63  
ASP CB  HB2  sing N N 64  
ASP CB  HB3  sing N N 65  
ASP CG  OD1  doub N N 66  
ASP CG  OD2  sing N N 67  
ASP OD2 HD2  sing N N 68  
ASP OXT HXT  sing N N 69  
GLN N   CA   sing N N 70  
GLN N   H    sing N N 71  
GLN N   H2   sing N N 72  
GLN CA  C    sing N N 73  
GLN CA  CB   sing N N 74  
GLN CA  HA   sing N N 75  
GLN C   O    doub N N 76  
GLN C   OXT  sing N N 77  
GLN CB  CG   sing N N 78  
GLN CB  HB2  sing N N 79  
GLN CB  HB3  sing N N 80  
GLN CG  CD   sing N N 81  
GLN CG  HG2  sing N N 82  
GLN CG  HG3  sing N N 83  
GLN CD  OE1  doub N N 84  
GLN CD  NE2  sing N N 85  
GLN NE2 HE21 sing N N 86  
GLN NE2 HE22 sing N N 87  
GLN OXT HXT  sing N N 88  
GLU N   CA   sing N N 89  
GLU N   H    sing N N 90  
GLU N   H2   sing N N 91  
GLU CA  C    sing N N 92  
GLU CA  CB   sing N N 93  
GLU CA  HA   sing N N 94  
GLU C   O    doub N N 95  
GLU C   OXT  sing N N 96  
GLU CB  CG   sing N N 97  
GLU CB  HB2  sing N N 98  
GLU CB  HB3  sing N N 99  
GLU CG  CD   sing N N 100 
GLU CG  HG2  sing N N 101 
GLU CG  HG3  sing N N 102 
GLU CD  OE1  doub N N 103 
GLU CD  OE2  sing N N 104 
GLU OE2 HE2  sing N N 105 
GLU OXT HXT  sing N N 106 
GLY N   CA   sing N N 107 
GLY N   H    sing N N 108 
GLY N   H2   sing N N 109 
GLY CA  C    sing N N 110 
GLY CA  HA2  sing N N 111 
GLY CA  HA3  sing N N 112 
GLY C   O    doub N N 113 
GLY C   OXT  sing N N 114 
GLY OXT HXT  sing N N 115 
GOL C1  O1   sing N N 116 
GOL C1  C2   sing N N 117 
GOL C1  H11  sing N N 118 
GOL C1  H12  sing N N 119 
GOL O1  HO1  sing N N 120 
GOL C2  O2   sing N N 121 
GOL C2  C3   sing N N 122 
GOL C2  H2   sing N N 123 
GOL O2  HO2  sing N N 124 
GOL C3  O3   sing N N 125 
GOL C3  H31  sing N N 126 
GOL C3  H32  sing N N 127 
GOL O3  HO3  sing N N 128 
HIS N   CA   sing N N 129 
HIS N   H    sing N N 130 
HIS N   H2   sing N N 131 
HIS CA  C    sing N N 132 
HIS CA  CB   sing N N 133 
HIS CA  HA   sing N N 134 
HIS C   O    doub N N 135 
HIS C   OXT  sing N N 136 
HIS CB  CG   sing N N 137 
HIS CB  HB2  sing N N 138 
HIS CB  HB3  sing N N 139 
HIS CG  ND1  sing Y N 140 
HIS CG  CD2  doub Y N 141 
HIS ND1 CE1  doub Y N 142 
HIS ND1 HD1  sing N N 143 
HIS CD2 NE2  sing Y N 144 
HIS CD2 HD2  sing N N 145 
HIS CE1 NE2  sing Y N 146 
HIS CE1 HE1  sing N N 147 
HIS NE2 HE2  sing N N 148 
HIS OXT HXT  sing N N 149 
HOH O   H1   sing N N 150 
HOH O   H2   sing N N 151 
ILE N   CA   sing N N 152 
ILE N   H    sing N N 153 
ILE N   H2   sing N N 154 
ILE CA  C    sing N N 155 
ILE CA  CB   sing N N 156 
ILE CA  HA   sing N N 157 
ILE C   O    doub N N 158 
ILE C   OXT  sing N N 159 
ILE CB  CG1  sing N N 160 
ILE CB  CG2  sing N N 161 
ILE CB  HB   sing N N 162 
ILE CG1 CD1  sing N N 163 
ILE CG1 HG12 sing N N 164 
ILE CG1 HG13 sing N N 165 
ILE CG2 HG21 sing N N 166 
ILE CG2 HG22 sing N N 167 
ILE CG2 HG23 sing N N 168 
ILE CD1 HD11 sing N N 169 
ILE CD1 HD12 sing N N 170 
ILE CD1 HD13 sing N N 171 
ILE OXT HXT  sing N N 172 
IPA C1  C2   sing N N 173 
IPA C1  H11  sing N N 174 
IPA C1  H12  sing N N 175 
IPA C1  H13  sing N N 176 
IPA C2  C3   sing N N 177 
IPA C2  O2   sing N N 178 
IPA C2  H2   sing N N 179 
IPA C3  H31  sing N N 180 
IPA C3  H32  sing N N 181 
IPA C3  H33  sing N N 182 
IPA O2  HO2  sing N N 183 
LEU N   CA   sing N N 184 
LEU N   H    sing N N 185 
LEU N   H2   sing N N 186 
LEU CA  C    sing N N 187 
LEU CA  CB   sing N N 188 
LEU CA  HA   sing N N 189 
LEU C   O    doub N N 190 
LEU C   OXT  sing N N 191 
LEU CB  CG   sing N N 192 
LEU CB  HB2  sing N N 193 
LEU CB  HB3  sing N N 194 
LEU CG  CD1  sing N N 195 
LEU CG  CD2  sing N N 196 
LEU CG  HG   sing N N 197 
LEU CD1 HD11 sing N N 198 
LEU CD1 HD12 sing N N 199 
LEU CD1 HD13 sing N N 200 
LEU CD2 HD21 sing N N 201 
LEU CD2 HD22 sing N N 202 
LEU CD2 HD23 sing N N 203 
LEU OXT HXT  sing N N 204 
LYS N   CA   sing N N 205 
LYS N   H    sing N N 206 
LYS N   H2   sing N N 207 
LYS CA  C    sing N N 208 
LYS CA  CB   sing N N 209 
LYS CA  HA   sing N N 210 
LYS C   O    doub N N 211 
LYS C   OXT  sing N N 212 
LYS CB  CG   sing N N 213 
LYS CB  HB2  sing N N 214 
LYS CB  HB3  sing N N 215 
LYS CG  CD   sing N N 216 
LYS CG  HG2  sing N N 217 
LYS CG  HG3  sing N N 218 
LYS CD  CE   sing N N 219 
LYS CD  HD2  sing N N 220 
LYS CD  HD3  sing N N 221 
LYS CE  NZ   sing N N 222 
LYS CE  HE2  sing N N 223 
LYS CE  HE3  sing N N 224 
LYS NZ  HZ1  sing N N 225 
LYS NZ  HZ2  sing N N 226 
LYS NZ  HZ3  sing N N 227 
LYS OXT HXT  sing N N 228 
MET N   CA   sing N N 229 
MET N   H    sing N N 230 
MET N   H2   sing N N 231 
MET CA  C    sing N N 232 
MET CA  CB   sing N N 233 
MET CA  HA   sing N N 234 
MET C   O    doub N N 235 
MET C   OXT  sing N N 236 
MET CB  CG   sing N N 237 
MET CB  HB2  sing N N 238 
MET CB  HB3  sing N N 239 
MET CG  SD   sing N N 240 
MET CG  HG2  sing N N 241 
MET CG  HG3  sing N N 242 
MET SD  CE   sing N N 243 
MET CE  HE1  sing N N 244 
MET CE  HE2  sing N N 245 
MET CE  HE3  sing N N 246 
MET OXT HXT  sing N N 247 
MSE N   CA   sing N N 248 
MSE N   H    sing N N 249 
MSE N   H2   sing N N 250 
MSE CA  C    sing N N 251 
MSE CA  CB   sing N N 252 
MSE CA  HA   sing N N 253 
MSE C   O    doub N N 254 
MSE C   OXT  sing N N 255 
MSE OXT HXT  sing N N 256 
MSE CB  CG   sing N N 257 
MSE CB  HB2  sing N N 258 
MSE CB  HB3  sing N N 259 
MSE CG  SE   sing N N 260 
MSE CG  HG2  sing N N 261 
MSE CG  HG3  sing N N 262 
MSE SE  CE   sing N N 263 
MSE CE  HE1  sing N N 264 
MSE CE  HE2  sing N N 265 
MSE CE  HE3  sing N N 266 
PHE N   CA   sing N N 267 
PHE N   H    sing N N 268 
PHE N   H2   sing N N 269 
PHE CA  C    sing N N 270 
PHE CA  CB   sing N N 271 
PHE CA  HA   sing N N 272 
PHE C   O    doub N N 273 
PHE C   OXT  sing N N 274 
PHE CB  CG   sing N N 275 
PHE CB  HB2  sing N N 276 
PHE CB  HB3  sing N N 277 
PHE CG  CD1  doub Y N 278 
PHE CG  CD2  sing Y N 279 
PHE CD1 CE1  sing Y N 280 
PHE CD1 HD1  sing N N 281 
PHE CD2 CE2  doub Y N 282 
PHE CD2 HD2  sing N N 283 
PHE CE1 CZ   doub Y N 284 
PHE CE1 HE1  sing N N 285 
PHE CE2 CZ   sing Y N 286 
PHE CE2 HE2  sing N N 287 
PHE CZ  HZ   sing N N 288 
PHE OXT HXT  sing N N 289 
PRO N   CA   sing N N 290 
PRO N   CD   sing N N 291 
PRO N   H    sing N N 292 
PRO CA  C    sing N N 293 
PRO CA  CB   sing N N 294 
PRO CA  HA   sing N N 295 
PRO C   O    doub N N 296 
PRO C   OXT  sing N N 297 
PRO CB  CG   sing N N 298 
PRO CB  HB2  sing N N 299 
PRO CB  HB3  sing N N 300 
PRO CG  CD   sing N N 301 
PRO CG  HG2  sing N N 302 
PRO CG  HG3  sing N N 303 
PRO CD  HD2  sing N N 304 
PRO CD  HD3  sing N N 305 
PRO OXT HXT  sing N N 306 
SER N   CA   sing N N 307 
SER N   H    sing N N 308 
SER N   H2   sing N N 309 
SER CA  C    sing N N 310 
SER CA  CB   sing N N 311 
SER CA  HA   sing N N 312 
SER C   O    doub N N 313 
SER C   OXT  sing N N 314 
SER CB  OG   sing N N 315 
SER CB  HB2  sing N N 316 
SER CB  HB3  sing N N 317 
SER OG  HG   sing N N 318 
SER OXT HXT  sing N N 319 
THR N   CA   sing N N 320 
THR N   H    sing N N 321 
THR N   H2   sing N N 322 
THR CA  C    sing N N 323 
THR CA  CB   sing N N 324 
THR CA  HA   sing N N 325 
THR C   O    doub N N 326 
THR C   OXT  sing N N 327 
THR CB  OG1  sing N N 328 
THR CB  CG2  sing N N 329 
THR CB  HB   sing N N 330 
THR OG1 HG1  sing N N 331 
THR CG2 HG21 sing N N 332 
THR CG2 HG22 sing N N 333 
THR CG2 HG23 sing N N 334 
THR OXT HXT  sing N N 335 
TRP N   CA   sing N N 336 
TRP N   H    sing N N 337 
TRP N   H2   sing N N 338 
TRP CA  C    sing N N 339 
TRP CA  CB   sing N N 340 
TRP CA  HA   sing N N 341 
TRP C   O    doub N N 342 
TRP C   OXT  sing N N 343 
TRP CB  CG   sing N N 344 
TRP CB  HB2  sing N N 345 
TRP CB  HB3  sing N N 346 
TRP CG  CD1  doub Y N 347 
TRP CG  CD2  sing Y N 348 
TRP CD1 NE1  sing Y N 349 
TRP CD1 HD1  sing N N 350 
TRP CD2 CE2  doub Y N 351 
TRP CD2 CE3  sing Y N 352 
TRP NE1 CE2  sing Y N 353 
TRP NE1 HE1  sing N N 354 
TRP CE2 CZ2  sing Y N 355 
TRP CE3 CZ3  doub Y N 356 
TRP CE3 HE3  sing N N 357 
TRP CZ2 CH2  doub Y N 358 
TRP CZ2 HZ2  sing N N 359 
TRP CZ3 CH2  sing Y N 360 
TRP CZ3 HZ3  sing N N 361 
TRP CH2 HH2  sing N N 362 
TRP OXT HXT  sing N N 363 
TYR N   CA   sing N N 364 
TYR N   H    sing N N 365 
TYR N   H2   sing N N 366 
TYR CA  C    sing N N 367 
TYR CA  CB   sing N N 368 
TYR CA  HA   sing N N 369 
TYR C   O    doub N N 370 
TYR C   OXT  sing N N 371 
TYR CB  CG   sing N N 372 
TYR CB  HB2  sing N N 373 
TYR CB  HB3  sing N N 374 
TYR CG  CD1  doub Y N 375 
TYR CG  CD2  sing Y N 376 
TYR CD1 CE1  sing Y N 377 
TYR CD1 HD1  sing N N 378 
TYR CD2 CE2  doub Y N 379 
TYR CD2 HD2  sing N N 380 
TYR CE1 CZ   doub Y N 381 
TYR CE1 HE1  sing N N 382 
TYR CE2 CZ   sing Y N 383 
TYR CE2 HE2  sing N N 384 
TYR CZ  OH   sing N N 385 
TYR OH  HH   sing N N 386 
TYR OXT HXT  sing N N 387 
VAL N   CA   sing N N 388 
VAL N   H    sing N N 389 
VAL N   H2   sing N N 390 
VAL CA  C    sing N N 391 
VAL CA  CB   sing N N 392 
VAL CA  HA   sing N N 393 
VAL C   O    doub N N 394 
VAL C   OXT  sing N N 395 
VAL CB  CG1  sing N N 396 
VAL CB  CG2  sing N N 397 
VAL CB  HB   sing N N 398 
VAL CG1 HG11 sing N N 399 
VAL CG1 HG12 sing N N 400 
VAL CG1 HG13 sing N N 401 
VAL CG2 HG21 sing N N 402 
VAL CG2 HG22 sing N N 403 
VAL CG2 HG23 sing N N 404 
VAL OXT HXT  sing N N 405 
# 
_atom_sites.entry_id                    1NJH 
_atom_sites.fract_transf_matrix[1][1]   -0.00734450 
_atom_sites.fract_transf_matrix[1][2]   -0.01269802 
_atom_sites.fract_transf_matrix[1][3]   0.00027912 
_atom_sites.fract_transf_matrix[2][1]   -0.01201098 
_atom_sites.fract_transf_matrix[2][2]   -0.00171067 
_atom_sites.fract_transf_matrix[2][3]   -0.00825091 
_atom_sites.fract_transf_matrix[3][1]   0.01816830 
_atom_sites.fract_transf_matrix[3][2]   -0.01103954 
_atom_sites.fract_transf_matrix[3][3]   -0.02415902 
_atom_sites.fract_transf_vector[1]      0.156211 
_atom_sites.fract_transf_vector[2]      0.404990 
_atom_sites.fract_transf_vector[3]      0.502032 
# 
loop_
_atom_type.symbol 
C  
N  
O  
SE 
# 
loop_
_atom_site.group_PDB 
_atom_site.id 
_atom_site.type_symbol 
_atom_site.label_atom_id 
_atom_site.label_alt_id 
_atom_site.label_comp_id 
_atom_site.label_asym_id 
_atom_site.label_entity_id 
_atom_site.label_seq_id 
_atom_site.pdbx_PDB_ins_code 
_atom_site.Cartn_x 
_atom_site.Cartn_y 
_atom_site.Cartn_z 
_atom_site.occupancy 
_atom_site.B_iso_or_equiv 
_atom_site.pdbx_formal_charge 
_atom_site.auth_seq_id 
_atom_site.auth_comp_id 
_atom_site.auth_asym_id 
_atom_site.auth_atom_id 
_atom_site.pdbx_PDB_model_num 
ATOM   1   N  N   . ASN A 1 2   ? -1.070  -8.585  -13.589 1.00 82.24  ? -1  ASN A N   1 
ATOM   2   C  CA  . ASN A 1 2   ? -2.431  -8.117  -13.196 1.00 81.61  ? -1  ASN A CA  1 
ATOM   3   C  C   . ASN A 1 2   ? -3.174  -9.097  -12.296 1.00 79.04  ? -1  ASN A C   1 
ATOM   4   O  O   . ASN A 1 2   ? -4.337  -9.418  -12.543 1.00 80.05  ? -1  ASN A O   1 
ATOM   5   C  CB  . ASN A 1 2   ? -3.272  -7.830  -14.444 1.00 84.09  ? -1  ASN A CB  1 
ATOM   6   C  CG  . ASN A 1 2   ? -3.107  -6.409  -14.942 1.00 86.23  ? -1  ASN A CG  1 
ATOM   7   O  OD1 . ASN A 1 2   ? -3.452  -5.455  -14.243 1.00 87.26  ? -1  ASN A OD1 1 
ATOM   8   N  ND2 . ASN A 1 2   ? -2.575  -6.259  -16.150 1.00 87.57  ? -1  ASN A ND2 1 
ATOM   9   N  N   . ALA A 1 3   ? -2.503  -9.573  -11.252 1.00 74.76  ? 0   ALA A N   1 
ATOM   10  C  CA  . ALA A 1 3   ? -3.129  -10.493 -10.312 1.00 69.59  ? 0   ALA A CA  1 
ATOM   11  C  C   . ALA A 1 3   ? -3.960  -9.641  -9.362  1.00 66.29  ? 0   ALA A C   1 
ATOM   12  O  O   . ALA A 1 3   ? -4.570  -10.148 -8.422  1.00 65.74  ? 0   ALA A O   1 
ATOM   13  C  CB  . ALA A 1 3   ? -2.067  -11.268 -9.539  1.00 69.49  ? 0   ALA A CB  1 
HETATM 14  N  N   . MSE A 1 4   ? -3.974  -8.336  -9.621  1.00 62.70  ? 1   MSE A N   1 
HETATM 15  C  CA  . MSE A 1 4   ? -4.732  -7.398  -8.804  1.00 58.62  ? 1   MSE A CA  1 
HETATM 16  C  C   . MSE A 1 4   ? -6.204  -7.770  -8.821  1.00 54.39  ? 1   MSE A C   1 
HETATM 17  O  O   . MSE A 1 4   ? -6.767  -8.071  -9.871  1.00 52.78  ? 1   MSE A O   1 
HETATM 18  C  CB  . MSE A 1 4   ? -4.578  -5.971  -9.338  1.00 61.70  ? 1   MSE A CB  1 
HETATM 19  C  CG  . MSE A 1 4   ? -3.187  -5.378  -9.219  1.00 65.69  ? 1   MSE A CG  1 
HETATM 20  SE SE  . MSE A 1 4   ? -2.636  -5.007  -7.401  0.80 67.97  ? 1   MSE A SE  1 
HETATM 21  C  CE  . MSE A 1 4   ? -1.090  -6.152  -7.351  1.00 69.35  ? 1   MSE A CE  1 
ATOM   22  N  N   . LYS A 1 5   ? -6.828  -7.723  -7.652  1.00 49.47  ? 2   LYS A N   1 
ATOM   23  C  CA  . LYS A 1 5   ? -8.237  -8.051  -7.517  1.00 46.12  ? 2   LYS A CA  1 
ATOM   24  C  C   . LYS A 1 5   ? -8.908  -7.020  -6.616  1.00 42.10  ? 2   LYS A C   1 
ATOM   25  O  O   . LYS A 1 5   ? -8.252  -6.404  -5.777  1.00 38.42  ? 2   LYS A O   1 
ATOM   26  C  CB  . LYS A 1 5   ? -8.382  -9.449  -6.911  1.00 50.24  ? 2   LYS A CB  1 
ATOM   27  C  CG  . LYS A 1 5   ? -9.815  -9.888  -6.675  1.00 57.02  ? 2   LYS A CG  1 
ATOM   28  C  CD  . LYS A 1 5   ? -9.873  -11.296 -6.094  1.00 61.39  ? 2   LYS A CD  1 
ATOM   29  C  CE  . LYS A 1 5   ? -11.312 -11.761 -5.917  1.00 63.83  ? 2   LYS A CE  1 
ATOM   30  N  NZ  . LYS A 1 5   ? -11.397 -13.170 -5.435  1.00 65.37  ? 2   LYS A NZ  1 
ATOM   31  N  N   . ALA A 1 6   ? -10.212 -6.832  -6.794  1.00 36.22  ? 3   ALA A N   1 
ATOM   32  C  CA  . ALA A 1 6   ? -10.961 -5.886  -5.983  1.00 33.22  ? 3   ALA A CA  1 
ATOM   33  C  C   . ALA A 1 6   ? -10.686 -6.144  -4.510  1.00 32.92  ? 3   ALA A C   1 
ATOM   34  O  O   . ALA A 1 6   ? -10.674 -7.294  -4.050  1.00 31.84  ? 3   ALA A O   1 
ATOM   35  C  CB  . ALA A 1 6   ? -12.447 -6.011  -6.267  1.00 35.22  ? 3   ALA A CB  1 
ATOM   36  N  N   . ILE A 1 7   ? -10.470 -5.068  -3.766  1.00 30.94  ? 4   ILE A N   1 
ATOM   37  C  CA  . ILE A 1 7   ? -10.168 -5.172  -2.343  1.00 30.85  ? 4   ILE A CA  1 
ATOM   38  C  C   . ILE A 1 7   ? -11.219 -5.831  -1.451  1.00 30.87  ? 4   ILE A C   1 
ATOM   39  O  O   . ILE A 1 7   ? -12.402 -5.490  -1.491  1.00 32.42  ? 4   ILE A O   1 
ATOM   40  C  CB  . ILE A 1 7   ? -9.843  -3.769  -1.754  1.00 29.28  ? 4   ILE A CB  1 
ATOM   41  C  CG1 . ILE A 1 7   ? -8.431  -3.363  -2.182  1.00 27.19  ? 4   ILE A CG1 1 
ATOM   42  C  CG2 . ILE A 1 7   ? -9.990  -3.770  -0.223  1.00 28.66  ? 4   ILE A CG2 1 
ATOM   43  C  CD1 . ILE A 1 7   ? -8.040  -1.966  -1.736  1.00 24.84  ? 4   ILE A CD1 1 
ATOM   44  N  N   . ILE A 1 8   ? -10.758 -6.790  -0.656  1.00 31.77  ? 5   ILE A N   1 
ATOM   45  C  CA  . ILE A 1 8   ? -11.601 -7.472  0.320   1.00 33.17  ? 5   ILE A CA  1 
ATOM   46  C  C   . ILE A 1 8   ? -11.047 -6.905  1.621   1.00 29.95  ? 5   ILE A C   1 
ATOM   47  O  O   . ILE A 1 8   ? -9.988  -7.322  2.099   1.00 27.48  ? 5   ILE A O   1 
ATOM   48  C  CB  . ILE A 1 8   ? -11.409 -9.003  0.298   1.00 33.97  ? 5   ILE A CB  1 
ATOM   49  C  CG1 . ILE A 1 8   ? -11.854 -9.563  -1.052  1.00 36.52  ? 5   ILE A CG1 1 
ATOM   50  C  CG2 . ILE A 1 8   ? -12.227 -9.640  1.416   1.00 32.60  ? 5   ILE A CG2 1 
ATOM   51  C  CD1 . ILE A 1 8   ? -11.571 -11.038 -1.223  1.00 37.20  ? 5   ILE A CD1 1 
ATOM   52  N  N   . LYS A 1 9   ? -11.758 -5.924  2.159   1.00 31.70  ? 6   LYS A N   1 
ATOM   53  C  CA  . LYS A 1 9   ? -11.359 -5.226  3.366   1.00 33.73  ? 6   LYS A CA  1 
ATOM   54  C  C   . LYS A 1 9   ? -10.754 -6.071  4.476   1.00 34.92  ? 6   LYS A C   1 
ATOM   55  O  O   . LYS A 1 9   ? -9.662  -5.773  4.964   1.00 34.98  ? 6   LYS A O   1 
ATOM   56  C  CB  . LYS A 1 9   ? -12.549 -4.449  3.902   1.00 34.05  ? 6   LYS A CB  1 
ATOM   57  C  CG  . LYS A 1 9   ? -12.167 -3.262  4.748   1.00 34.93  ? 6   LYS A CG  1 
ATOM   58  C  CD  . LYS A 1 9   ? -13.406 -2.516  5.171   1.00 35.38  ? 6   LYS A CD  1 
ATOM   59  C  CE  . LYS A 1 9   ? -13.072 -1.336  6.049   1.00 37.35  ? 6   LYS A CE  1 
ATOM   60  N  NZ  . LYS A 1 9   ? -14.314 -0.620  6.432   1.00 39.22  ? 6   LYS A NZ  1 
ATOM   61  N  N   . GLU A 1 10  ? -11.452 -7.127  4.883   1.00 32.13  ? 7   GLU A N   1 
ATOM   62  C  CA  . GLU A 1 10  ? -10.952 -7.977  5.956   1.00 34.15  ? 7   GLU A CA  1 
ATOM   63  C  C   . GLU A 1 10  ? -9.648  -8.707  5.652   1.00 31.43  ? 7   GLU A C   1 
ATOM   64  O  O   . GLU A 1 10  ? -8.837  -8.928  6.565   1.00 29.52  ? 7   GLU A O   1 
ATOM   65  C  CB  . GLU A 1 10  ? -12.028 -8.988  6.370   1.00 39.77  ? 7   GLU A CB  1 
ATOM   66  C  CG  . GLU A 1 10  ? -13.065 -8.449  7.354   1.00 49.15  ? 7   GLU A CG  1 
ATOM   67  C  CD  . GLU A 1 10  ? -13.854 -7.267  6.815   1.00 55.34  ? 7   GLU A CD  1 
ATOM   68  O  OE1 . GLU A 1 10  ? -13.250 -6.203  6.568   1.00 62.07  ? 7   GLU A OE1 1 
ATOM   69  O  OE2 . GLU A 1 10  ? -15.084 -7.401  6.640   1.00 59.14  ? 7   GLU A OE2 1 
ATOM   70  N  N   . ASP A 1 11  ? -9.443  -9.084  4.387   1.00 31.93  ? 8   ASP A N   1 
ATOM   71  C  CA  . ASP A 1 11  ? -8.230  -9.797  3.981   1.00 30.46  ? 8   ASP A CA  1 
ATOM   72  C  C   . ASP A 1 11  ? -7.040  -8.842  4.006   1.00 28.74  ? 8   ASP A C   1 
ATOM   73  O  O   . ASP A 1 11  ? -5.949  -9.212  4.439   1.00 28.14  ? 8   ASP A O   1 
ATOM   74  C  CB  . ASP A 1 11  ? -8.384  -10.394 2.570   1.00 32.12  ? 8   ASP A CB  1 
ATOM   75  C  CG  . ASP A 1 11  ? -7.327  -11.464 2.253   1.00 31.06  ? 8   ASP A CG  1 
ATOM   76  O  OD1 . ASP A 1 11  ? -6.853  -11.516 1.095   1.00 31.68  ? 8   ASP A OD1 1 
ATOM   77  O  OD2 . ASP A 1 11  ? -6.977  -12.270 3.151   1.00 35.52  ? 8   ASP A OD2 1 
ATOM   78  N  N   . VAL A 1 12  ? -7.251  -7.611  3.551   1.00 29.00  ? 9   VAL A N   1 
ATOM   79  C  CA  . VAL A 1 12  ? -6.178  -6.613  3.556   1.00 26.13  ? 9   VAL A CA  1 
ATOM   80  C  C   . VAL A 1 12  ? -5.803  -6.299  4.999   1.00 25.94  ? 9   VAL A C   1 
ATOM   81  O  O   . VAL A 1 12  ? -4.617  -6.240  5.344   1.00 24.03  ? 9   VAL A O   1 
ATOM   82  C  CB  . VAL A 1 12  ? -6.608  -5.307  2.856   1.00 25.87  ? 9   VAL A CB  1 
ATOM   83  C  CG1 . VAL A 1 12  ? -5.551  -4.231  3.089   1.00 22.90  ? 9   VAL A CG1 1 
ATOM   84  C  CG2 . VAL A 1 12  ? -6.770  -5.543  1.370   1.00 25.94  ? 9   VAL A CG2 1 
ATOM   85  N  N   . GLN A 1 13  ? -6.816  -6.113  5.844   1.00 24.44  ? 10  GLN A N   1 
ATOM   86  C  CA  . GLN A 1 13  ? -6.573  -5.818  7.250   1.00 25.11  ? 10  GLN A CA  1 
ATOM   87  C  C   . GLN A 1 13  ? -5.731  -6.926  7.868   1.00 25.48  ? 10  GLN A C   1 
ATOM   88  O  O   . GLN A 1 13  ? -4.781  -6.663  8.597   1.00 26.32  ? 10  GLN A O   1 
ATOM   89  C  CB  . GLN A 1 13  ? -7.888  -5.689  8.021   1.00 23.86  ? 10  GLN A CB  1 
ATOM   90  C  CG  . GLN A 1 13  ? -7.681  -5.380  9.498   1.00 24.23  ? 10  GLN A CG  1 
ATOM   91  C  CD  . GLN A 1 13  ? -7.011  -4.030  9.724   1.00 24.11  ? 10  GLN A CD  1 
ATOM   92  O  OE1 . GLN A 1 13  ? -7.418  -3.014  9.147   1.00 23.60  ? 10  GLN A OE1 1 
ATOM   93  N  NE2 . GLN A 1 13  ? -5.993  -4.010  10.574  1.00 26.97  ? 10  GLN A NE2 1 
ATOM   94  N  N   . ALA A 1 14  ? -6.082  -8.173  7.577   1.00 29.28  ? 11  ALA A N   1 
ATOM   95  C  CA  . ALA A 1 14  ? -5.329  -9.299  8.113   1.00 29.91  ? 11  ALA A CA  1 
ATOM   96  C  C   . ALA A 1 14  ? -3.892  -9.272  7.600   1.00 29.19  ? 11  ALA A C   1 
ATOM   97  O  O   . ALA A 1 14  ? -2.956  -9.602  8.322   1.00 28.86  ? 11  ALA A O   1 
ATOM   98  C  CB  . ALA A 1 14  ? -6.001  -10.613 7.721   1.00 32.54  ? 11  ALA A CB  1 
ATOM   99  N  N   . SER A 1 15  ? -3.719  -8.875  6.345   1.00 27.37  ? 12  SER A N   1 
ATOM   100 C  CA  . SER A 1 15  ? -2.388  -8.812  5.749   1.00 25.92  ? 12  SER A CA  1 
ATOM   101 C  C   . SER A 1 15  ? -1.548  -7.687  6.367   1.00 24.56  ? 12  SER A C   1 
ATOM   102 O  O   . SER A 1 15  ? -0.346  -7.846  6.602   1.00 22.00  ? 12  SER A O   1 
ATOM   103 C  CB  . SER A 1 15  ? -2.508  -8.603  4.235   1.00 30.84  ? 12  SER A CB  1 
ATOM   104 O  OG  . SER A 1 15  ? -1.231  -8.609  3.617   1.00 37.79  ? 12  SER A OG  1 
ATOM   105 N  N   . LEU A 1 16  ? -2.181  -6.548  6.634   1.00 23.24  ? 13  LEU A N   1 
ATOM   106 C  CA  . LEU A 1 16  ? -1.465  -5.427  7.232   1.00 23.34  ? 13  LEU A CA  1 
ATOM   107 C  C   . LEU A 1 16  ? -0.953  -5.794  8.620   1.00 24.41  ? 13  LEU A C   1 
ATOM   108 O  O   . LEU A 1 16  ? 0.194   -5.518  8.958   1.00 23.20  ? 13  LEU A O   1 
ATOM   109 C  CB  . LEU A 1 16  ? -2.364  -4.186  7.325   1.00 20.85  ? 13  LEU A CB  1 
ATOM   110 C  CG  . LEU A 1 16  ? -2.806  -3.498  6.025   1.00 18.78  ? 13  LEU A CG  1 
ATOM   111 C  CD1 . LEU A 1 16  ? -3.908  -2.472  6.338   1.00 20.06  ? 13  LEU A CD1 1 
ATOM   112 C  CD2 . LEU A 1 16  ? -1.630  -2.786  5.352   1.00 16.22  ? 13  LEU A CD2 1 
ATOM   113 N  N   . GLU A 1 17  ? -1.799  -6.425  9.431   1.00 26.64  ? 14  GLU A N   1 
ATOM   114 C  CA  . GLU A 1 17  ? -1.396  -6.800  10.781  1.00 27.81  ? 14  GLU A CA  1 
ATOM   115 C  C   . GLU A 1 17  ? -0.249  -7.805  10.744  1.00 28.96  ? 14  GLU A C   1 
ATOM   116 O  O   . GLU A 1 17  ? 0.540   -7.904  11.682  1.00 30.11  ? 14  GLU A O   1 
ATOM   117 C  CB  . GLU A 1 17  ? -2.611  -7.363  11.529  1.00 26.54  ? 14  GLU A CB  1 
ATOM   118 C  CG  . GLU A 1 17  ? -3.782  -6.409  11.438  1.00 29.04  ? 14  GLU A CG  1 
ATOM   119 C  CD  . GLU A 1 17  ? -5.046  -6.898  12.106  1.00 33.37  ? 14  GLU A CD  1 
ATOM   120 O  OE1 . GLU A 1 17  ? -5.288  -8.125  12.117  1.00 36.45  ? 14  GLU A OE1 1 
ATOM   121 O  OE2 . GLU A 1 17  ? -5.815  -6.041  12.591  1.00 32.97  ? 14  GLU A OE2 1 
ATOM   122 N  N   A ARG A 1 18  ? -0.154  -8.536  9.640   0.50 29.26  ? 15  ARG A N   1 
ATOM   123 N  N   B ARG A 1 18  ? -0.159  -8.533  9.640   0.50 29.66  ? 15  ARG A N   1 
ATOM   124 C  CA  A ARG A 1 18  ? 0.886   -9.540  9.455   0.50 31.76  ? 15  ARG A CA  1 
ATOM   125 C  CA  B ARG A 1 18  ? 0.884   -9.528  9.446   0.50 32.40  ? 15  ARG A CA  1 
ATOM   126 C  C   A ARG A 1 18  ? 2.288   -8.920  9.407   0.50 30.09  ? 15  ARG A C   1 
ATOM   127 C  C   B ARG A 1 18  ? 2.273   -8.886  9.467   0.50 30.46  ? 15  ARG A C   1 
ATOM   128 O  O   A ARG A 1 18  ? 3.252   -9.516  9.890   0.47 31.87  ? 15  ARG A O   1 
ATOM   129 O  O   B ARG A 1 18  ? 3.206   -9.422  10.067  0.53 32.14  ? 15  ARG A O   1 
ATOM   130 C  CB  A ARG A 1 18  ? 0.596   -10.327 8.176   0.50 35.30  ? 15  ARG A CB  1 
ATOM   131 C  CB  B ARG A 1 18  ? 0.664   -10.228 8.104   0.50 36.84  ? 15  ARG A CB  1 
ATOM   132 C  CG  A ARG A 1 18  ? 1.372   -11.620 8.023   0.50 39.29  ? 15  ARG A CG  1 
ATOM   133 C  CG  B ARG A 1 18  ? 1.629   -11.357 7.788   0.50 42.03  ? 15  ARG A CG  1 
ATOM   134 C  CD  A ARG A 1 18  ? 0.576   -12.581 7.158   0.59 42.21  ? 15  ARG A CD  1 
ATOM   135 C  CD  B ARG A 1 18  ? 1.530   -11.722 6.313   0.41 46.80  ? 15  ARG A CD  1 
ATOM   136 N  NE  A ARG A 1 18  ? -0.646  -13.007 7.833   0.53 45.29  ? 15  ARG A NE  1 
ATOM   137 N  NE  B ARG A 1 18  ? 0.141   -11.877 5.885   0.47 49.87  ? 15  ARG A NE  1 
ATOM   138 C  CZ  A ARG A 1 18  ? -1.765  -13.365 7.212   0.42 47.08  ? 15  ARG A CZ  1 
ATOM   139 C  CZ  B ARG A 1 18  ? -0.250  -11.956 4.617   0.58 51.30  ? 15  ARG A CZ  1 
ATOM   140 N  NH1 A ARG A 1 18  ? -1.827  -13.345 5.888   0.45 47.61  ? 15  ARG A NH1 1 
ATOM   141 N  NH1 B ARG A 1 18  ? 0.645   -11.895 3.640   0.55 52.51  ? 15  ARG A NH1 1 
ATOM   142 N  NH2 A ARG A 1 18  ? -2.824  -13.745 7.915   0.44 47.55  ? 15  ARG A NH2 1 
ATOM   143 N  NH2 B ARG A 1 18  ? -1.537  -12.090 4.325   0.56 51.79  ? 15  ARG A NH2 1 
ATOM   144 N  N   . TYR A 1 19  ? 2.398   -7.728  8.822   1.00 27.53  ? 16  TYR A N   1 
ATOM   145 C  CA  . TYR A 1 19  ? 3.676   -7.020  8.728   1.00 25.62  ? 16  TYR A CA  1 
ATOM   146 C  C   . TYR A 1 19  ? 3.933   -6.027  9.855   1.00 25.57  ? 16  TYR A C   1 
ATOM   147 O  O   . TYR A 1 19  ? 4.963   -5.357  9.857   1.00 26.36  ? 16  TYR A O   1 
ATOM   148 C  CB  . TYR A 1 19  ? 3.775   -6.247  7.406   1.00 24.95  ? 16  TYR A CB  1 
ATOM   149 C  CG  . TYR A 1 19  ? 3.612   -7.077  6.162   1.00 30.87  ? 16  TYR A CG  1 
ATOM   150 C  CD1 . TYR A 1 19  ? 4.662   -7.841  5.659   1.00 35.37  ? 16  TYR A CD1 1 
ATOM   151 C  CD2 . TYR A 1 19  ? 2.394   -7.104  5.486   1.00 32.26  ? 16  TYR A CD2 1 
ATOM   152 C  CE1 . TYR A 1 19  ? 4.497   -8.615  4.503   1.00 36.04  ? 16  TYR A CE1 1 
ATOM   153 C  CE2 . TYR A 1 19  ? 2.219   -7.870  4.344   1.00 37.44  ? 16  TYR A CE2 1 
ATOM   154 C  CZ  . TYR A 1 19  ? 3.271   -8.623  3.858   1.00 36.79  ? 16  TYR A CZ  1 
ATOM   155 O  OH  . TYR A 1 19  ? 3.069   -9.398  2.739   1.00 41.39  ? 16  TYR A OH  1 
ATOM   156 N  N   . ALA A 1 20  ? 3.006   -5.912  10.802  1.00 25.36  ? 17  ALA A N   1 
ATOM   157 C  CA  . ALA A 1 20  ? 3.192   -4.976  11.909  1.00 26.24  ? 17  ALA A CA  1 
ATOM   158 C  C   . ALA A 1 20  ? 4.253   -5.447  12.903  1.00 24.60  ? 17  ALA A C   1 
ATOM   159 O  O   . ALA A 1 20  ? 4.441   -6.647  13.101  1.00 29.88  ? 17  ALA A O   1 
ATOM   160 C  CB  . ALA A 1 20  ? 1.865   -4.760  12.637  1.00 22.76  ? 17  ALA A CB  1 
ATOM   161 N  N   . ASP A 1 21  ? 4.957   -4.485  13.493  1.00 26.59  ? 18  ASP A N   1 
ATOM   162 C  CA  . ASP A 1 21  ? 5.971   -4.702  14.519  1.00 26.83  ? 18  ASP A CA  1 
ATOM   163 C  C   . ASP A 1 21  ? 7.340   -5.230  14.132  1.00 27.66  ? 18  ASP A C   1 
ATOM   164 O  O   . ASP A 1 21  ? 8.145   -5.588  14.995  1.00 29.04  ? 18  ASP A O   1 
ATOM   165 C  CB  . ASP A 1 21  ? 5.369   -5.546  15.649  1.00 27.67  ? 18  ASP A CB  1 
ATOM   166 C  CG  . ASP A 1 21  ? 4.152   -4.879  16.260  1.00 28.53  ? 18  ASP A CG  1 
ATOM   167 O  OD1 . ASP A 1 21  ? 4.241   -3.671  16.548  1.00 28.17  ? 18  ASP A OD1 1 
ATOM   168 O  OD2 . ASP A 1 21  ? 3.113   -5.551  16.444  1.00 33.46  ? 18  ASP A OD2 1 
ATOM   169 N  N   . ARG A 1 22  ? 7.609   -5.279  12.838  1.00 27.70  ? 19  ARG A N   1 
ATOM   170 C  CA  . ARG A 1 22  ? 8.919   -5.700  12.371  1.00 28.37  ? 19  ARG A CA  1 
ATOM   171 C  C   . ARG A 1 22  ? 9.257   -4.812  11.183  1.00 29.42  ? 19  ARG A C   1 
ATOM   172 O  O   . ARG A 1 22  ? 8.361   -4.305  10.502  1.00 26.55  ? 19  ARG A O   1 
ATOM   173 C  CB  . ARG A 1 22  ? 8.927   -7.174  11.967  1.00 32.03  ? 19  ARG A CB  1 
ATOM   174 C  CG  . ARG A 1 22  ? 8.110   -7.538  10.743  1.00 35.61  ? 19  ARG A CG  1 
ATOM   175 C  CD  . ARG A 1 22  ? 8.607   -8.872  10.198  1.00 39.73  ? 19  ARG A CD  1 
ATOM   176 N  NE  . ARG A 1 22  ? 7.751   -9.411  9.152   1.00 43.06  ? 19  ARG A NE  1 
ATOM   177 C  CZ  . ARG A 1 22  ? 6.488   -9.774  9.346   1.00 44.49  ? 19  ARG A CZ  1 
ATOM   178 N  NH1 . ARG A 1 22  ? 5.946   -9.649  10.550  1.00 46.63  ? 19  ARG A NH1 1 
ATOM   179 N  NH2 . ARG A 1 22  ? 5.770   -10.259 8.340   1.00 44.55  ? 19  ARG A NH2 1 
ATOM   180 N  N   . PRO A 1 23  ? 10.554  -4.598  10.927  1.00 28.76  ? 20  PRO A N   1 
ATOM   181 C  CA  . PRO A 1 23  ? 10.998  -3.755  9.813   1.00 28.04  ? 20  PRO A CA  1 
ATOM   182 C  C   . PRO A 1 23  ? 10.513  -4.253  8.462   1.00 25.91  ? 20  PRO A C   1 
ATOM   183 O  O   . PRO A 1 23  ? 10.660  -5.430  8.143   1.00 28.41  ? 20  PRO A O   1 
ATOM   184 C  CB  . PRO A 1 23  ? 12.521  -3.817  9.923   1.00 30.48  ? 20  PRO A CB  1 
ATOM   185 C  CG  . PRO A 1 23  ? 12.749  -4.034  11.396  1.00 31.94  ? 20  PRO A CG  1 
ATOM   186 C  CD  . PRO A 1 23  ? 11.704  -5.067  11.719  1.00 32.42  ? 20  PRO A CD  1 
ATOM   187 N  N   . VAL A 1 24  ? 9.920   -3.361  7.675   1.00 19.59  ? 21  VAL A N   1 
ATOM   188 C  CA  . VAL A 1 24  ? 9.460   -3.721  6.342   1.00 21.13  ? 21  VAL A CA  1 
ATOM   189 C  C   . VAL A 1 24  ? 9.837   -2.610  5.382   1.00 18.75  ? 21  VAL A C   1 
ATOM   190 O  O   . VAL A 1 24  ? 10.237  -1.526  5.801   1.00 18.60  ? 21  VAL A O   1 
ATOM   191 C  CB  . VAL A 1 24  ? 7.926   -3.961  6.290   1.00 22.68  ? 21  VAL A CB  1 
ATOM   192 C  CG1 . VAL A 1 24  ? 7.583   -5.186  7.125   1.00 24.18  ? 21  VAL A CG1 1 
ATOM   193 C  CG2 . VAL A 1 24  ? 7.165   -2.723  6.775   1.00 22.94  ? 21  VAL A CG2 1 
ATOM   194 N  N   . TYR A 1 25  ? 9.763   -2.906  4.092   1.00 19.14  ? 22  TYR A N   1 
ATOM   195 C  CA  . TYR A 1 25  ? 10.080  -1.914  3.084   1.00 17.26  ? 22  TYR A CA  1 
ATOM   196 C  C   . TYR A 1 25  ? 8.780   -1.448  2.460   1.00 15.19  ? 22  TYR A C   1 
ATOM   197 O  O   . TYR A 1 25  ? 7.872   -2.244  2.227   1.00 16.05  ? 22  TYR A O   1 
ATOM   198 C  CB  . TYR A 1 25  ? 10.976  -2.520  2.004   1.00 18.83  ? 22  TYR A CB  1 
ATOM   199 C  CG  . TYR A 1 25  ? 12.368  -2.808  2.503   1.00 20.65  ? 22  TYR A CG  1 
ATOM   200 C  CD1 . TYR A 1 25  ? 12.663  -4.014  3.138   1.00 22.88  ? 22  TYR A CD1 1 
ATOM   201 C  CD2 . TYR A 1 25  ? 13.381  -1.864  2.370   1.00 23.58  ? 22  TYR A CD2 1 
ATOM   202 C  CE1 . TYR A 1 25  ? 13.937  -4.273  3.624   1.00 23.37  ? 22  TYR A CE1 1 
ATOM   203 C  CE2 . TYR A 1 25  ? 14.660  -2.111  2.860   1.00 25.58  ? 22  TYR A CE2 1 
ATOM   204 C  CZ  . TYR A 1 25  ? 14.927  -3.319  3.482   1.00 26.81  ? 22  TYR A CZ  1 
ATOM   205 O  OH  . TYR A 1 25  ? 16.192  -3.581  3.953   1.00 28.75  ? 22  TYR A OH  1 
ATOM   206 N  N   . ILE A 1 26  ? 8.702   -0.159  2.162   1.00 14.82  ? 23  ILE A N   1 
ATOM   207 C  CA  . ILE A 1 26  ? 7.506   0.393   1.572   1.00 15.55  ? 23  ILE A CA  1 
ATOM   208 C  C   . ILE A 1 26  ? 7.742   1.113   0.236   1.00 13.19  ? 23  ILE A C   1 
ATOM   209 O  O   . ILE A 1 26  ? 8.781   1.766   0.029   1.00 16.02  ? 23  ILE A O   1 
ATOM   210 C  CB  . ILE A 1 26  ? 6.839   1.384   2.589   1.00 19.90  ? 23  ILE A CB  1 
ATOM   211 C  CG1 . ILE A 1 26  ? 6.302   0.579   3.785   1.00 23.35  ? 23  ILE A CG1 1 
ATOM   212 C  CG2 . ILE A 1 26  ? 5.744   2.215   1.908   1.00 23.88  ? 23  ILE A CG2 1 
ATOM   213 C  CD1 . ILE A 1 26  ? 5.446   1.339   4.726   1.00 32.55  ? 23  ILE A CD1 1 
ATOM   214 N  N   . HIS A 1 27  ? 6.796   0.933   -0.676  1.00 15.07  ? 24  HIS A N   1 
ATOM   215 C  CA  . HIS A 1 27  ? 6.805   1.648   -1.934  1.00 15.30  ? 24  HIS A CA  1 
ATOM   216 C  C   . HIS A 1 27  ? 5.482   2.426   -1.905  1.00 16.88  ? 24  HIS A C   1 
ATOM   217 O  O   . HIS A 1 27  ? 4.419   1.826   -1.715  1.00 15.28  ? 24  HIS A O   1 
ATOM   218 C  CB  . HIS A 1 27  ? 6.804   0.718   -3.149  1.00 16.72  ? 24  HIS A CB  1 
ATOM   219 C  CG  . HIS A 1 27  ? 6.874   1.463   -4.444  1.00 20.21  ? 24  HIS A CG  1 
ATOM   220 N  ND1 . HIS A 1 27  ? 5.754   1.870   -5.138  1.00 23.46  ? 24  HIS A ND1 1 
ATOM   221 C  CD2 . HIS A 1 27  ? 7.935   1.967   -5.115  1.00 23.33  ? 24  HIS A CD2 1 
ATOM   222 C  CE1 . HIS A 1 27  ? 6.126   2.593   -6.182  1.00 20.14  ? 24  HIS A CE1 1 
ATOM   223 N  NE2 . HIS A 1 27  ? 7.443   2.667   -6.189  1.00 27.34  ? 24  HIS A NE2 1 
ATOM   224 N  N   . LEU A 1 28  ? 5.542   3.748   -2.067  1.00 13.41  ? 25  LEU A N   1 
ATOM   225 C  CA  . LEU A 1 28  ? 4.347   4.594   -2.069  1.00 15.35  ? 25  LEU A CA  1 
ATOM   226 C  C   . LEU A 1 28  ? 4.546   5.563   -3.206  1.00 15.93  ? 25  LEU A C   1 
ATOM   227 O  O   . LEU A 1 28  ? 5.508   6.329   -3.213  1.00 17.36  ? 25  LEU A O   1 
ATOM   228 C  CB  . LEU A 1 28  ? 4.214   5.355   -0.754  1.00 16.60  ? 25  LEU A CB  1 
ATOM   229 C  CG  . LEU A 1 28  ? 3.022   6.320   -0.683  1.00 20.38  ? 25  LEU A CG  1 
ATOM   230 C  CD1 . LEU A 1 28  ? 1.709   5.557   -0.821  1.00 20.56  ? 25  LEU A CD1 1 
ATOM   231 C  CD2 . LEU A 1 28  ? 3.080   7.089   0.631   1.00 20.91  ? 25  LEU A CD2 1 
ATOM   232 N  N   . GLU A 1 29  ? 3.629   5.534   -4.160  1.00 15.67  ? 26  GLU A N   1 
ATOM   233 C  CA  . GLU A 1 29  ? 3.763   6.362   -5.349  1.00 14.92  ? 26  GLU A CA  1 
ATOM   234 C  C   . GLU A 1 29  ? 2.416   6.880   -5.854  1.00 18.05  ? 26  GLU A C   1 
ATOM   235 O  O   . GLU A 1 29  ? 1.394   6.193   -5.752  1.00 18.18  ? 26  GLU A O   1 
ATOM   236 C  CB  . GLU A 1 29  ? 4.456   5.507   -6.432  1.00 19.38  ? 26  GLU A CB  1 
ATOM   237 C  CG  . GLU A 1 29  ? 4.455   6.083   -7.854  1.00 24.94  ? 26  GLU A CG  1 
ATOM   238 C  CD  . GLU A 1 29  ? 5.192   5.189   -8.862  1.00 29.65  ? 26  GLU A CD  1 
ATOM   239 O  OE1 . GLU A 1 29  ? 5.308   3.964   -8.630  1.00 25.22  ? 26  GLU A OE1 1 
ATOM   240 O  OE2 . GLU A 1 29  ? 5.650   5.711   -9.908  1.00 33.31  ? 26  GLU A OE2 1 
ATOM   241 N  N   . THR A 1 30  ? 2.431   8.097   -6.387  1.00 15.39  ? 27  THR A N   1 
ATOM   242 C  CA  . THR A 1 30  ? 1.236   8.716   -6.962  1.00 19.61  ? 27  THR A CA  1 
ATOM   243 C  C   . THR A 1 30  ? 1.626   9.219   -8.346  1.00 21.73  ? 27  THR A C   1 
ATOM   244 O  O   . THR A 1 30  ? 2.685   9.814   -8.526  1.00 20.90  ? 27  THR A O   1 
ATOM   245 C  CB  . THR A 1 30  ? 0.692   9.913   -6.110  1.00 25.23  ? 27  THR A CB  1 
ATOM   246 O  OG1 . THR A 1 30  ? 1.724   10.876  -5.876  1.00 23.73  ? 27  THR A OG1 1 
ATOM   247 C  CG2 . THR A 1 30  ? 0.180   9.419   -4.785  1.00 22.35  ? 27  THR A CG2 1 
ATOM   248 N  N   . THR A 1 31  ? 0.761   8.974   -9.318  1.00 22.95  ? 28  THR A N   1 
ATOM   249 C  CA  . THR A 1 31  ? 1.020   9.380   -10.697 1.00 28.81  ? 28  THR A CA  1 
ATOM   250 C  C   . THR A 1 31  ? -0.204  10.091  -11.267 1.00 30.19  ? 28  THR A C   1 
ATOM   251 O  O   . THR A 1 31  ? -1.300  9.972   -10.725 1.00 24.12  ? 28  THR A O   1 
ATOM   252 C  CB  . THR A 1 31  ? 1.315   8.156   -11.570 1.00 29.25  ? 28  THR A CB  1 
ATOM   253 O  OG1 . THR A 1 31  ? 0.234   7.224   -11.445 1.00 32.30  ? 28  THR A OG1 1 
ATOM   254 C  CG2 . THR A 1 31  ? 2.607   7.481   -11.131 1.00 30.56  ? 28  THR A CG2 1 
ATOM   255 N  N   . THR A 1 32  ? -0.010  10.825  -12.361 1.00 35.76  ? 29  THR A N   1 
ATOM   256 C  CA  . THR A 1 32  ? -1.108  11.545  -13.002 1.00 43.23  ? 29  THR A CA  1 
ATOM   257 C  C   . THR A 1 32  ? -0.935  11.588  -14.515 1.00 46.60  ? 29  THR A C   1 
ATOM   258 O  O   . THR A 1 32  ? 0.066   11.113  -15.051 1.00 47.88  ? 29  THR A O   1 
ATOM   259 C  CB  . THR A 1 32  ? -1.209  13.000  -12.505 1.00 43.73  ? 29  THR A CB  1 
ATOM   260 O  OG1 . THR A 1 32  ? -0.038  13.725  -12.900 1.00 44.67  ? 29  THR A OG1 1 
ATOM   261 C  CG2 . THR A 1 32  ? -1.338  13.033  -10.994 1.00 47.07  ? 29  THR A CG2 1 
ATOM   262 N  N   . GLY A 1 33  ? -1.916  12.169  -15.199 1.00 51.25  ? 30  GLY A N   1 
ATOM   263 C  CA  . GLY A 1 33  ? -1.854  12.272  -16.646 1.00 53.99  ? 30  GLY A CA  1 
ATOM   264 C  C   . GLY A 1 33  ? -1.823  13.713  -17.118 1.00 56.00  ? 30  GLY A C   1 
ATOM   265 O  O   . GLY A 1 33  ? -1.460  14.620  -16.368 1.00 57.25  ? 30  GLY A O   1 
HETATM 266 N  N   . MSE A 1 44  ? 1.786   7.397   -17.434 1.00 83.15  ? 41  MSE A N   1 
HETATM 267 C  CA  . MSE A 1 44  ? 1.491   8.572   -16.623 1.00 81.98  ? 41  MSE A CA  1 
HETATM 268 C  C   . MSE A 1 44  ? 2.751   9.115   -15.957 1.00 76.80  ? 41  MSE A C   1 
HETATM 269 O  O   . MSE A 1 44  ? 3.706   8.374   -15.713 1.00 76.93  ? 41  MSE A O   1 
HETATM 270 C  CB  . MSE A 1 44  ? 0.457   8.228   -15.552 1.00 88.79  ? 41  MSE A CB  1 
HETATM 271 C  CG  . MSE A 1 44  ? -0.867  7.753   -16.111 1.00 96.38  ? 41  MSE A CG  1 
HETATM 272 SE SE  . MSE A 1 44  ? -2.176  7.462   -14.729 0.45 102.58 ? 41  MSE A SE  1 
HETATM 273 C  CE  . MSE A 1 44  ? -3.072  9.166   -14.797 1.00 104.59 ? 41  MSE A CE  1 
ATOM   274 N  N   . THR A 1 45  ? 2.749   10.412  -15.665 1.00 69.25  ? 42  THR A N   1 
ATOM   275 C  CA  . THR A 1 45  ? 3.898   11.050  -15.033 1.00 61.36  ? 42  THR A CA  1 
ATOM   276 C  C   . THR A 1 45  ? 3.885   10.845  -13.520 1.00 55.24  ? 42  THR A C   1 
ATOM   277 O  O   . THR A 1 45  ? 2.836   10.931  -12.880 1.00 52.50  ? 42  THR A O   1 
ATOM   278 C  CB  . THR A 1 45  ? 3.924   12.562  -15.333 1.00 62.88  ? 42  THR A CB  1 
ATOM   279 O  OG1 . THR A 1 45  ? 2.716   13.168  -14.860 1.00 64.16  ? 42  THR A OG1 1 
ATOM   280 C  CG2 . THR A 1 45  ? 4.053   12.800  -16.828 1.00 63.26  ? 42  THR A CG2 1 
ATOM   281 N  N   . VAL A 1 46  ? 5.055   10.563  -12.955 1.00 47.66  ? 43  VAL A N   1 
ATOM   282 C  CA  . VAL A 1 46  ? 5.169   10.358  -11.517 1.00 40.57  ? 43  VAL A CA  1 
ATOM   283 C  C   . VAL A 1 46  ? 5.085   11.706  -10.805 1.00 36.64  ? 43  VAL A C   1 
ATOM   284 O  O   . VAL A 1 46  ? 5.656   12.694  -11.269 1.00 36.94  ? 43  VAL A O   1 
ATOM   285 C  CB  . VAL A 1 46  ? 6.512   9.676   -11.163 1.00 42.35  ? 43  VAL A CB  1 
ATOM   286 C  CG1 . VAL A 1 46  ? 6.686   9.608   -9.653  1.00 43.01  ? 43  VAL A CG1 1 
ATOM   287 C  CG2 . VAL A 1 46  ? 6.551   8.268   -11.755 1.00 40.85  ? 43  VAL A CG2 1 
ATOM   288 N  N   . VAL A 1 47  ? 4.361   11.749  -9.692  1.00 30.32  ? 44  VAL A N   1 
ATOM   289 C  CA  . VAL A 1 47  ? 4.214   12.981  -8.920  1.00 28.65  ? 44  VAL A CA  1 
ATOM   290 C  C   . VAL A 1 47  ? 5.039   12.891  -7.631  1.00 26.41  ? 44  VAL A C   1 
ATOM   291 O  O   . VAL A 1 47  ? 5.922   13.714  -7.391  1.00 23.52  ? 44  VAL A O   1 
ATOM   292 C  CB  . VAL A 1 47  ? 2.717   13.238  -8.566  1.00 30.71  ? 44  VAL A CB  1 
ATOM   293 C  CG1 . VAL A 1 47  ? 2.576   14.424  -7.605  1.00 30.03  ? 44  VAL A CG1 1 
ATOM   294 C  CG2 . VAL A 1 47  ? 1.932   13.504  -9.846  1.00 29.03  ? 44  VAL A CG2 1 
ATOM   295 N  N   . ALA A 1 48  ? 4.739   11.896  -6.805  1.00 23.17  ? 45  ALA A N   1 
ATOM   296 C  CA  . ALA A 1 48  ? 5.456   11.693  -5.546  1.00 22.62  ? 45  ALA A CA  1 
ATOM   297 C  C   . ALA A 1 48  ? 5.846   10.236  -5.504  1.00 18.63  ? 45  ALA A C   1 
ATOM   298 O  O   . ALA A 1 48  ? 5.072   9.362   -5.899  1.00 19.98  ? 45  ALA A O   1 
ATOM   299 C  CB  . ALA A 1 48  ? 4.574   12.030  -4.348  1.00 23.21  ? 45  ALA A CB  1 
ATOM   300 N  N   . TYR A 1 49  ? 7.020   9.964   -4.955  1.00 16.90  ? 46  TYR A N   1 
ATOM   301 C  CA  . TYR A 1 49  ? 7.513   8.615   -4.968  1.00 19.64  ? 46  TYR A CA  1 
ATOM   302 C  C   . TYR A 1 49  ? 8.467   8.337   -3.813  1.00 18.63  ? 46  TYR A C   1 
ATOM   303 O  O   . TYR A 1 49  ? 9.416   9.092   -3.595  1.00 17.25  ? 46  TYR A O   1 
ATOM   304 C  CB  . TYR A 1 49  ? 8.227   8.481   -6.327  1.00 25.84  ? 46  TYR A CB  1 
ATOM   305 C  CG  . TYR A 1 49  ? 8.895   7.187   -6.694  1.00 24.70  ? 46  TYR A CG  1 
ATOM   306 C  CD1 . TYR A 1 49  ? 8.301   6.328   -7.620  1.00 29.32  ? 46  TYR A CD1 1 
ATOM   307 C  CD2 . TYR A 1 49  ? 10.175  6.875   -6.227  1.00 26.12  ? 46  TYR A CD2 1 
ATOM   308 C  CE1 . TYR A 1 49  ? 8.964   5.188   -8.088  1.00 30.53  ? 46  TYR A CE1 1 
ATOM   309 C  CE2 . TYR A 1 49  ? 10.854  5.738   -6.690  1.00 27.56  ? 46  TYR A CE2 1 
ATOM   310 C  CZ  . TYR A 1 49  ? 10.239  4.902   -7.622  1.00 29.77  ? 46  TYR A CZ  1 
ATOM   311 O  OH  . TYR A 1 49  ? 10.888  3.788   -8.107  1.00 31.25  ? 46  TYR A OH  1 
ATOM   312 N  N   . ILE A 1 50  ? 8.188   7.298   -3.033  1.00 16.47  ? 47  ILE A N   1 
ATOM   313 C  CA  . ILE A 1 50  ? 9.151   6.884   -2.018  1.00 16.32  ? 47  ILE A CA  1 
ATOM   314 C  C   . ILE A 1 50  ? 9.270   5.375   -2.240  1.00 15.49  ? 47  ILE A C   1 
ATOM   315 O  O   . ILE A 1 50  ? 8.281   4.647   -2.231  1.00 17.59  ? 47  ILE A O   1 
ATOM   316 C  CB  . ILE A 1 50  ? 8.774   7.264   -0.556  1.00 22.45  ? 47  ILE A CB  1 
ATOM   317 C  CG1 . ILE A 1 50  ? 9.976   6.935   0.349   1.00 22.78  ? 47  ILE A CG1 1 
ATOM   318 C  CG2 . ILE A 1 50  ? 7.513   6.553   -0.109  1.00 26.82  ? 47  ILE A CG2 1 
ATOM   319 C  CD1 . ILE A 1 50  ? 9.963   7.571   1.729   1.00 29.02  ? 47  ILE A CD1 1 
ATOM   320 N  N   A ARG A 1 51  ? 10.495  4.912   -2.497  0.50 14.46  ? 48  ARG A N   1 
ATOM   321 N  N   B ARG A 1 51  ? 10.502  4.932   -2.459  0.50 14.43  ? 48  ARG A N   1 
ATOM   322 C  CA  A ARG A 1 51  ? 10.755  3.496   -2.756  0.50 16.27  ? 48  ARG A CA  1 
ATOM   323 C  CA  B ARG A 1 51  ? 10.771  3.533   -2.707  0.50 15.93  ? 48  ARG A CA  1 
ATOM   324 C  C   A ARG A 1 51  ? 11.775  2.923   -1.783  0.53 14.27  ? 48  ARG A C   1 
ATOM   325 C  C   B ARG A 1 51  ? 11.743  2.982   -1.682  0.47 15.25  ? 48  ARG A C   1 
ATOM   326 O  O   A ARG A 1 51  ? 12.866  3.453   -1.624  0.51 15.22  ? 48  ARG A O   1 
ATOM   327 O  O   B ARG A 1 51  ? 12.762  3.597   -1.369  0.49 17.01  ? 48  ARG A O   1 
ATOM   328 C  CB  A ARG A 1 51  ? 11.249  3.309   -4.197  0.49 20.19  ? 48  ARG A CB  1 
ATOM   329 C  CB  B ARG A 1 51  ? 11.343  3.360   -4.114  0.51 18.46  ? 48  ARG A CB  1 
ATOM   330 C  CG  A ARG A 1 51  ? 11.652  1.877   -4.560  0.51 24.23  ? 48  ARG A CG  1 
ATOM   331 C  CG  B ARG A 1 51  ? 11.533  1.913   -4.526  0.49 20.30  ? 48  ARG A CG  1 
ATOM   332 C  CD  A ARG A 1 51  ? 11.720  1.714   -6.080  0.51 29.01  ? 48  ARG A CD  1 
ATOM   333 C  CD  B ARG A 1 51  ? 11.879  1.839   -6.005  0.49 23.54  ? 48  ARG A CD  1 
ATOM   334 N  NE  A ARG A 1 51  ? 12.068  0.361   -6.515  0.52 32.70  ? 48  ARG A NE  1 
ATOM   335 N  NE  B ARG A 1 51  ? 11.881  0.473   -6.525  0.48 25.35  ? 48  ARG A NE  1 
ATOM   336 C  CZ  A ARG A 1 51  ? 13.309  -0.114  -6.594  0.48 31.75  ? 48  ARG A CZ  1 
ATOM   337 C  CZ  B ARG A 1 51  ? 10.799  -0.281  -6.690  0.52 24.31  ? 48  ARG A CZ  1 
ATOM   338 N  NH1 A ARG A 1 51  ? 14.345  0.646   -6.267  0.42 33.18  ? 48  ARG A NH1 1 
ATOM   339 N  NH1 B ARG A 1 51  ? 9.600   0.180   -6.372  0.58 24.06  ? 48  ARG A NH1 1 
ATOM   340 N  NH2 A ARG A 1 51  ? 13.520  -1.351  -7.021  0.46 33.47  ? 48  ARG A NH2 1 
ATOM   341 N  NH2 B ARG A 1 51  ? 10.920  -1.500  -7.192  0.54 21.44  ? 48  ARG A NH2 1 
ATOM   342 N  N   . ASN A 1 52  ? 11.405  1.819   -1.145  1.00 15.43  ? 49  ASN A N   1 
ATOM   343 C  CA  . ASN A 1 52  ? 12.245  1.169   -0.157  1.00 17.34  ? 49  ASN A CA  1 
ATOM   344 C  C   . ASN A 1 52  ? 12.545  1.981   1.080   1.00 19.70  ? 49  ASN A C   1 
ATOM   345 O  O   . ASN A 1 52  ? 13.681  2.014   1.552   1.00 17.63  ? 49  ASN A O   1 
ATOM   346 C  CB  . ASN A 1 52  ? 13.543  0.653   -0.787  1.00 16.76  ? 49  ASN A CB  1 
ATOM   347 C  CG  . ASN A 1 52  ? 13.288  -0.525  -1.691  1.00 18.95  ? 49  ASN A CG  1 
ATOM   348 O  OD1 . ASN A 1 52  ? 12.398  -1.336  -1.427  1.00 19.60  ? 49  ASN A OD1 1 
ATOM   349 N  ND2 . ASN A 1 52  ? 14.058  -0.630  -2.770  1.00 20.78  ? 49  ASN A ND2 1 
ATOM   350 N  N   . ALA A 1 53  ? 11.515  2.657   1.582   1.00 21.00  ? 50  ALA A N   1 
ATOM   351 C  CA  . ALA A 1 53  ? 11.637  3.393   2.833   1.00 21.49  ? 50  ALA A CA  1 
ATOM   352 C  C   . ALA A 1 53  ? 11.539  2.227   3.806   1.00 19.03  ? 50  ALA A C   1 
ATOM   353 O  O   . ALA A 1 53  ? 10.711  1.328   3.609   1.00 16.84  ? 50  ALA A O   1 
ATOM   354 C  CB  . ALA A 1 53  ? 10.444  4.337   3.031   1.00 21.22  ? 50  ALA A CB  1 
ATOM   355 N  N   . LYS A 1 54  ? 12.400  2.204   4.815   1.00 19.94  ? 51  LYS A N   1 
ATOM   356 C  CA  . LYS A 1 54  ? 12.370  1.129   5.786   1.00 22.31  ? 51  LYS A CA  1 
ATOM   357 C  C   . LYS A 1 54  ? 11.675  1.678   7.020   1.00 23.67  ? 51  LYS A C   1 
ATOM   358 O  O   . LYS A 1 54  ? 12.073  2.713   7.560   1.00 23.11  ? 51  LYS A O   1 
ATOM   359 C  CB  . LYS A 1 54  ? 13.792  0.671   6.131   1.00 27.58  ? 51  LYS A CB  1 
ATOM   360 C  CG  . LYS A 1 54  ? 13.857  -0.715  6.758   1.00 32.74  ? 51  LYS A CG  1 
ATOM   361 C  CD  . LYS A 1 54  ? 15.297  -1.119  7.054   1.00 33.48  ? 51  LYS A CD  1 
ATOM   362 C  CE  . LYS A 1 54  ? 15.378  -2.538  7.583   1.00 37.24  ? 51  LYS A CE  1 
ATOM   363 N  NZ  . LYS A 1 54  ? 14.852  -3.518  6.599   1.00 37.74  ? 51  LYS A NZ  1 
ATOM   364 N  N   . VAL A 1 55  ? 10.615  1.002   7.437   1.00 20.90  ? 52  VAL A N   1 
ATOM   365 C  CA  . VAL A 1 55  ? 9.851   1.434   8.600   1.00 21.78  ? 52  VAL A CA  1 
ATOM   366 C  C   . VAL A 1 55  ? 9.326   0.239   9.384   1.00 19.91  ? 52  VAL A C   1 
ATOM   367 O  O   . VAL A 1 55  ? 9.288   -0.894  8.891   1.00 19.51  ? 52  VAL A O   1 
ATOM   368 C  CB  . VAL A 1 55  ? 8.602   2.276   8.191   1.00 25.63  ? 52  VAL A CB  1 
ATOM   369 C  CG1 . VAL A 1 55  ? 8.999   3.396   7.238   1.00 23.79  ? 52  VAL A CG1 1 
ATOM   370 C  CG2 . VAL A 1 55  ? 7.560   1.376   7.548   1.00 25.34  ? 52  VAL A CG2 1 
ATOM   371 N  N   . THR A 1 56  ? 8.902   0.519   10.609  1.00 21.40  ? 53  THR A N   1 
ATOM   372 C  CA  . THR A 1 56  ? 8.304   -0.476  11.476  1.00 19.70  ? 53  THR A CA  1 
ATOM   373 C  C   . THR A 1 56  ? 7.018   0.191   11.954  1.00 17.17  ? 53  THR A C   1 
ATOM   374 O  O   . THR A 1 56  ? 7.081   1.237   12.588  1.00 20.41  ? 53  THR A O   1 
ATOM   375 C  CB  . THR A 1 56  ? 9.190   -0.773  12.698  1.00 23.03  ? 53  THR A CB  1 
ATOM   376 O  OG1 . THR A 1 56  ? 10.401  -1.401  12.264  1.00 26.12  ? 53  THR A OG1 1 
ATOM   377 C  CG2 . THR A 1 56  ? 8.460   -1.696  13.660  1.00 24.24  ? 53  THR A CG2 1 
ATOM   378 N  N   . TYR A 1 57  ? 5.864   -0.362  11.605  1.00 17.69  ? 54  TYR A N   1 
ATOM   379 C  CA  . TYR A 1 57  ? 4.612   0.238   12.072  1.00 18.80  ? 54  TYR A CA  1 
ATOM   380 C  C   . TYR A 1 57  ? 3.972   -0.651  13.126  1.00 23.67  ? 54  TYR A C   1 
ATOM   381 O  O   . TYR A 1 57  ? 4.055   -1.883  13.043  1.00 22.81  ? 54  TYR A O   1 
ATOM   382 C  CB  . TYR A 1 57  ? 3.649   0.497   10.892  1.00 18.11  ? 54  TYR A CB  1 
ATOM   383 C  CG  . TYR A 1 57  ? 3.223   -0.710  10.090  1.00 19.37  ? 54  TYR A CG  1 
ATOM   384 C  CD1 . TYR A 1 57  ? 2.163   -1.516  10.507  1.00 18.23  ? 54  TYR A CD1 1 
ATOM   385 C  CD2 . TYR A 1 57  ? 3.810   -0.985  8.848   1.00 14.13  ? 54  TYR A CD2 1 
ATOM   386 C  CE1 . TYR A 1 57  ? 1.687   -2.557  9.704   1.00 14.35  ? 54  TYR A CE1 1 
ATOM   387 C  CE2 . TYR A 1 57  ? 3.340   -2.024  8.035   1.00 15.85  ? 54  TYR A CE2 1 
ATOM   388 C  CZ  . TYR A 1 57  ? 2.282   -2.797  8.469   1.00 18.02  ? 54  TYR A CZ  1 
ATOM   389 O  OH  . TYR A 1 57  ? 1.787   -3.797  7.676   1.00 19.77  ? 54  TYR A OH  1 
ATOM   390 N  N   . HIS A 1 58  ? 3.331   -0.033  14.121  1.00 21.78  ? 55  HIS A N   1 
ATOM   391 C  CA  . HIS A 1 58  ? 2.705   -0.804  15.202  1.00 27.06  ? 55  HIS A CA  1 
ATOM   392 C  C   . HIS A 1 58  ? 1.181   -0.883  15.169  1.00 26.86  ? 55  HIS A C   1 
ATOM   393 O  O   . HIS A 1 58  ? 0.581   -1.732  15.835  1.00 30.82  ? 55  HIS A O   1 
ATOM   394 C  CB  . HIS A 1 58  ? 3.193   -0.294  16.567  1.00 29.77  ? 55  HIS A CB  1 
ATOM   395 C  CG  . HIS A 1 58  ? 3.325   1.196   16.658  1.00 36.59  ? 55  HIS A CG  1 
ATOM   396 N  ND1 . HIS A 1 58  ? 2.311   2.011   17.114  1.00 40.72  ? 55  HIS A ND1 1 
ATOM   397 C  CD2 . HIS A 1 58  ? 4.360   2.019   16.359  1.00 38.90  ? 55  HIS A CD2 1 
ATOM   398 C  CE1 . HIS A 1 58  ? 2.716   3.268   17.095  1.00 38.74  ? 55  HIS A CE1 1 
ATOM   399 N  NE2 . HIS A 1 58  ? 3.956   3.301   16.640  1.00 40.31  ? 55  HIS A NE2 1 
ATOM   400 N  N   . GLN A 1 59  ? 0.556   0.008   14.414  1.00 24.41  ? 56  GLN A N   1 
ATOM   401 C  CA  . GLN A 1 59  ? -0.894  0.002   14.239  1.00 23.02  ? 56  GLN A CA  1 
ATOM   402 C  C   . GLN A 1 59  ? -1.130  0.213   12.750  1.00 21.15  ? 56  GLN A C   1 
ATOM   403 O  O   . GLN A 1 59  ? -0.375  0.933   12.088  1.00 21.04  ? 56  GLN A O   1 
ATOM   404 C  CB  . GLN A 1 59  ? -1.566  1.107   15.056  1.00 24.65  ? 56  GLN A CB  1 
ATOM   405 C  CG  . GLN A 1 59  ? -1.707  0.758   16.531  1.00 33.28  ? 56  GLN A CG  1 
ATOM   406 C  CD  . GLN A 1 59  ? -2.626  -0.433  16.773  1.00 38.62  ? 56  GLN A CD  1 
ATOM   407 O  OE1 . GLN A 1 59  ? -2.433  -1.199  17.723  1.00 43.25  ? 56  GLN A OE1 1 
ATOM   408 N  NE2 . GLN A 1 59  ? -3.639  -0.585  15.925  1.00 40.89  ? 56  GLN A NE2 1 
ATOM   409 N  N   . ALA A 1 60  ? -2.160  -0.441  12.222  1.00 20.48  ? 57  ALA A N   1 
ATOM   410 C  CA  . ALA A 1 60  ? -2.485  -0.350  10.803  1.00 18.00  ? 57  ALA A CA  1 
ATOM   411 C  C   . ALA A 1 60  ? -3.960  -0.605  10.613  1.00 20.55  ? 57  ALA A C   1 
ATOM   412 O  O   . ALA A 1 60  ? -4.533  -1.491  11.250  1.00 21.52  ? 57  ALA A O   1 
ATOM   413 C  CB  . ALA A 1 60  ? -1.667  -1.388  10.010  1.00 21.17  ? 57  ALA A CB  1 
ATOM   414 N  N   . LYS A 1 61  ? -4.582  0.173   9.736   1.00 16.27  ? 58  LYS A N   1 
ATOM   415 C  CA  . LYS A 1 61  ? -5.992  -0.005  9.476   1.00 20.97  ? 58  LYS A CA  1 
ATOM   416 C  C   . LYS A 1 61  ? -6.418  0.409   8.085   1.00 21.79  ? 58  LYS A C   1 
ATOM   417 O  O   . LYS A 1 61  ? -5.977  1.439   7.570   1.00 22.48  ? 58  LYS A O   1 
ATOM   418 C  CB  . LYS A 1 61  ? -6.807  0.782   10.510  1.00 25.81  ? 58  LYS A CB  1 
ATOM   419 C  CG  . LYS A 1 61  ? -8.317  0.622   10.368  1.00 34.19  ? 58  LYS A CG  1 
ATOM   420 C  CD  . LYS A 1 61  ? -9.035  1.163   11.595  1.00 37.01  ? 58  LYS A CD  1 
ATOM   421 C  CE  . LYS A 1 61  ? -10.555 1.043   11.471  1.00 42.34  ? 58  LYS A CE  1 
ATOM   422 N  NZ  . LYS A 1 61  ? -11.015 -0.366  11.317  1.00 42.20  ? 58  LYS A NZ  1 
ATOM   423 N  N   . ILE A 1 62  ? -7.254  -0.415  7.459   1.00 20.53  ? 59  ILE A N   1 
ATOM   424 C  CA  . ILE A 1 62  ? -7.801  -0.067  6.162   1.00 20.95  ? 59  ILE A CA  1 
ATOM   425 C  C   . ILE A 1 62  ? -9.236  0.339   6.478   1.00 24.13  ? 59  ILE A C   1 
ATOM   426 O  O   . ILE A 1 62  ? -9.933  -0.359  7.220   1.00 25.08  ? 59  ILE A O   1 
ATOM   427 C  CB  . ILE A 1 62  ? -7.763  -1.246  5.156   1.00 22.08  ? 59  ILE A CB  1 
ATOM   428 C  CG1 . ILE A 1 62  ? -8.505  -0.839  3.878   1.00 21.46  ? 59  ILE A CG1 1 
ATOM   429 C  CG2 . ILE A 1 62  ? -8.325  -2.511  5.794   1.00 23.28  ? 59  ILE A CG2 1 
ATOM   430 C  CD1 . ILE A 1 62  ? -8.272  -1.789  2.708   1.00 24.40  ? 59  ILE A CD1 1 
ATOM   431 N  N   . LYS A 1 63  ? -9.646  1.489   5.952   1.00 23.07  ? 60  LYS A N   1 
ATOM   432 C  CA  . LYS A 1 63  ? -10.991 2.023   6.191   1.00 28.11  ? 60  LYS A CA  1 
ATOM   433 C  C   . LYS A 1 63  ? -11.721 2.378   4.907   1.00 29.64  ? 60  LYS A C   1 
ATOM   434 O  O   . LYS A 1 63  ? -11.123 2.483   3.830   1.00 28.28  ? 60  LYS A O   1 
ATOM   435 C  CB  . LYS A 1 63  ? -10.921 3.280   7.067   1.00 30.29  ? 60  LYS A CB  1 
ATOM   436 C  CG  . LYS A 1 63  ? -10.268 3.083   8.422   1.00 36.51  ? 60  LYS A CG  1 
ATOM   437 C  CD  . LYS A 1 63  ? -10.325 4.366   9.248   1.00 41.04  ? 60  LYS A CD  1 
ATOM   438 C  CE  . LYS A 1 63  ? -9.583  4.209   10.566  1.00 45.06  ? 60  LYS A CE  1 
ATOM   439 N  NZ  . LYS A 1 63  ? -9.738  5.394   11.461  1.00 49.21  ? 60  LYS A NZ  1 
ATOM   440 N  N   . GLY A 1 64  ? -13.029 2.587   5.039   1.00 32.25  ? 61  GLY A N   1 
ATOM   441 C  CA  . GLY A 1 64  ? -13.841 2.939   3.892   1.00 31.34  ? 61  GLY A CA  1 
ATOM   442 C  C   . GLY A 1 64  ? -14.622 1.753   3.370   1.00 32.19  ? 61  GLY A C   1 
ATOM   443 O  O   . GLY A 1 64  ? -14.480 0.643   3.878   1.00 32.00  ? 61  GLY A O   1 
ATOM   444 N  N   . ASN A 1 65  ? -15.444 1.986   2.355   1.00 35.35  ? 62  ASN A N   1 
ATOM   445 C  CA  . ASN A 1 65  ? -16.247 0.925   1.766   1.00 37.60  ? 62  ASN A CA  1 
ATOM   446 C  C   . ASN A 1 65  ? -15.996 0.807   0.270   1.00 37.21  ? 62  ASN A C   1 
ATOM   447 O  O   . ASN A 1 65  ? -16.699 0.076   -0.428  1.00 39.28  ? 62  ASN A O   1 
ATOM   448 C  CB  . ASN A 1 65  ? -17.731 1.188   2.031   1.00 40.75  ? 62  ASN A CB  1 
ATOM   449 C  CG  . ASN A 1 65  ? -18.073 1.129   3.508   1.00 44.04  ? 62  ASN A CG  1 
ATOM   450 O  OD1 . ASN A 1 65  ? -18.034 0.062   4.126   1.00 46.51  ? 62  ASN A OD1 1 
ATOM   451 N  ND2 . ASN A 1 65  ? -18.396 2.281   4.088   1.00 45.14  ? 62  ASN A ND2 1 
ATOM   452 N  N   . GLY A 1 66  ? -14.991 1.529   -0.218  1.00 35.54  ? 63  GLY A N   1 
ATOM   453 C  CA  . GLY A 1 66  ? -14.663 1.488   -1.634  1.00 32.74  ? 63  GLY A CA  1 
ATOM   454 C  C   . GLY A 1 66  ? -14.877 2.815   -2.339  1.00 31.90  ? 63  GLY A C   1 
ATOM   455 O  O   . GLY A 1 66  ? -16.018 3.252   -2.493  1.00 34.12  ? 63  GLY A O   1 
ATOM   456 N  N   . PRO A 1 67  ? -13.802 3.507   -2.751  1.00 29.22  ? 64  PRO A N   1 
ATOM   457 C  CA  . PRO A 1 67  ? -12.405 3.091   -2.572  1.00 27.12  ? 64  PRO A CA  1 
ATOM   458 C  C   . PRO A 1 67  ? -12.035 3.035   -1.094  1.00 25.63  ? 64  PRO A C   1 
ATOM   459 O  O   . PRO A 1 67  ? -12.831 3.396   -0.238  1.00 26.40  ? 64  PRO A O   1 
ATOM   460 C  CB  . PRO A 1 67  ? -11.625 4.169   -3.324  1.00 24.89  ? 64  PRO A CB  1 
ATOM   461 C  CG  . PRO A 1 67  ? -12.596 4.590   -4.401  1.00 28.61  ? 64  PRO A CG  1 
ATOM   462 C  CD  . PRO A 1 67  ? -13.880 4.697   -3.612  1.00 26.50  ? 64  PRO A CD  1 
ATOM   463 N  N   . TYR A 1 68  ? -10.813 2.605   -0.804  1.00 24.60  ? 65  TYR A N   1 
ATOM   464 C  CA  . TYR A 1 68  ? -10.359 2.476   0.575   1.00 22.32  ? 65  TYR A CA  1 
ATOM   465 C  C   . TYR A 1 68  ? -9.158  3.340   0.909   1.00 21.67  ? 65  TYR A C   1 
ATOM   466 O  O   . TYR A 1 68  ? -8.502  3.884   0.026   1.00 21.53  ? 65  TYR A O   1 
ATOM   467 C  CB  . TYR A 1 68  ? -10.015 1.018   0.854   1.00 22.36  ? 65  TYR A CB  1 
ATOM   468 C  CG  . TYR A 1 68  ? -11.170 0.082   0.594   1.00 28.14  ? 65  TYR A CG  1 
ATOM   469 C  CD1 . TYR A 1 68  ? -12.085 -0.220  1.600   1.00 31.38  ? 65  TYR A CD1 1 
ATOM   470 C  CD2 . TYR A 1 68  ? -11.369 -0.473  -0.674  1.00 31.63  ? 65  TYR A CD2 1 
ATOM   471 C  CE1 . TYR A 1 68  ? -13.171 -1.056  1.357   1.00 33.35  ? 65  TYR A CE1 1 
ATOM   472 C  CE2 . TYR A 1 68  ? -12.455 -1.310  -0.932  1.00 31.44  ? 65  TYR A CE2 1 
ATOM   473 C  CZ  . TYR A 1 68  ? -13.350 -1.596  0.089   1.00 34.76  ? 65  TYR A CZ  1 
ATOM   474 O  OH  . TYR A 1 68  ? -14.429 -2.421  -0.150  1.00 36.36  ? 65  TYR A OH  1 
ATOM   475 N  N   . ARG A 1 69  ? -8.897  3.489   2.199   1.00 21.03  ? 66  ARG A N   1 
ATOM   476 C  CA  . ARG A 1 69  ? -7.759  4.273   2.649   1.00 21.13  ? 66  ARG A CA  1 
ATOM   477 C  C   . ARG A 1 69  ? -7.018  3.483   3.705   1.00 21.89  ? 66  ARG A C   1 
ATOM   478 O  O   . ARG A 1 69  ? -7.616  2.872   4.588   1.00 19.62  ? 66  ARG A O   1 
ATOM   479 C  CB  . ARG A 1 69  ? -8.203  5.644   3.178   1.00 23.84  ? 66  ARG A CB  1 
ATOM   480 C  CG  . ARG A 1 69  ? -9.281  5.650   4.230   1.00 26.67  ? 66  ARG A CG  1 
ATOM   481 C  CD  . ARG A 1 69  ? -9.839  7.060   4.383   1.00 33.51  ? 66  ARG A CD  1 
ATOM   482 N  NE  . ARG A 1 69  ? -10.673 7.192   5.570   1.00 37.20  ? 66  ARG A NE  1 
ATOM   483 C  CZ  . ARG A 1 69  ? -11.916 6.730   5.672   1.00 40.96  ? 66  ARG A CZ  1 
ATOM   484 N  NH1 . ARG A 1 69  ? -12.484 6.107   4.648   1.00 38.52  ? 66  ARG A NH1 1 
ATOM   485 N  NH2 . ARG A 1 69  ? -12.581 6.874   6.810   1.00 39.24  ? 66  ARG A NH2 1 
ATOM   486 N  N   . VAL A 1 70  ? -5.699  3.479   3.602   1.00 17.28  ? 67  VAL A N   1 
ATOM   487 C  CA  . VAL A 1 70  ? -4.889  2.734   4.541   1.00 16.40  ? 67  VAL A CA  1 
ATOM   488 C  C   . VAL A 1 70  ? -3.993  3.693   5.307   1.00 14.89  ? 67  VAL A C   1 
ATOM   489 O  O   . VAL A 1 70  ? -3.392  4.573   4.716   1.00 16.65  ? 67  VAL A O   1 
ATOM   490 C  CB  . VAL A 1 70  ? -3.996  1.690   3.790   1.00 15.71  ? 67  VAL A CB  1 
ATOM   491 C  CG1 . VAL A 1 70  ? -2.979  1.105   4.739   1.00 19.92  ? 67  VAL A CG1 1 
ATOM   492 C  CG2 . VAL A 1 70  ? -4.870  0.569   3.211   1.00 15.70  ? 67  VAL A CG2 1 
ATOM   493 N  N   . GLY A 1 71  ? -3.944  3.505   6.624   1.00 12.68  ? 68  GLY A N   1 
ATOM   494 C  CA  . GLY A 1 71  ? -3.106  4.300   7.503   1.00 15.47  ? 68  GLY A CA  1 
ATOM   495 C  C   . GLY A 1 71  ? -2.215  3.373   8.311   1.00 16.96  ? 68  GLY A C   1 
ATOM   496 O  O   . GLY A 1 71  ? -2.666  2.359   8.874   1.00 16.42  ? 68  GLY A O   1 
ATOM   497 N  N   . LEU A 1 72  ? -0.933  3.713   8.375   1.00 15.41  ? 69  LEU A N   1 
ATOM   498 C  CA  . LEU A 1 72  ? 0.036   2.918   9.130   1.00 17.72  ? 69  LEU A CA  1 
ATOM   499 C  C   . LEU A 1 72  ? 0.700   3.861   10.112  1.00 17.56  ? 69  LEU A C   1 
ATOM   500 O  O   . LEU A 1 72  ? 1.205   4.899   9.699   1.00 15.62  ? 69  LEU A O   1 
ATOM   501 C  CB  . LEU A 1 72  ? 1.118   2.368   8.180   1.00 15.73  ? 69  LEU A CB  1 
ATOM   502 C  CG  . LEU A 1 72  ? 0.686   1.618   6.919   1.00 18.21  ? 69  LEU A CG  1 
ATOM   503 C  CD1 . LEU A 1 72  ? 1.939   1.211   6.130   1.00 18.05  ? 69  LEU A CD1 1 
ATOM   504 C  CD2 . LEU A 1 72  ? -0.132  0.381   7.312   1.00 19.09  ? 69  LEU A CD2 1 
ATOM   505 N  N   . LYS A 1 73  ? 0.716   3.521   11.401  1.00 15.53  ? 70  LYS A N   1 
ATOM   506 C  CA  . LYS A 1 73  ? 1.369   4.373   12.389  1.00 15.97  ? 70  LYS A CA  1 
ATOM   507 C  C   . LYS A 1 73  ? 2.773   3.833   12.606  1.00 18.94  ? 70  LYS A C   1 
ATOM   508 O  O   . LYS A 1 73  ? 2.941   2.735   13.154  1.00 17.58  ? 70  LYS A O   1 
ATOM   509 C  CB  . LYS A 1 73  ? 0.616   4.359   13.729  1.00 16.08  ? 70  LYS A CB  1 
ATOM   510 C  CG  . LYS A 1 73  ? 1.226   5.304   14.751  1.00 21.72  ? 70  LYS A CG  1 
ATOM   511 C  CD  . LYS A 1 73  ? 0.961   6.759   14.391  1.00 24.28  ? 70  LYS A CD  1 
ATOM   512 C  CE  . LYS A 1 73  ? 1.752   7.723   15.274  1.00 23.97  ? 70  LYS A CE  1 
ATOM   513 N  NZ  . LYS A 1 73  ? 3.209   7.846   14.933  1.00 23.87  ? 70  LYS A NZ  1 
ATOM   514 N  N   . THR A 1 74  ? 3.776   4.598   12.189  1.00 19.20  ? 71  THR A N   1 
ATOM   515 C  CA  . THR A 1 74  ? 5.158   4.155   12.316  1.00 24.26  ? 71  THR A CA  1 
ATOM   516 C  C   . THR A 1 74  ? 5.749   4.600   13.640  1.00 28.20  ? 71  THR A C   1 
ATOM   517 O  O   . THR A 1 74  ? 5.076   5.253   14.463  1.00 22.19  ? 71  THR A O   1 
ATOM   518 C  CB  . THR A 1 74  ? 6.041   4.712   11.166  1.00 22.90  ? 71  THR A CB  1 
ATOM   519 O  OG1 . THR A 1 74  ? 6.104   6.139   11.276  1.00 24.01  ? 71  THR A OG1 1 
ATOM   520 C  CG2 . THR A 1 74  ? 5.464   4.339   9.802   1.00 24.48  ? 71  THR A CG2 1 
ATOM   521 N  N   . GLU A 1 75  ? 7.017   4.243   13.829  1.00 31.70  ? 72  GLU A N   1 
ATOM   522 C  CA  . GLU A 1 75  ? 7.763   4.571   15.031  1.00 34.55  ? 72  GLU A CA  1 
ATOM   523 C  C   . GLU A 1 75  ? 7.474   5.998   15.481  1.00 35.21  ? 72  GLU A C   1 
ATOM   524 O  O   . GLU A 1 75  ? 7.066   6.221   16.615  1.00 34.78  ? 72  GLU A O   1 
ATOM   525 C  CB  . GLU A 1 75  ? 9.261   4.372   14.772  1.00 37.23  ? 72  GLU A CB  1 
ATOM   526 C  CG  . GLU A 1 75  ? 9.632   2.918   14.472  1.00 42.55  ? 72  GLU A CG  1 
ATOM   527 C  CD  . GLU A 1 75  ? 11.107  2.722   14.156  1.00 46.68  ? 72  GLU A CD  1 
ATOM   528 O  OE1 . GLU A 1 75  ? 11.566  3.198   13.094  1.00 48.00  ? 72  GLU A OE1 1 
ATOM   529 O  OE2 . GLU A 1 75  ? 11.810  2.087   14.972  1.00 47.51  ? 72  GLU A OE2 1 
ATOM   530 N  N   . GLU A 1 76  ? 7.670   6.968   14.600  1.00 32.49  ? 73  GLU A N   1 
ATOM   531 C  CA  . GLU A 1 76  ? 7.386   8.347   14.977  1.00 29.68  ? 73  GLU A CA  1 
ATOM   532 C  C   . GLU A 1 76  ? 6.711   9.162   13.892  1.00 27.73  ? 73  GLU A C   1 
ATOM   533 O  O   . GLU A 1 76  ? 6.808   10.390  13.867  1.00 26.96  ? 73  GLU A O   1 
ATOM   534 C  CB  . GLU A 1 76  ? 8.662   9.043   15.468  1.00 34.29  ? 73  GLU A CB  1 
ATOM   535 C  CG  . GLU A 1 76  ? 9.901   8.847   14.630  1.00 35.63  ? 73  GLU A CG  1 
ATOM   536 C  CD  . GLU A 1 76  ? 11.170  9.232   15.394  1.00 33.88  ? 73  GLU A CD  1 
ATOM   537 O  OE1 . GLU A 1 76  ? 11.128  10.208  16.172  1.00 34.05  ? 73  GLU A OE1 1 
ATOM   538 O  OE2 . GLU A 1 76  ? 12.211  8.567   15.200  1.00 34.47  ? 73  GLU A OE2 1 
ATOM   539 N  N   . GLY A 1 77  ? 5.995   8.466   13.014  1.00 24.22  ? 74  GLY A N   1 
ATOM   540 C  CA  . GLY A 1 77  ? 5.302   9.122   11.928  1.00 20.28  ? 74  GLY A CA  1 
ATOM   541 C  C   . GLY A 1 77  ? 4.088   8.372   11.420  1.00 19.83  ? 74  GLY A C   1 
ATOM   542 O  O   . GLY A 1 77  ? 3.487   7.551   12.131  1.00 19.78  ? 74  GLY A O   1 
ATOM   543 N  N   . TRP A 1 78  ? 3.720   8.659   10.177  1.00 15.73  ? 75  TRP A N   1 
ATOM   544 C  CA  . TRP A 1 78  ? 2.557   8.049   9.556   1.00 15.80  ? 75  TRP A CA  1 
ATOM   545 C  C   . TRP A 1 78  ? 2.752   7.809   8.074   1.00 15.38  ? 75  TRP A C   1 
ATOM   546 O  O   . TRP A 1 78  ? 3.502   8.531   7.425   1.00 15.50  ? 75  TRP A O   1 
ATOM   547 C  CB  . TRP A 1 78  ? 1.345   8.974   9.660   1.00 20.64  ? 75  TRP A CB  1 
ATOM   548 C  CG  . TRP A 1 78  ? 1.080   9.553   11.002  1.00 24.67  ? 75  TRP A CG  1 
ATOM   549 C  CD1 . TRP A 1 78  ? 1.828   10.486  11.660  1.00 30.22  ? 75  TRP A CD1 1 
ATOM   550 C  CD2 . TRP A 1 78  ? -0.021  9.245   11.849  1.00 27.57  ? 75  TRP A CD2 1 
ATOM   551 N  NE1 . TRP A 1 78  ? 1.254   10.781  12.875  1.00 33.07  ? 75  TRP A NE1 1 
ATOM   552 C  CE2 . TRP A 1 78  ? 0.116   10.030  13.014  1.00 32.25  ? 75  TRP A CE2 1 
ATOM   553 C  CE3 . TRP A 1 78  ? -1.116  8.381   11.737  1.00 32.18  ? 75  TRP A CE3 1 
ATOM   554 C  CZ2 . TRP A 1 78  ? -0.803  9.975   14.065  1.00 33.81  ? 75  TRP A CZ2 1 
ATOM   555 C  CZ3 . TRP A 1 78  ? -2.036  8.327   12.783  1.00 34.02  ? 75  TRP A CZ3 1 
ATOM   556 C  CH2 . TRP A 1 78  ? -1.869  9.122   13.932  1.00 38.06  ? 75  TRP A CH2 1 
ATOM   557 N  N   . ILE A 1 79  ? 2.063   6.791   7.556   1.00 16.26  ? 76  ILE A N   1 
ATOM   558 C  CA  . ILE A 1 79  ? 2.053   6.500   6.130   1.00 15.84  ? 76  ILE A CA  1 
ATOM   559 C  C   . ILE A 1 79  ? 0.570   6.352   5.841   1.00 15.69  ? 76  ILE A C   1 
ATOM   560 O  O   . ILE A 1 79  ? -0.152  5.595   6.517   1.00 17.66  ? 76  ILE A O   1 
ATOM   561 C  CB  . ILE A 1 79  ? 2.797   5.213   5.787   1.00 16.20  ? 76  ILE A CB  1 
ATOM   562 C  CG1 . ILE A 1 79  ? 4.283   5.401   6.058   1.00 17.31  ? 76  ILE A CG1 1 
ATOM   563 C  CG2 . ILE A 1 79  ? 2.512   4.831   4.324   1.00 19.63  ? 76  ILE A CG2 1 
ATOM   564 C  CD1 . ILE A 1 79  ? 5.115   4.172   5.756   1.00 23.06  ? 76  ILE A CD1 1 
ATOM   565 N  N   . TYR A 1 80  ? 0.093   7.107   4.862   1.00 13.83  ? 77  TYR A N   1 
ATOM   566 C  CA  . TYR A 1 80  ? -1.317  7.104   4.536   1.00 16.88  ? 77  TYR A CA  1 
ATOM   567 C  C   . TYR A 1 80  ? -1.543  7.148   3.025   1.00 13.84  ? 77  TYR A C   1 
ATOM   568 O  O   . TYR A 1 80  ? -0.839  7.856   2.301   1.00 14.94  ? 77  TYR A O   1 
ATOM   569 C  CB  . TYR A 1 80  ? -1.945  8.319   5.214   1.00 19.65  ? 77  TYR A CB  1 
ATOM   570 C  CG  . TYR A 1 80  ? -3.392  8.559   4.909   1.00 24.57  ? 77  TYR A CG  1 
ATOM   571 C  CD1 . TYR A 1 80  ? -4.397  7.860   5.576   1.00 27.11  ? 77  TYR A CD1 1 
ATOM   572 C  CD2 . TYR A 1 80  ? -3.762  9.512   3.967   1.00 29.08  ? 77  TYR A CD2 1 
ATOM   573 C  CE1 . TYR A 1 80  ? -5.740  8.111   5.305   1.00 26.96  ? 77  TYR A CE1 1 
ATOM   574 C  CE2 . TYR A 1 80  ? -5.096  9.772   3.691   1.00 30.57  ? 77  TYR A CE2 1 
ATOM   575 C  CZ  . TYR A 1 80  ? -6.080  9.071   4.360   1.00 30.82  ? 77  TYR A CZ  1 
ATOM   576 O  OH  . TYR A 1 80  ? -7.406  9.341   4.069   1.00 35.66  ? 77  TYR A OH  1 
ATOM   577 N  N   . ALA A 1 81  ? -2.508  6.360   2.553   1.00 15.62  ? 78  ALA A N   1 
ATOM   578 C  CA  . ALA A 1 81  ? -2.839  6.302   1.128   1.00 16.36  ? 78  ALA A CA  1 
ATOM   579 C  C   . ALA A 1 81  ? -4.358  6.205   0.989   1.00 19.16  ? 78  ALA A C   1 
ATOM   580 O  O   . ALA A 1 81  ? -4.994  5.373   1.638   1.00 19.18  ? 78  ALA A O   1 
ATOM   581 C  CB  . ALA A 1 81  ? -2.182  5.082   0.466   1.00 15.68  ? 78  ALA A CB  1 
ATOM   582 N  N   . GLU A 1 82  ? -4.927  7.050   0.137   1.00 19.84  ? 79  GLU A N   1 
ATOM   583 C  CA  . GLU A 1 82  ? -6.376  7.046   -0.111  1.00 20.90  ? 79  GLU A CA  1 
ATOM   584 C  C   . GLU A 1 82  ? -6.636  6.740   -1.585  1.00 23.47  ? 79  GLU A C   1 
ATOM   585 O  O   . GLU A 1 82  ? -5.807  7.044   -2.440  1.00 24.92  ? 79  GLU A O   1 
ATOM   586 C  CB  . GLU A 1 82  ? -6.969  8.414   0.236   1.00 23.64  ? 79  GLU A CB  1 
ATOM   587 C  CG  . GLU A 1 82  ? -8.349  8.711   -0.370  1.00 33.89  ? 79  GLU A CG  1 
ATOM   588 C  CD  . GLU A 1 82  ? -9.473  7.906   0.264   1.00 42.09  ? 79  GLU A CD  1 
ATOM   589 O  OE1 . GLU A 1 82  ? -9.632  6.707   -0.069  1.00 43.42  ? 79  GLU A OE1 1 
ATOM   590 O  OE2 . GLU A 1 82  ? -10.197 8.479   1.106   1.00 46.56  ? 79  GLU A OE2 1 
ATOM   591 N  N   . GLY A 1 83  ? -7.786  6.136   -1.876  1.00 21.80  ? 80  GLY A N   1 
ATOM   592 C  CA  . GLY A 1 83  ? -8.134  5.818   -3.250  1.00 19.20  ? 80  GLY A CA  1 
ATOM   593 C  C   . GLY A 1 83  ? -7.759  4.420   -3.692  1.00 22.91  ? 80  GLY A C   1 
ATOM   594 O  O   . GLY A 1 83  ? -7.743  4.140   -4.888  1.00 21.93  ? 80  GLY A O   1 
ATOM   595 N  N   . LEU A 1 84  ? -7.455  3.544   -2.742  1.00 20.02  ? 81  LEU A N   1 
ATOM   596 C  CA  . LEU A 1 84  ? -7.083  2.168   -3.069  1.00 19.77  ? 81  LEU A CA  1 
ATOM   597 C  C   . LEU A 1 84  ? -8.322  1.340   -3.412  1.00 22.54  ? 81  LEU A C   1 
ATOM   598 O  O   . LEU A 1 84  ? -9.321  1.381   -2.689  1.00 23.52  ? 81  LEU A O   1 
ATOM   599 C  CB  . LEU A 1 84  ? -6.352  1.543   -1.883  1.00 18.90  ? 81  LEU A CB  1 
ATOM   600 C  CG  . LEU A 1 84  ? -5.050  2.278   -1.518  1.00 18.19  ? 81  LEU A CG  1 
ATOM   601 C  CD1 . LEU A 1 84  ? -4.515  1.712   -0.212  1.00 21.37  ? 81  LEU A CD1 1 
ATOM   602 C  CD2 . LEU A 1 84  ? -4.001  2.138   -2.639  1.00 16.39  ? 81  LEU A CD2 1 
ATOM   603 N  N   . THR A 1 85  ? -8.252  0.583   -4.503  1.00 23.54  ? 82  THR A N   1 
ATOM   604 C  CA  . THR A 1 85  ? -9.390  -0.245  -4.916  1.00 25.24  ? 82  THR A CA  1 
ATOM   605 C  C   . THR A 1 85  ? -9.052  -1.706  -5.175  1.00 26.62  ? 82  THR A C   1 
ATOM   606 O  O   . THR A 1 85  ? -9.937  -2.569  -5.118  1.00 27.57  ? 82  THR A O   1 
ATOM   607 C  CB  . THR A 1 85  ? -10.049 0.300   -6.205  1.00 28.37  ? 82  THR A CB  1 
ATOM   608 O  OG1 . THR A 1 85  ? -9.092  0.289   -7.269  1.00 31.57  ? 82  THR A OG1 1 
ATOM   609 C  CG2 . THR A 1 85  ? -10.573 1.713   -5.992  1.00 24.93  ? 82  THR A CG2 1 
ATOM   610 N  N   . GLU A 1 86  ? -7.786  -1.994  -5.466  1.00 22.22  ? 83  GLU A N   1 
ATOM   611 C  CA  . GLU A 1 86  ? -7.380  -3.364  -5.755  1.00 28.42  ? 83  GLU A CA  1 
ATOM   612 C  C   . GLU A 1 86  ? -6.130  -3.791  -5.005  1.00 28.07  ? 83  GLU A C   1 
ATOM   613 O  O   . GLU A 1 86  ? -5.390  -2.956  -4.474  1.00 28.57  ? 83  GLU A O   1 
ATOM   614 C  CB  . GLU A 1 86  ? -7.173  -3.527  -7.259  1.00 33.08  ? 83  GLU A CB  1 
ATOM   615 C  CG  . GLU A 1 86  ? -6.144  -2.585  -7.846  1.00 38.11  ? 83  GLU A CG  1 
ATOM   616 C  CD  . GLU A 1 86  ? -6.145  -2.600  -9.362  1.00 44.76  ? 83  GLU A CD  1 
ATOM   617 O  OE1 . GLU A 1 86  ? -5.157  -2.118  -9.959  1.00 46.17  ? 83  GLU A OE1 1 
ATOM   618 O  OE2 . GLU A 1 86  ? -7.136  -3.086  -9.952  1.00 45.79  ? 83  GLU A OE2 1 
ATOM   619 N  N   . TYR A 1 87  ? -5.889  -5.097  -4.966  1.00 26.92  ? 84  TYR A N   1 
ATOM   620 C  CA  . TYR A 1 87  ? -4.736  -5.622  -4.253  1.00 26.17  ? 84  TYR A CA  1 
ATOM   621 C  C   . TYR A 1 87  ? -4.474  -7.085  -4.564  1.00 27.63  ? 84  TYR A C   1 
ATOM   622 O  O   . TYR A 1 87  ? -5.217  -7.729  -5.305  1.00 29.22  ? 84  TYR A O   1 
ATOM   623 C  CB  . TYR A 1 87  ? -4.971  -5.524  -2.740  1.00 27.36  ? 84  TYR A CB  1 
ATOM   624 C  CG  . TYR A 1 87  ? -5.794  -6.679  -2.176  1.00 28.93  ? 84  TYR A CG  1 
ATOM   625 C  CD1 . TYR A 1 87  ? -5.242  -7.567  -1.253  1.00 26.55  ? 84  TYR A CD1 1 
ATOM   626 C  CD2 . TYR A 1 87  ? -7.110  -6.888  -2.580  1.00 29.04  ? 84  TYR A CD2 1 
ATOM   627 C  CE1 . TYR A 1 87  ? -5.984  -8.639  -0.748  1.00 30.80  ? 84  TYR A CE1 1 
ATOM   628 C  CE2 . TYR A 1 87  ? -7.863  -7.956  -2.078  1.00 31.42  ? 84  TYR A CE2 1 
ATOM   629 C  CZ  . TYR A 1 87  ? -7.295  -8.825  -1.165  1.00 32.26  ? 84  TYR A CZ  1 
ATOM   630 O  OH  . TYR A 1 87  ? -8.036  -9.880  -0.668  1.00 34.45  ? 84  TYR A OH  1 
ATOM   631 N  N   . THR A 1 88  ? -3.413  -7.591  -3.948  1.00 27.57  ? 85  THR A N   1 
ATOM   632 C  CA  . THR A 1 88  ? -3.035  -8.992  -4.022  1.00 28.89  ? 85  THR A CA  1 
ATOM   633 C  C   . THR A 1 88  ? -1.845  -9.181  -3.111  1.00 29.64  ? 85  THR A C   1 
ATOM   634 O  O   . THR A 1 88  ? -1.240  -8.217  -2.642  1.00 24.68  ? 85  THR A O   1 
ATOM   635 C  CB  . THR A 1 88  ? -2.619  -9.446  -5.430  1.00 32.34  ? 85  THR A CB  1 
ATOM   636 O  OG1 . THR A 1 88  ? -2.562  -10.883 -5.454  1.00 32.35  ? 85  THR A OG1 1 
ATOM   637 C  CG2 . THR A 1 88  ? -1.232  -8.913  -5.782  1.00 29.33  ? 85  THR A CG2 1 
ATOM   638 N  N   . VAL A 1 89  ? -1.524  -10.435 -2.847  1.00 25.40  ? 86  VAL A N   1 
ATOM   639 C  CA  . VAL A 1 89  ? -0.372  -10.777 -2.042  1.00 28.30  ? 86  VAL A CA  1 
ATOM   640 C  C   . VAL A 1 89  ? 0.332   -11.719 -2.991  1.00 30.15  ? 86  VAL A C   1 
ATOM   641 O  O   . VAL A 1 89  ? -0.195  -12.787 -3.300  1.00 31.72  ? 86  VAL A O   1 
ATOM   642 C  CB  . VAL A 1 89  ? -0.781  -11.491 -0.759  1.00 27.05  ? 86  VAL A CB  1 
ATOM   643 C  CG1 . VAL A 1 89  ? 0.450   -12.036 -0.049  1.00 28.74  ? 86  VAL A CG1 1 
ATOM   644 C  CG2 . VAL A 1 89  ? -1.538  -10.513 0.138   1.00 24.97  ? 86  VAL A CG2 1 
ATOM   645 N  N   . ASP A 1 90  ? 1.507   -11.319 -3.468  1.00 29.08  ? 87  ASP A N   1 
ATOM   646 C  CA  . ASP A 1 90  ? 2.230   -12.121 -4.442  1.00 32.17  ? 87  ASP A CA  1 
ATOM   647 C  C   . ASP A 1 90  ? 3.022   -13.302 -3.918  1.00 32.92  ? 87  ASP A C   1 
ATOM   648 O  O   . ASP A 1 90  ? 3.041   -13.576 -2.721  1.00 33.43  ? 87  ASP A O   1 
ATOM   649 C  CB  . ASP A 1 90  ? 3.122   -11.215 -5.299  1.00 31.65  ? 87  ASP A CB  1 
ATOM   650 C  CG  . ASP A 1 90  ? 4.251   -10.576 -4.520  1.00 28.35  ? 87  ASP A CG  1 
ATOM   651 O  OD1 . ASP A 1 90  ? 4.821   -9.608  -5.053  1.00 29.88  ? 87  ASP A OD1 1 
ATOM   652 O  OD2 . ASP A 1 90  ? 4.580   -11.035 -3.403  1.00 29.45  ? 87  ASP A OD2 1 
ATOM   653 N  N   . GLU A 1 91  ? 3.665   -14.012 -4.842  1.00 34.35  ? 88  GLU A N   1 
ATOM   654 C  CA  . GLU A 1 91  ? 4.460   -15.188 -4.512  1.00 38.37  ? 88  GLU A CA  1 
ATOM   655 C  C   . GLU A 1 91  ? 5.545   -14.899 -3.485  1.00 39.78  ? 88  GLU A C   1 
ATOM   656 O  O   . GLU A 1 91  ? 5.980   -15.798 -2.757  1.00 40.27  ? 88  GLU A O   1 
ATOM   657 C  CB  . GLU A 1 91  ? 5.092   -15.765 -5.783  1.00 42.26  ? 88  GLU A CB  1 
ATOM   658 C  CG  . GLU A 1 91  ? 5.821   -14.745 -6.653  1.00 48.01  ? 88  GLU A CG  1 
ATOM   659 C  CD  . GLU A 1 91  ? 4.875   -13.830 -7.424  1.00 51.52  ? 88  GLU A CD  1 
ATOM   660 O  OE1 . GLU A 1 91  ? 5.366   -12.979 -8.199  1.00 53.37  ? 88  GLU A OE1 1 
ATOM   661 O  OE2 . GLU A 1 91  ? 3.643   -13.960 -7.261  1.00 51.94  ? 88  GLU A OE2 1 
ATOM   662 N  N   . GLU A 1 92  ? 5.982   -13.644 -3.426  1.00 37.35  ? 89  GLU A N   1 
ATOM   663 C  CA  . GLU A 1 92  ? 7.015   -13.248 -2.476  1.00 36.60  ? 89  GLU A CA  1 
ATOM   664 C  C   . GLU A 1 92  ? 6.382   -12.756 -1.184  1.00 34.72  ? 89  GLU A C   1 
ATOM   665 O  O   . GLU A 1 92  ? 7.061   -12.223 -0.305  1.00 34.46  ? 89  GLU A O   1 
ATOM   666 C  CB  . GLU A 1 92  ? 7.900   -12.161 -3.084  1.00 39.74  ? 89  GLU A CB  1 
ATOM   667 C  CG  . GLU A 1 92  ? 8.810   -12.675 -4.187  1.00 42.28  ? 89  GLU A CG  1 
ATOM   668 C  CD  . GLU A 1 92  ? 9.425   -11.557 -4.999  1.00 45.54  ? 89  GLU A CD  1 
ATOM   669 O  OE1 . GLU A 1 92  ? 10.036  -10.646 -4.398  1.00 47.46  ? 89  GLU A OE1 1 
ATOM   670 O  OE2 . GLU A 1 92  ? 9.299   -11.590 -6.242  1.00 49.78  ? 89  GLU A OE2 1 
ATOM   671 N  N   . ASN A 1 93  ? 5.074   -12.959 -1.070  1.00 32.29  ? 90  ASN A N   1 
ATOM   672 C  CA  . ASN A 1 93  ? 4.336   -12.551 0.111   1.00 33.14  ? 90  ASN A CA  1 
ATOM   673 C  C   . ASN A 1 93  ? 4.409   -11.036 0.304   1.00 30.47  ? 90  ASN A C   1 
ATOM   674 O  O   . ASN A 1 93  ? 4.580   -10.547 1.421   1.00 32.50  ? 90  ASN A O   1 
ATOM   675 C  CB  . ASN A 1 93  ? 4.886   -13.258 1.349   1.00 36.81  ? 90  ASN A CB  1 
ATOM   676 C  CG  . ASN A 1 93  ? 4.011   -13.054 2.564   1.00 40.77  ? 90  ASN A CG  1 
ATOM   677 O  OD1 . ASN A 1 93  ? 2.836   -13.420 2.564   1.00 45.67  ? 90  ASN A OD1 1 
ATOM   678 N  ND2 . ASN A 1 93  ? 4.579   -12.469 3.611   1.00 47.17  ? 90  ASN A ND2 1 
ATOM   679 N  N   . ARG A 1 94  ? 4.289   -10.291 -0.785  1.00 27.73  ? 91  ARG A N   1 
ATOM   680 C  CA  . ARG A 1 94  ? 4.324   -8.838  -0.673  1.00 23.18  ? 91  ARG A CA  1 
ATOM   681 C  C   . ARG A 1 94  ? 2.913   -8.329  -0.892  1.00 25.70  ? 91  ARG A C   1 
ATOM   682 O  O   . ARG A 1 94  ? 2.241   -8.725  -1.851  1.00 26.39  ? 91  ARG A O   1 
ATOM   683 C  CB  . ARG A 1 94  ? 5.282   -8.238  -1.712  1.00 20.98  ? 91  ARG A CB  1 
ATOM   684 C  CG  . ARG A 1 94  ? 6.713   -8.703  -1.552  1.00 24.72  ? 91  ARG A CG  1 
ATOM   685 C  CD  . ARG A 1 94  ? 7.626   -8.071  -2.591  1.00 26.07  ? 91  ARG A CD  1 
ATOM   686 N  NE  . ARG A 1 94  ? 7.178   -8.323  -3.958  1.00 30.89  ? 91  ARG A NE  1 
ATOM   687 C  CZ  . ARG A 1 94  ? 7.866   -7.966  -5.038  1.00 30.85  ? 91  ARG A CZ  1 
ATOM   688 N  NH1 . ARG A 1 94  ? 9.033   -7.348  -4.904  1.00 28.84  ? 91  ARG A NH1 1 
ATOM   689 N  NH2 . ARG A 1 94  ? 7.382   -8.214  -6.250  1.00 31.37  ? 91  ARG A NH2 1 
ATOM   690 N  N   . LEU A 1 95  ? 2.448   -7.467  0.015   1.00 21.66  ? 92  LEU A N   1 
ATOM   691 C  CA  . LEU A 1 95  ? 1.117   -6.903  -0.105  1.00 21.20  ? 92  LEU A CA  1 
ATOM   692 C  C   . LEU A 1 95  ? 1.193   -5.723  -1.070  1.00 19.60  ? 92  LEU A C   1 
ATOM   693 O  O   . LEU A 1 95  ? 1.859   -4.713  -0.804  1.00 20.09  ? 92  LEU A O   1 
ATOM   694 C  CB  . LEU A 1 95  ? 0.585   -6.444  1.268   1.00 18.88  ? 92  LEU A CB  1 
ATOM   695 C  CG  . LEU A 1 95  ? -0.732  -5.651  1.300   1.00 20.80  ? 92  LEU A CG  1 
ATOM   696 C  CD1 . LEU A 1 95  ? -1.885  -6.525  0.798   1.00 21.74  ? 92  LEU A CD1 1 
ATOM   697 C  CD2 . LEU A 1 95  ? -1.025  -5.194  2.738   1.00 20.02  ? 92  LEU A CD2 1 
ATOM   698 N  N   . LEU A 1 96  ? 0.515   -5.883  -2.198  1.00 17.39  ? 93  LEU A N   1 
ATOM   699 C  CA  . LEU A 1 96  ? 0.465   -4.871  -3.247  1.00 19.33  ? 93  LEU A CA  1 
ATOM   700 C  C   . LEU A 1 96  ? -0.921  -4.259  -3.339  1.00 21.70  ? 93  LEU A C   1 
ATOM   701 O  O   . LEU A 1 96  ? -1.910  -4.967  -3.538  1.00 21.53  ? 93  LEU A O   1 
ATOM   702 C  CB  . LEU A 1 96  ? 0.808   -5.501  -4.601  1.00 20.70  ? 93  LEU A CB  1 
ATOM   703 C  CG  . LEU A 1 96  ? 2.024   -6.421  -4.615  1.00 25.24  ? 93  LEU A CG  1 
ATOM   704 C  CD1 . LEU A 1 96  ? 2.243   -6.913  -6.023  1.00 26.06  ? 93  LEU A CD1 1 
ATOM   705 C  CD2 . LEU A 1 96  ? 3.242   -5.698  -4.085  1.00 22.28  ? 93  LEU A CD2 1 
HETATM 706 N  N   . MSE A 1 97  ? -1.013  -2.942  -3.197  1.00 18.13  ? 94  MSE A N   1 
HETATM 707 C  CA  . MSE A 1 97  ? -2.311  -2.297  -3.290  1.00 18.62  ? 94  MSE A CA  1 
HETATM 708 C  C   . MSE A 1 97  ? -2.244  -1.136  -4.271  1.00 20.59  ? 94  MSE A C   1 
HETATM 709 O  O   . MSE A 1 97  ? -1.194  -0.512  -4.453  1.00 21.12  ? 94  MSE A O   1 
HETATM 710 C  CB  . MSE A 1 97  ? -2.745  -1.796  -1.911  1.00 21.52  ? 94  MSE A CB  1 
HETATM 711 C  CG  . MSE A 1 97  ? -2.931  -2.909  -0.919  1.00 21.44  ? 94  MSE A CG  1 
HETATM 712 SE SE  . MSE A 1 97  ? -3.089  -2.201  0.865   0.80 33.44  ? 94  MSE A SE  1 
HETATM 713 C  CE  . MSE A 1 97  ? -1.211  -1.774  1.165   1.00 23.88  ? 94  MSE A CE  1 
ATOM   714 N  N   . ALA A 1 98  ? -3.369  -0.838  -4.909  1.00 19.95  ? 95  ALA A N   1 
ATOM   715 C  CA  . ALA A 1 98  ? -3.385  0.249   -5.876  1.00 19.52  ? 95  ALA A CA  1 
ATOM   716 C  C   . ALA A 1 98  ? -4.778  0.764   -6.160  1.00 22.47  ? 95  ALA A C   1 
ATOM   717 O  O   . ALA A 1 98  ? -5.780  0.123   -5.827  1.00 22.46  ? 95  ALA A O   1 
ATOM   718 C  CB  . ALA A 1 98  ? -2.730  -0.216  -7.180  1.00 23.09  ? 95  ALA A CB  1 
ATOM   719 N  N   . GLY A 1 99  ? -4.830  1.936   -6.780  1.00 22.01  ? 96  GLY A N   1 
ATOM   720 C  CA  . GLY A 1 99  ? -6.091  2.539   -7.146  1.00 25.62  ? 96  GLY A CA  1 
ATOM   721 C  C   . GLY A 1 99  ? -5.874  3.388   -8.379  1.00 26.86  ? 96  GLY A C   1 
ATOM   722 O  O   . GLY A 1 99  ? -4.779  3.891   -8.598  1.00 26.65  ? 96  GLY A O   1 
ATOM   723 N  N   . HIS A 1 100 ? -6.892  3.512   -9.220  1.00 30.20  ? 97  HIS A N   1 
ATOM   724 C  CA  . HIS A 1 100 ? -6.769  4.344   -10.410 1.00 34.11  ? 97  HIS A CA  1 
ATOM   725 C  C   . HIS A 1 100 ? -8.107  4.992   -10.718 1.00 36.09  ? 97  HIS A C   1 
ATOM   726 O  O   . HIS A 1 100 ? -9.118  4.308   -10.840 1.00 38.48  ? 97  HIS A O   1 
ATOM   727 C  CB  . HIS A 1 100 ? -6.315  3.533   -11.625 1.00 38.57  ? 97  HIS A CB  1 
ATOM   728 C  CG  . HIS A 1 100 ? -6.204  4.351   -12.876 1.00 43.85  ? 97  HIS A CG  1 
ATOM   729 N  ND1 . HIS A 1 100 ? -6.863  4.027   -14.042 1.00 46.55  ? 97  HIS A ND1 1 
ATOM   730 C  CD2 . HIS A 1 100 ? -5.535  5.501   -13.129 1.00 45.26  ? 97  HIS A CD2 1 
ATOM   731 C  CE1 . HIS A 1 100 ? -6.605  4.942   -14.960 1.00 47.90  ? 97  HIS A CE1 1 
ATOM   732 N  NE2 . HIS A 1 100 ? -5.803  5.848   -14.432 1.00 47.34  ? 97  HIS A NE2 1 
ATOM   733 N  N   . LEU A 1 101 ? -8.107  6.315   -10.819 1.00 36.01  ? 98  LEU A N   1 
ATOM   734 C  CA  . LEU A 1 101 ? -9.316  7.064   -11.127 1.00 38.64  ? 98  LEU A CA  1 
ATOM   735 C  C   . LEU A 1 101 ? -9.172  7.547   -12.557 1.00 38.68  ? 98  LEU A C   1 
ATOM   736 O  O   . LEU A 1 101 ? -8.489  8.541   -12.815 1.00 38.68  ? 98  LEU A O   1 
ATOM   737 C  CB  . LEU A 1 101 ? -9.464  8.267   -10.195 1.00 41.26  ? 98  LEU A CB  1 
ATOM   738 C  CG  . LEU A 1 101 ? -9.686  8.013   -8.704  1.00 44.24  ? 98  LEU A CG  1 
ATOM   739 C  CD1 . LEU A 1 101 ? -9.914  9.345   -8.008  1.00 45.25  ? 98  LEU A CD1 1 
ATOM   740 C  CD2 . LEU A 1 101 ? -10.883 7.104   -8.499  1.00 44.03  ? 98  LEU A CD2 1 
ATOM   741 N  N   . PRO A 1 102 ? -9.805  6.842   -13.510 1.00 39.62  ? 99  PRO A N   1 
ATOM   742 C  CA  . PRO A 1 102 ? -9.727  7.215   -14.924 1.00 39.53  ? 99  PRO A CA  1 
ATOM   743 C  C   . PRO A 1 102 ? -10.259 8.613   -15.213 1.00 38.98  ? 99  PRO A C   1 
ATOM   744 O  O   . PRO A 1 102 ? -9.776  9.291   -16.118 1.00 39.95  ? 99  PRO A O   1 
ATOM   745 C  CB  . PRO A 1 102 ? -10.538 6.119   -15.613 1.00 38.84  ? 99  PRO A CB  1 
ATOM   746 C  CG  . PRO A 1 102 ? -11.550 5.754   -14.583 1.00 41.45  ? 99  PRO A CG  1 
ATOM   747 C  CD  . PRO A 1 102 ? -10.724 5.705   -13.319 1.00 37.90  ? 99  PRO A CD  1 
ATOM   748 N  N   . GLY A 1 103 ? -11.237 9.044   -14.423 1.00 37.65  ? 100 GLY A N   1 
ATOM   749 C  CA  . GLY A 1 103 ? -11.825 10.356  -14.618 1.00 39.69  ? 100 GLY A CA  1 
ATOM   750 C  C   . GLY A 1 103 ? -10.881 11.469  -14.221 1.00 40.05  ? 100 GLY A C   1 
ATOM   751 O  O   . GLY A 1 103 ? -10.621 12.393  -14.995 1.00 42.73  ? 100 GLY A O   1 
ATOM   752 N  N   . GLY A 1 104 ? -10.367 11.379  -12.999 1.00 39.38  ? 101 GLY A N   1 
ATOM   753 C  CA  . GLY A 1 104 ? -9.443  12.382  -12.514 1.00 38.87  ? 101 GLY A CA  1 
ATOM   754 C  C   . GLY A 1 104 ? -8.037  12.135  -13.014 1.00 38.20  ? 101 GLY A C   1 
ATOM   755 O  O   . GLY A 1 104 ? -7.165  12.977  -12.845 1.00 36.52  ? 101 GLY A O   1 
ATOM   756 N  N   . LYS A 1 105 ? -7.805  10.989  -13.643 1.00 39.81  ? 102 LYS A N   1 
ATOM   757 C  CA  . LYS A 1 105 ? -6.472  10.680  -14.144 1.00 42.00  ? 102 LYS A CA  1 
ATOM   758 C  C   . LYS A 1 105 ? -5.488  10.710  -12.977 1.00 41.75  ? 102 LYS A C   1 
ATOM   759 O  O   . LYS A 1 105 ? -4.476  11.409  -13.019 1.00 41.99  ? 102 LYS A O   1 
ATOM   760 C  CB  . LYS A 1 105 ? -6.046  11.704  -15.202 1.00 47.52  ? 102 LYS A CB  1 
ATOM   761 C  CG  . LYS A 1 105 ? -6.697  11.521  -16.565 1.00 53.68  ? 102 LYS A CG  1 
ATOM   762 C  CD  . LYS A 1 105 ? -6.087  10.336  -17.301 1.00 59.13  ? 102 LYS A CD  1 
ATOM   763 C  CE  . LYS A 1 105 ? -6.580  10.260  -18.741 1.00 62.79  ? 102 LYS A CE  1 
ATOM   764 N  NZ  . LYS A 1 105 ? -5.871  9.205   -19.528 1.00 63.73  ? 102 LYS A NZ  1 
ATOM   765 N  N   . LEU A 1 106 ? -5.802  9.957   -11.930 1.00 38.25  ? 103 LEU A N   1 
ATOM   766 C  CA  . LEU A 1 106 ? -4.939  9.895   -10.760 1.00 35.58  ? 103 LEU A CA  1 
ATOM   767 C  C   . LEU A 1 106 ? -4.743  8.431   -10.398 1.00 32.78  ? 103 LEU A C   1 
ATOM   768 O  O   . LEU A 1 106 ? -5.684  7.643   -10.442 1.00 34.26  ? 103 LEU A O   1 
ATOM   769 C  CB  . LEU A 1 106 ? -5.583  10.631  -9.587  1.00 37.13  ? 103 LEU A CB  1 
ATOM   770 C  CG  . LEU A 1 106 ? -4.666  11.384  -8.616  1.00 40.26  ? 103 LEU A CG  1 
ATOM   771 C  CD1 . LEU A 1 106 ? -5.473  11.716  -7.367  1.00 41.86  ? 103 LEU A CD1 1 
ATOM   772 C  CD2 . LEU A 1 106 ? -3.448  10.552  -8.246  1.00 42.48  ? 103 LEU A CD2 1 
ATOM   773 N  N   . ALA A 1 107 ? -3.519  8.062   -10.051 1.00 25.91  ? 104 ALA A N   1 
ATOM   774 C  CA  . ALA A 1 107 ? -3.245  6.689   -9.679  1.00 21.70  ? 104 ALA A CA  1 
ATOM   775 C  C   . ALA A 1 107 ? -2.397  6.657   -8.426  1.00 19.25  ? 104 ALA A C   1 
ATOM   776 O  O   . ALA A 1 107 ? -1.609  7.580   -8.158  1.00 19.78  ? 104 ALA A O   1 
ATOM   777 C  CB  . ALA A 1 107 ? -2.522  5.958   -10.810 1.00 21.85  ? 104 ALA A CB  1 
ATOM   778 N  N   . ILE A 1 108 ? -2.564  5.589   -7.662  1.00 19.99  ? 105 ILE A N   1 
ATOM   779 C  CA  . ILE A 1 108 ? -1.814  5.434   -6.435  1.00 18.76  ? 105 ILE A CA  1 
ATOM   780 C  C   . ILE A 1 108 ? -1.431  3.989   -6.214  1.00 20.82  ? 105 ILE A C   1 
ATOM   781 O  O   . ILE A 1 108 ? -2.136  3.065   -6.629  1.00 20.26  ? 105 ILE A O   1 
ATOM   782 C  CB  . ILE A 1 108 ? -2.617  5.944   -5.229  1.00 18.42  ? 105 ILE A CB  1 
ATOM   783 C  CG1 . ILE A 1 108 ? -1.778  5.803   -3.958  1.00 18.85  ? 105 ILE A CG1 1 
ATOM   784 C  CG2 . ILE A 1 108 ? -3.945  5.180   -5.127  1.00 17.58  ? 105 ILE A CG2 1 
ATOM   785 C  CD1 . ILE A 1 108 ? -2.266  6.646   -2.822  1.00 26.57  ? 105 ILE A CD1 1 
ATOM   786 N  N   . SER A 1 109 ? -0.294  3.803   -5.556  1.00 19.98  ? 106 SER A N   1 
ATOM   787 C  CA  . SER A 1 109 ? 0.221   2.480   -5.265  1.00 17.82  ? 106 SER A CA  1 
ATOM   788 C  C   . SER A 1 109 ? 0.878   2.476   -3.897  1.00 18.00  ? 106 SER A C   1 
ATOM   789 O  O   . SER A 1 109 ? 1.642   3.385   -3.579  1.00 17.01  ? 106 SER A O   1 
ATOM   790 C  CB  . SER A 1 109 ? 1.248   2.079   -6.340  1.00 22.21  ? 106 SER A CB  1 
ATOM   791 O  OG  . SER A 1 109 ? 1.943   0.900   -5.978  1.00 29.23  ? 106 SER A OG  1 
ATOM   792 N  N   . LEU A 1 110 ? 0.533   1.479   -3.077  1.00 16.83  ? 107 LEU A N   1 
ATOM   793 C  CA  . LEU A 1 110 ? 1.139   1.301   -1.753  1.00 13.94  ? 107 LEU A CA  1 
ATOM   794 C  C   . LEU A 1 110 ? 1.477   -0.178  -1.697  1.00 14.86  ? 107 LEU A C   1 
ATOM   795 O  O   . LEU A 1 110 ? 0.595   -1.032  -1.866  1.00 17.47  ? 107 LEU A O   1 
ATOM   796 C  CB  . LEU A 1 110 ? 0.182   1.672   -0.605  1.00 14.28  ? 107 LEU A CB  1 
ATOM   797 C  CG  . LEU A 1 110 ? 0.757   1.388   0.800   1.00 16.83  ? 107 LEU A CG  1 
ATOM   798 C  CD1 . LEU A 1 110 ? 2.016   2.216   1.070   1.00 16.48  ? 107 LEU A CD1 1 
ATOM   799 C  CD2 . LEU A 1 110 ? -0.322  1.683   1.871   1.00 15.57  ? 107 LEU A CD2 1 
ATOM   800 N  N   . GLN A 1 111 ? 2.758   -0.481  -1.504  1.00 16.48  ? 108 GLN A N   1 
ATOM   801 C  CA  . GLN A 1 111 ? 3.232   -1.860  -1.451  1.00 16.08  ? 108 GLN A CA  1 
ATOM   802 C  C   . GLN A 1 111 ? 4.114   -2.059  -0.209  1.00 16.35  ? 108 GLN A C   1 
ATOM   803 O  O   . GLN A 1 111 ? 4.906   -1.184  0.143   1.00 12.80  ? 108 GLN A O   1 
ATOM   804 C  CB  . GLN A 1 111 ? 4.039   -2.174  -2.715  1.00 16.50  ? 108 GLN A CB  1 
ATOM   805 C  CG  . GLN A 1 111 ? 3.383   -1.744  -4.034  1.00 18.67  ? 108 GLN A CG  1 
ATOM   806 C  CD  . GLN A 1 111 ? 4.174   -2.243  -5.238  1.00 22.73  ? 108 GLN A CD  1 
ATOM   807 O  OE1 . GLN A 1 111 ? 5.389   -2.392  -5.161  1.00 23.85  ? 108 GLN A OE1 1 
ATOM   808 N  NE2 . GLN A 1 111 ? 3.491   -2.495  -6.343  1.00 24.72  ? 108 GLN A NE2 1 
ATOM   809 N  N   . ILE A 1 112 ? 3.983   -3.222  0.428   1.00 13.97  ? 109 ILE A N   1 
ATOM   810 C  CA  . ILE A 1 112 ? 4.719   -3.557  1.644   1.00 14.93  ? 109 ILE A CA  1 
ATOM   811 C  C   . ILE A 1 112 ? 5.406   -4.907  1.457   1.00 18.61  ? 109 ILE A C   1 
ATOM   812 O  O   . ILE A 1 112 ? 4.768   -5.860  1.020   1.00 18.40  ? 109 ILE A O   1 
ATOM   813 C  CB  . ILE A 1 112 ? 3.735   -3.642  2.849   1.00 16.04  ? 109 ILE A CB  1 
ATOM   814 C  CG1 . ILE A 1 112 ? 2.939   -2.335  2.943   1.00 16.94  ? 109 ILE A CG1 1 
ATOM   815 C  CG2 . ILE A 1 112 ? 4.497   -3.943  4.133   1.00 18.54  ? 109 ILE A CG2 1 
ATOM   816 C  CD1 . ILE A 1 112 ? 1.836   -2.304  3.987   1.00 20.77  ? 109 ILE A CD1 1 
ATOM   817 N  N   . SER A 1 113 ? 6.685   -4.977  1.821   1.00 19.02  ? 110 SER A N   1 
ATOM   818 C  CA  . SER A 1 113 ? 7.474   -6.201  1.679   1.00 21.06  ? 110 SER A CA  1 
ATOM   819 C  C   . SER A 1 113 ? 8.506   -6.339  2.789   1.00 21.97  ? 110 SER A C   1 
ATOM   820 O  O   . SER A 1 113 ? 8.981   -5.346  3.335   1.00 18.98  ? 110 SER A O   1 
ATOM   821 C  CB  . SER A 1 113 ? 8.189   -6.189  0.323   1.00 23.03  ? 110 SER A CB  1 
ATOM   822 O  OG  . SER A 1 113 ? 8.966   -7.369  0.124   1.00 24.57  ? 110 SER A OG  1 
ATOM   823 N  N   . GLU A 1 114 ? 8.857   -7.578  3.124   1.00 22.39  ? 111 GLU A N   1 
ATOM   824 C  CA  . GLU A 1 114 ? 9.856   -7.825  4.145   1.00 25.48  ? 111 GLU A CA  1 
ATOM   825 C  C   . GLU A 1 114 ? 11.248  -7.604  3.546   1.00 24.41  ? 111 GLU A C   1 
ATOM   826 O  O   . GLU A 1 114 ? 12.230  -7.437  4.266   1.00 25.85  ? 111 GLU A O   1 
ATOM   827 C  CB  . GLU A 1 114 ? 9.727   -9.255  4.668   1.00 31.25  ? 111 GLU A CB  1 
ATOM   828 C  CG  . GLU A 1 114 ? 8.327   -9.598  5.144   1.00 41.20  ? 111 GLU A CG  1 
ATOM   829 C  CD  . GLU A 1 114 ? 8.187   -11.047 5.567   1.00 45.15  ? 111 GLU A CD  1 
ATOM   830 O  OE1 . GLU A 1 114 ? 8.810   -11.434 6.577   1.00 49.66  ? 111 GLU A OE1 1 
ATOM   831 O  OE2 . GLU A 1 114 ? 7.456   -11.799 4.885   1.00 49.42  ? 111 GLU A OE2 1 
ATOM   832 N  N   . LYS A 1 115 ? 11.327  -7.590  2.220   1.00 24.51  ? 112 LYS A N   1 
ATOM   833 C  CA  . LYS A 1 115 ? 12.599  -7.384  1.541   1.00 24.68  ? 112 LYS A CA  1 
ATOM   834 C  C   . LYS A 1 115 ? 12.510  -6.200  0.586   1.00 21.94  ? 112 LYS A C   1 
ATOM   835 O  O   . LYS A 1 115 ? 11.425  -5.825  0.165   1.00 20.68  ? 112 LYS A O   1 
ATOM   836 C  CB  . LYS A 1 115 ? 12.980  -8.630  0.743   1.00 27.90  ? 112 LYS A CB  1 
ATOM   837 C  CG  . LYS A 1 115 ? 13.262  -9.853  1.587   1.00 32.69  ? 112 LYS A CG  1 
ATOM   838 C  CD  . LYS A 1 115 ? 13.546  -11.038 0.687   1.00 39.67  ? 112 LYS A CD  1 
ATOM   839 C  CE  . LYS A 1 115 ? 13.733  -12.314 1.481   1.00 44.06  ? 112 LYS A CE  1 
ATOM   840 N  NZ  . LYS A 1 115 ? 13.908  -13.470 0.557   1.00 50.40  ? 112 LYS A NZ  1 
ATOM   841 N  N   . PRO A 1 116 ? 13.658  -5.602  0.228   1.00 22.89  ? 113 PRO A N   1 
ATOM   842 C  CA  . PRO A 1 116 ? 13.678  -4.459  -0.690  1.00 22.75  ? 113 PRO A CA  1 
ATOM   843 C  C   . PRO A 1 116 ? 12.997  -4.760  -2.021  1.00 23.18  ? 113 PRO A C   1 
ATOM   844 O  O   . PRO A 1 116 ? 13.062  -5.885  -2.543  1.00 22.55  ? 113 PRO A O   1 
ATOM   845 C  CB  . PRO A 1 116 ? 15.178  -4.201  -0.890  1.00 22.97  ? 113 PRO A CB  1 
ATOM   846 C  CG  . PRO A 1 116 ? 15.766  -4.630  0.402   1.00 26.55  ? 113 PRO A CG  1 
ATOM   847 C  CD  . PRO A 1 116 ? 15.022  -5.911  0.695   1.00 24.18  ? 113 PRO A CD  1 
ATOM   848 N  N   . PHE A 1 117 ? 12.348  -3.752  -2.584  1.00 19.16  ? 114 PHE A N   1 
ATOM   849 C  CA  . PHE A 1 117 ? 11.717  -3.911  -3.886  1.00 21.08  ? 114 PHE A CA  1 
ATOM   850 C  C   . PHE A 1 117 ? 12.800  -3.678  -4.939  1.00 20.95  ? 114 PHE A C   1 
ATOM   851 O  O   . PHE A 1 117 ? 13.564  -2.723  -4.834  1.00 22.71  ? 114 PHE A O   1 
ATOM   852 C  CB  . PHE A 1 117 ? 10.634  -2.855  -4.084  1.00 21.35  ? 114 PHE A CB  1 
ATOM   853 C  CG  . PHE A 1 117 ? 9.389   -3.109  -3.302  1.00 19.00  ? 114 PHE A CG  1 
ATOM   854 C  CD1 . PHE A 1 117 ? 8.415   -3.966  -3.794  1.00 21.69  ? 114 PHE A CD1 1 
ATOM   855 C  CD2 . PHE A 1 117 ? 9.202   -2.516  -2.053  1.00 20.09  ? 114 PHE A CD2 1 
ATOM   856 C  CE1 . PHE A 1 117 ? 7.260   -4.238  -3.050  1.00 20.80  ? 114 PHE A CE1 1 
ATOM   857 C  CE2 . PHE A 1 117 ? 8.055   -2.777  -1.304  1.00 17.64  ? 114 PHE A CE2 1 
ATOM   858 C  CZ  . PHE A 1 117 ? 7.088   -3.635  -1.797  1.00 18.63  ? 114 PHE A CZ  1 
ATOM   859 N  N   . THR A 1 118 ? 12.868  -4.536  -5.955  1.00 23.62  ? 115 THR A N   1 
ATOM   860 C  CA  . THR A 1 118 ? 13.864  -4.326  -7.008  1.00 26.10  ? 115 THR A CA  1 
ATOM   861 C  C   . THR A 1 118 ? 13.186  -4.258  -8.372  1.00 24.41  ? 115 THR A C   1 
ATOM   862 O  O   . THR A 1 118 ? 12.652  -3.214  -8.741  1.00 27.17  ? 115 THR A O   1 
ATOM   863 C  CB  . THR A 1 118 ? 14.958  -5.425  -6.995  1.00 23.66  ? 115 THR A CB  1 
ATOM   864 O  OG1 . THR A 1 118 ? 14.359  -6.711  -7.167  1.00 24.73  ? 115 THR A OG1 1 
ATOM   865 C  CG2 . THR A 1 118 ? 15.728  -5.387  -5.672  1.00 25.34  ? 115 THR A CG2 1 
ATOM   866 N  N   . VAL A 1 119 ? 13.190  -5.353  -9.119  1.00 29.16  ? 116 VAL A N   1 
ATOM   867 C  CA  . VAL A 1 119 ? 12.568  -5.354  -10.437 1.00 28.58  ? 116 VAL A CA  1 
ATOM   868 C  C   . VAL A 1 119 ? 11.138  -5.867  -10.397 1.00 30.92  ? 116 VAL A C   1 
ATOM   869 O  O   . VAL A 1 119 ? 10.650  -6.136  -9.278  1.00 32.60  ? 116 VAL A O   1 
ATOM   870 C  CB  . VAL A 1 119 ? 13.407  -6.174  -11.459 1.00 28.98  ? 116 VAL A CB  1 
ATOM   871 C  CG1 . VAL A 1 119 ? 14.705  -5.429  -11.767 1.00 27.12  ? 116 VAL A CG1 1 
ATOM   872 C  CG2 . VAL A 1 119 ? 13.724  -7.545  -10.901 1.00 25.30  ? 116 VAL A CG2 1 
ATOM   873 O  OXT . VAL A 1 119 ? 10.504  -5.964  -11.473 1.00 29.92  ? 116 VAL A OXT 1 
HETATM 874 C  C1  . IPA B 2 .   ? -14.062 3.187   9.273   1.00 56.50  ? 117 IPA A C1  1 
HETATM 875 C  C2  . IPA B 2 .   ? -14.697 2.005   8.771   1.00 57.10  ? 117 IPA A C2  1 
HETATM 876 C  C3  . IPA B 2 .   ? -15.257 2.228   7.416   1.00 57.31  ? 117 IPA A C3  1 
HETATM 877 O  O2  . IPA B 2 .   ? -13.713 0.965   8.787   1.00 57.41  ? 117 IPA A O2  1 
HETATM 878 C  C1  . GOL C 3 .   ? -15.260 6.092   6.121   1.00 52.87  ? 118 GOL A C1  1 
HETATM 879 O  O1  . GOL C 3 .   ? -14.756 5.043   6.946   1.00 54.15  ? 118 GOL A O1  1 
HETATM 880 C  C2  . GOL C 3 .   ? -15.741 5.561   4.781   1.00 52.24  ? 118 GOL A C2  1 
HETATM 881 O  O2  . GOL C 3 .   ? -16.977 4.842   4.936   1.00 51.14  ? 118 GOL A O2  1 
HETATM 882 C  C3  . GOL C 3 .   ? -15.841 6.677   3.735   1.00 52.19  ? 118 GOL A C3  1 
HETATM 883 O  O3  . GOL C 3 .   ? -16.129 6.158   2.440   1.00 53.55  ? 118 GOL A O3  1 
HETATM 884 O  O   . HOH D 4 .   ? 6.130   -2.900  10.298  1.00 21.57  ? 119 HOH A O   1 
HETATM 885 O  O   . HOH D 4 .   ? -3.285  -2.448  13.926  1.00 32.58  ? 120 HOH A O   1 
HETATM 886 O  O   . HOH D 4 .   ? 0.610   -1.542  -6.345  1.00 27.92  ? 121 HOH A O   1 
HETATM 887 O  O   . HOH D 4 .   ? 10.542  -7.370  -2.224  1.00 29.18  ? 122 HOH A O   1 
HETATM 888 O  O   . HOH D 4 .   ? -10.133 -2.755  8.892   1.00 33.00  ? 123 HOH A O   1 
HETATM 889 O  O   . HOH D 4 .   ? 8.947   -3.789  -7.765  1.00 30.02  ? 124 HOH A O   1 
HETATM 890 O  O   . HOH D 4 .   ? 9.475   3.597   11.426  1.00 27.35  ? 125 HOH A O   1 
HETATM 891 O  O   . HOH D 4 .   ? -12.592 -2.382  -4.760  1.00 37.72  ? 126 HOH A O   1 
HETATM 892 O  O   . HOH D 4 .   ? 7.148   -1.497  -6.970  1.00 33.22  ? 127 HOH A O   1 
HETATM 893 O  O   . HOH D 4 .   ? -8.395  0.432   14.523  1.00 56.30  ? 128 HOH A O   1 
HETATM 894 O  O   . HOH D 4 .   ? 15.946  3.224   2.461   1.00 42.14  ? 129 HOH A O   1 
HETATM 895 O  O   . HOH D 4 .   ? 11.892  -2.581  14.195  1.00 34.45  ? 130 HOH A O   1 
HETATM 896 O  O   . HOH D 4 .   ? 11.120  -9.936  -2.210  1.00 32.42  ? 131 HOH A O   1 
HETATM 897 O  O   . HOH D 4 .   ? 7.132   12.115  15.986  1.00 32.39  ? 132 HOH A O   1 
HETATM 898 O  O   . HOH D 4 .   ? -13.805 -3.977  -3.080  1.00 32.68  ? 133 HOH A O   1 
HETATM 899 O  O   . HOH D 4 .   ? -9.065  6.014   -6.483  1.00 54.44  ? 134 HOH A O   1 
HETATM 900 O  O   . HOH D 4 .   ? 10.598  -6.014  -6.830  1.00 36.66  ? 135 HOH A O   1 
HETATM 901 O  O   . HOH D 4 .   ? 15.658  1.377   -4.076  1.00 33.83  ? 136 HOH A O   1 
HETATM 902 O  O   . HOH D 4 .   ? 14.370  4.653   5.259   1.00 41.43  ? 137 HOH A O   1 
HETATM 903 O  O   . HOH D 4 .   ? 0.941   5.223   -8.848  1.00 29.08  ? 138 HOH A O   1 
HETATM 904 O  O   . HOH D 4 .   ? -11.764 -4.938  8.324   1.00 34.30  ? 139 HOH A O   1 
HETATM 905 O  O   . HOH D 4 .   ? 11.765  -9.260  -6.020  1.00 44.01  ? 140 HOH A O   1 
HETATM 906 O  O   . HOH D 4 .   ? -1.898  -2.031  -10.581 1.00 47.86  ? 141 HOH A O   1 
HETATM 907 O  O   . HOH D 4 .   ? 12.308  0.160   11.039  1.00 36.50  ? 142 HOH A O   1 
HETATM 908 O  O   . HOH D 4 .   ? -3.526  0.383   20.003  1.00 41.80  ? 143 HOH A O   1 
HETATM 909 O  O   . HOH D 4 .   ? 8.519   -7.670  -8.873  1.00 41.21  ? 144 HOH A O   1 
HETATM 910 O  O   . HOH D 4 .   ? 11.911  6.643   13.408  1.00 42.83  ? 145 HOH A O   1 
HETATM 911 O  O   . HOH D 4 .   ? 6.301   -1.696  16.719  1.00 38.40  ? 146 HOH A O   1 
HETATM 912 O  O   . HOH D 4 .   ? -11.187 -6.788  9.940   1.00 40.25  ? 147 HOH A O   1 
HETATM 913 O  O   . HOH D 4 .   ? 4.771   -9.317  -7.528  1.00 39.32  ? 148 HOH A O   1 
HETATM 914 O  O   . HOH D 4 .   ? -11.773 5.855   1.738   1.00 44.40  ? 149 HOH A O   1 
HETATM 915 O  O   . HOH D 4 .   ? -7.259  4.107   7.317   1.00 32.53  ? 150 HOH A O   1 
HETATM 916 O  O   . HOH D 4 .   ? 13.261  -7.529  -4.750  1.00 37.90  ? 151 HOH A O   1 
HETATM 917 O  O   . HOH D 4 .   ? 9.310   11.430  17.467  1.00 39.94  ? 152 HOH A O   1 
HETATM 918 O  O   . HOH D 4 .   ? 6.828   0.762   15.656  1.00 48.12  ? 153 HOH A O   1 
HETATM 919 O  O   . HOH D 4 .   ? 12.634  -6.600  6.638   1.00 40.66  ? 154 HOH A O   1 
HETATM 920 O  O   . HOH D 4 .   ? -6.969  -1.705  13.090  1.00 41.74  ? 155 HOH A O   1 
HETATM 921 O  O   . HOH D 4 .   ? 6.858   2.198   -10.006 1.00 44.16  ? 156 HOH A O   1 
HETATM 922 O  O   . HOH D 4 .   ? 10.071  -14.090 -6.885  1.00 44.05  ? 157 HOH A O   1 
HETATM 923 O  O   . HOH D 4 .   ? 7.234   -9.962  1.923   1.00 33.11  ? 158 HOH A O   1 
HETATM 924 O  O   . HOH D 4 .   ? -0.887  2.484   -9.420  1.00 38.86  ? 159 HOH A O   1 
HETATM 925 O  O   . HOH D 4 .   ? -14.827 -6.653  -0.023  1.00 65.45  ? 160 HOH A O   1 
HETATM 926 O  O   . HOH D 4 .   ? 6.738   -4.763  -6.749  1.00 43.82  ? 161 HOH A O   1 
HETATM 927 O  O   . HOH D 4 .   ? -3.357  1.699   -10.704 1.00 53.00  ? 162 HOH A O   1 
HETATM 928 O  O   . HOH D 4 .   ? -8.032  10.920  1.707   1.00 57.21  ? 163 HOH A O   1 
HETATM 929 O  O   . HOH D 4 .   ? 15.216  -7.723  -2.058  1.00 37.03  ? 164 HOH A O   1 
HETATM 930 O  O   . HOH D 4 .   ? -1.313  -5.643  14.586  1.00 49.63  ? 165 HOH A O   1 
HETATM 931 O  O   . HOH D 4 .   ? 1.924   -9.522  -8.918  1.00 42.10  ? 166 HOH A O   1 
HETATM 932 O  O   . HOH D 4 .   ? 6.975   7.292   8.857   1.00 32.14  ? 167 HOH A O   1 
HETATM 933 O  O   . HOH D 4 .   ? 4.354   10.284  16.022  1.00 46.11  ? 168 HOH A O   1 
HETATM 934 O  O   . HOH D 4 .   ? -9.212  3.058   -8.281  1.00 45.47  ? 169 HOH A O   1 
HETATM 935 O  O   . HOH D 4 .   ? -9.362  -9.154  9.340   1.00 37.75  ? 170 HOH A O   1 
HETATM 936 O  O   . HOH D 4 .   ? 0.014   5.141   -13.141 1.00 47.30  ? 171 HOH A O   1 
HETATM 937 O  O   . HOH D 4 .   ? 11.281  -7.969  9.133   1.00 38.94  ? 172 HOH A O   1 
HETATM 938 O  O   . HOH D 4 .   ? 3.854   0.498   -8.257  1.00 39.37  ? 173 HOH A O   1 
HETATM 939 O  O   . HOH D 4 .   ? 12.651  -5.593  15.207  1.00 45.72  ? 174 HOH A O   1 
HETATM 940 O  O   . HOH D 4 .   ? 3.619   6.038   17.458  1.00 43.52  ? 175 HOH A O   1 
HETATM 941 O  O   . HOH D 4 .   ? -5.998  8.219   -5.286  1.00 40.56  ? 176 HOH A O   1 
HETATM 942 O  O   . HOH D 4 .   ? -0.109  -7.855  14.096  1.00 41.07  ? 177 HOH A O   1 
HETATM 943 O  O   . HOH D 4 .   ? -8.018  -13.720 5.308   1.00 39.00  ? 178 HOH A O   1 
HETATM 944 O  O   . HOH D 4 .   ? -14.100 -7.866  4.137   1.00 42.34  ? 179 HOH A O   1 
HETATM 945 O  O   . HOH D 4 .   ? 2.256   -8.139  15.116  1.00 44.40  ? 180 HOH A O   1 
HETATM 946 O  O   . HOH D 4 .   ? -5.706  -3.819  14.010  1.00 39.30  ? 181 HOH A O   1 
HETATM 947 O  O   . HOH D 4 .   ? 0.082   -1.878  -8.866  1.00 44.47  ? 182 HOH A O   1 
HETATM 948 O  O   . HOH D 4 .   ? 8.409   5.308   -11.284 1.00 47.72  ? 183 HOH A O   1 
HETATM 949 O  O   . HOH D 4 .   ? 9.730   -10.710 0.030   1.00 49.03  ? 184 HOH A O   1 
HETATM 950 O  O   . HOH D 4 .   ? 10.418  -10.070 7.941   1.00 63.31  ? 185 HOH A O   1 
HETATM 951 O  O   . HOH D 4 .   ? 9.649   -12.533 2.452   1.00 59.74  ? 186 HOH A O   1 
HETATM 952 O  O   . HOH D 4 .   ? 10.878  -12.379 5.161   1.00 63.12  ? 187 HOH A O   1 
HETATM 953 O  O   . HOH D 4 .   ? -6.107  5.313   9.328   1.00 44.48  ? 188 HOH A O   1 
HETATM 954 O  O   . HOH D 4 .   ? -16.848 -4.208  -7.597  1.00 64.55  ? 189 HOH A O   1 
HETATM 955 O  O   . HOH D 4 .   ? -17.927 -4.904  -4.407  1.00 62.44  ? 190 HOH A O   1 
HETATM 956 O  O   . HOH D 4 .   ? -16.193 -1.780  -7.046  1.00 48.96  ? 191 HOH A O   1 
HETATM 957 O  O   . HOH D 4 .   ? 17.123  -0.040  -6.615  1.00 44.59  ? 192 HOH A O   1 
HETATM 958 O  O   . HOH D 4 .   ? -5.464  0.421   -10.092 1.00 55.56  ? 193 HOH A O   1 
HETATM 959 O  O   . HOH D 4 .   ? -4.578  7.406   9.242   1.00 51.07  ? 194 HOH A O   1 
HETATM 960 O  O   . HOH D 4 .   ? 5.983   9.816   17.777  1.00 43.82  ? 195 HOH A O   1 
HETATM 961 O  O   . HOH D 4 .   ? -16.097 -2.757  -2.162  1.00 52.25  ? 196 HOH A O   1 
HETATM 962 O  O   . HOH D 4 .   ? 5.280   -0.348  19.786  1.00 59.03  ? 197 HOH A O   1 
HETATM 963 O  O   . HOH D 4 .   ? 6.289   3.648   19.294  1.00 44.19  ? 198 HOH A O   1 
HETATM 964 O  O   . HOH D 4 .   ? -0.034  2.695   17.391  1.00 59.06  ? 199 HOH A O   1 
HETATM 965 O  O   . HOH D 4 .   ? -1.305  -3.617  13.277  1.00 41.72  ? 200 HOH A O   1 
HETATM 966 O  O   . HOH D 4 .   ? 14.868  0.974   10.228  1.00 64.10  ? 201 HOH A O   1 
HETATM 967 O  O   . HOH D 4 .   ? 12.101  5.437   6.709   0.50 36.92  ? 202 HOH A O   1 
HETATM 968 O  O   . HOH D 4 .   ? 9.852   1.825   -9.375  1.00 48.20  ? 203 HOH A O   1 
HETATM 969 O  O   . HOH D 4 .   ? 6.366   0.012   -8.746  1.00 52.94  ? 204 HOH A O   1 
HETATM 970 O  O   . HOH D 4 .   ? 10.435  -4.301  15.302  1.00 64.32  ? 205 HOH A O   1 
HETATM 971 O  O   . HOH D 4 .   ? 15.110  -6.059  13.967  1.00 56.99  ? 206 HOH A O   1 
HETATM 972 O  O   . HOH D 4 .   ? 15.616  3.457   10.271  0.50 38.90  ? 207 HOH A O   1 
# 
